data_1KDX
#
_entry.id   1KDX
#
_cell.length_a   1.000
_cell.length_b   1.000
_cell.length_c   1.000
_cell.angle_alpha   90.00
_cell.angle_beta   90.00
_cell.angle_gamma   90.00
#
_symmetry.space_group_name_H-M   'P 1'
#
loop_
_entity.id
_entity.type
_entity.pdbx_description
1 polymer CBP
2 polymer CREB
#
loop_
_entity_poly.entity_id
_entity_poly.type
_entity_poly.pdbx_seq_one_letter_code
_entity_poly.pdbx_strand_id
1 'polypeptide(L)'
;GVRKGWHEHVTQDLRSHLVHKLVQAIFPTPDPAALKDRRMENLVAYAKKVEGDMYESANSRDEYYHLLAEKIYKIQKELE
E
;
A
2 'polypeptide(L)' TDSQKRREILSRRP(SEP)YRKILNDLSSDAP B
#
# COMPACT_ATOMS: atom_id res chain seq x y z
N GLY A 1 11.63 17.39 -10.56
CA GLY A 1 12.51 17.51 -9.43
C GLY A 1 12.03 16.61 -8.29
N VAL A 2 12.80 16.55 -7.20
CA VAL A 2 12.53 15.74 -6.02
C VAL A 2 12.09 14.32 -6.40
N ARG A 3 11.19 13.72 -5.62
CA ARG A 3 10.64 12.41 -5.90
C ARG A 3 9.57 12.56 -6.98
N LYS A 4 10.02 12.84 -8.21
CA LYS A 4 9.19 13.00 -9.40
C LYS A 4 8.07 14.03 -9.22
N GLY A 5 8.36 15.15 -8.56
CA GLY A 5 7.44 16.27 -8.39
C GLY A 5 6.25 15.98 -7.45
N TRP A 6 5.48 14.93 -7.73
CA TRP A 6 4.27 14.54 -7.01
C TRP A 6 4.44 14.49 -5.48
N HIS A 7 5.68 14.35 -5.00
CA HIS A 7 6.04 14.32 -3.59
C HIS A 7 5.20 15.30 -2.75
N GLU A 8 5.08 16.55 -3.20
CA GLU A 8 4.38 17.58 -2.45
C GLU A 8 2.96 17.20 -2.05
N HIS A 9 2.31 16.32 -2.82
CA HIS A 9 0.94 15.88 -2.54
C HIS A 9 0.87 14.70 -1.57
N VAL A 10 2.01 14.18 -1.09
CA VAL A 10 2.05 13.07 -0.15
C VAL A 10 3.00 13.41 1.00
N THR A 11 2.41 13.96 2.06
CA THR A 11 3.11 14.36 3.26
C THR A 11 3.36 13.13 4.15
N GLN A 12 4.28 13.27 5.12
CA GLN A 12 4.62 12.20 6.04
C GLN A 12 3.37 11.62 6.73
N ASP A 13 2.36 12.45 7.01
CA ASP A 13 1.13 11.96 7.63
C ASP A 13 0.50 10.89 6.73
N LEU A 14 0.35 11.22 5.45
CA LEU A 14 -0.22 10.31 4.48
C LEU A 14 0.66 9.08 4.35
N ARG A 15 1.99 9.25 4.24
CA ARG A 15 2.91 8.12 4.19
C ARG A 15 2.66 7.17 5.38
N SER A 16 2.73 7.71 6.60
CA SER A 16 2.51 6.97 7.83
C SER A 16 1.18 6.23 7.77
N HIS A 17 0.10 6.92 7.37
CA HIS A 17 -1.20 6.28 7.25
C HIS A 17 -1.10 5.09 6.28
N LEU A 18 -0.55 5.30 5.09
CA LEU A 18 -0.41 4.24 4.10
C LEU A 18 0.38 3.06 4.65
N VAL A 19 1.49 3.32 5.36
CA VAL A 19 2.27 2.27 6.02
C VAL A 19 1.32 1.51 6.96
N HIS A 20 0.59 2.24 7.81
CA HIS A 20 -0.38 1.65 8.71
C HIS A 20 -1.38 0.77 7.95
N LYS A 21 -1.91 1.27 6.84
CA LYS A 21 -2.86 0.57 6.00
C LYS A 21 -2.24 -0.74 5.50
N LEU A 22 -1.01 -0.70 4.99
CA LEU A 22 -0.32 -1.91 4.55
C LEU A 22 -0.24 -2.89 5.72
N VAL A 23 0.31 -2.42 6.86
CA VAL A 23 0.45 -3.24 8.04
C VAL A 23 -0.87 -3.91 8.40
N GLN A 24 -1.94 -3.13 8.55
CA GLN A 24 -3.28 -3.61 8.88
C GLN A 24 -3.75 -4.64 7.86
N ALA A 25 -3.55 -4.38 6.57
CA ALA A 25 -3.97 -5.30 5.51
C ALA A 25 -3.22 -6.62 5.61
N ILE A 26 -1.93 -6.58 5.96
CA ILE A 26 -1.10 -7.77 6.12
C ILE A 26 -1.51 -8.52 7.40
N PHE A 27 -1.69 -7.78 8.49
CA PHE A 27 -1.98 -8.28 9.83
C PHE A 27 -2.83 -7.23 10.54
N PRO A 28 -4.12 -7.49 10.80
CA PRO A 28 -5.00 -6.50 11.42
C PRO A 28 -4.60 -6.20 12.87
N THR A 29 -3.85 -5.12 13.08
CA THR A 29 -3.41 -4.67 14.39
C THR A 29 -4.59 -4.60 15.37
N PRO A 30 -4.55 -5.34 16.49
CA PRO A 30 -5.62 -5.34 17.48
C PRO A 30 -5.59 -4.06 18.30
N ASP A 31 -4.39 -3.61 18.67
CA ASP A 31 -4.14 -2.41 19.46
C ASP A 31 -2.71 -1.97 19.14
N PRO A 32 -2.41 -0.66 19.05
CA PRO A 32 -1.08 -0.13 18.77
C PRO A 32 0.05 -0.84 19.52
N ALA A 33 -0.17 -1.23 20.78
CA ALA A 33 0.82 -1.95 21.59
C ALA A 33 1.43 -3.12 20.82
N ALA A 34 0.63 -3.81 19.99
CA ALA A 34 1.08 -4.93 19.19
C ALA A 34 2.32 -4.57 18.36
N LEU A 35 2.40 -3.33 17.87
CA LEU A 35 3.52 -2.84 17.07
C LEU A 35 4.86 -3.02 17.80
N LYS A 36 4.84 -3.08 19.15
CA LYS A 36 6.05 -3.24 19.95
C LYS A 36 6.62 -4.66 19.88
N ASP A 37 5.85 -5.65 19.41
CA ASP A 37 6.29 -7.04 19.27
C ASP A 37 7.16 -7.15 18.03
N ARG A 38 8.36 -7.73 18.13
CA ARG A 38 9.27 -7.95 17.01
C ARG A 38 8.54 -8.54 15.79
N ARG A 39 7.63 -9.49 16.03
CA ARG A 39 6.83 -10.09 14.96
C ARG A 39 6.15 -9.00 14.12
N MET A 40 5.50 -8.06 14.81
CA MET A 40 4.78 -6.97 14.21
C MET A 40 5.76 -5.94 13.65
N GLU A 41 6.78 -5.59 14.43
CA GLU A 41 7.84 -4.66 14.07
C GLU A 41 8.42 -5.02 12.70
N ASN A 42 8.64 -6.32 12.47
CA ASN A 42 9.14 -6.80 11.19
C ASN A 42 8.16 -6.45 10.07
N LEU A 43 6.85 -6.63 10.30
CA LEU A 43 5.83 -6.30 9.30
C LEU A 43 5.84 -4.79 9.06
N VAL A 44 5.95 -3.99 10.13
CA VAL A 44 6.03 -2.55 10.05
C VAL A 44 7.23 -2.14 9.19
N ALA A 45 8.41 -2.72 9.48
CA ALA A 45 9.61 -2.46 8.71
C ALA A 45 9.38 -2.81 7.23
N TYR A 46 8.89 -4.01 6.96
CA TYR A 46 8.59 -4.45 5.61
C TYR A 46 7.66 -3.46 4.91
N ALA A 47 6.56 -3.08 5.58
CA ALA A 47 5.59 -2.13 5.07
C ALA A 47 6.29 -0.81 4.71
N LYS A 48 7.14 -0.30 5.58
CA LYS A 48 7.89 0.92 5.29
C LYS A 48 8.77 0.73 4.05
N LYS A 49 9.53 -0.37 3.98
CA LYS A 49 10.36 -0.65 2.82
C LYS A 49 9.52 -0.66 1.54
N VAL A 50 8.39 -1.38 1.55
CA VAL A 50 7.48 -1.44 0.42
C VAL A 50 7.03 -0.02 0.06
N GLU A 51 6.42 0.69 1.01
CA GLU A 51 5.90 2.02 0.81
C GLU A 51 6.97 2.92 0.17
N GLY A 52 8.17 2.94 0.77
CA GLY A 52 9.29 3.70 0.26
C GLY A 52 9.64 3.28 -1.17
N ASP A 53 9.80 1.98 -1.41
CA ASP A 53 10.13 1.44 -2.72
C ASP A 53 9.11 1.91 -3.76
N MET A 54 7.82 1.76 -3.47
CA MET A 54 6.75 2.18 -4.36
C MET A 54 6.89 3.68 -4.64
N TYR A 55 7.04 4.48 -3.58
CA TYR A 55 7.23 5.92 -3.70
C TYR A 55 8.39 6.21 -4.67
N GLU A 56 9.53 5.55 -4.46
CA GLU A 56 10.73 5.74 -5.27
C GLU A 56 10.71 5.00 -6.61
N SER A 57 9.52 4.65 -7.09
CA SER A 57 9.33 3.97 -8.36
C SER A 57 8.23 4.67 -9.15
N ALA A 58 7.09 4.92 -8.49
CA ALA A 58 5.94 5.54 -9.10
C ALA A 58 6.22 6.97 -9.56
N ASN A 59 5.83 7.30 -10.80
CA ASN A 59 5.97 8.64 -11.36
C ASN A 59 4.72 9.49 -11.12
N SER A 60 3.81 9.05 -10.25
CA SER A 60 2.58 9.76 -9.93
C SER A 60 1.97 9.14 -8.68
N ARG A 61 1.22 9.95 -7.93
CA ARG A 61 0.48 9.49 -6.78
C ARG A 61 -0.53 8.43 -7.23
N ASP A 62 -1.06 8.56 -8.46
CA ASP A 62 -2.03 7.60 -9.01
C ASP A 62 -1.39 6.22 -9.09
N GLU A 63 -0.22 6.16 -9.75
CA GLU A 63 0.54 4.93 -9.92
C GLU A 63 0.89 4.37 -8.55
N TYR A 64 1.40 5.22 -7.66
CA TYR A 64 1.72 4.85 -6.29
C TYR A 64 0.49 4.17 -5.65
N TYR A 65 -0.67 4.81 -5.72
CA TYR A 65 -1.93 4.26 -5.21
C TYR A 65 -2.21 2.88 -5.82
N HIS A 66 -2.16 2.79 -7.16
CA HIS A 66 -2.38 1.53 -7.85
C HIS A 66 -1.50 0.46 -7.23
N LEU A 67 -0.19 0.69 -7.22
CA LEU A 67 0.78 -0.27 -6.72
C LEU A 67 0.52 -0.64 -5.26
N LEU A 68 0.21 0.32 -4.39
CA LEU A 68 -0.08 0.01 -2.99
C LEU A 68 -1.31 -0.88 -2.85
N ALA A 69 -2.44 -0.47 -3.43
CA ALA A 69 -3.66 -1.26 -3.34
C ALA A 69 -3.47 -2.63 -4.01
N GLU A 70 -2.75 -2.65 -5.14
CA GLU A 70 -2.38 -3.88 -5.84
C GLU A 70 -1.61 -4.77 -4.88
N LYS A 71 -0.59 -4.24 -4.20
CA LYS A 71 0.21 -4.97 -3.23
C LYS A 71 -0.71 -5.64 -2.21
N ILE A 72 -1.61 -4.84 -1.59
CA ILE A 72 -2.58 -5.34 -0.63
C ILE A 72 -3.34 -6.53 -1.25
N TYR A 73 -3.89 -6.32 -2.44
CA TYR A 73 -4.63 -7.35 -3.15
C TYR A 73 -3.79 -8.63 -3.24
N LYS A 74 -2.60 -8.54 -3.84
CA LYS A 74 -1.70 -9.67 -4.02
C LYS A 74 -1.48 -10.39 -2.70
N ILE A 75 -1.09 -9.65 -1.66
CA ILE A 75 -0.78 -10.26 -0.39
C ILE A 75 -1.91 -11.15 0.15
N GLN A 76 -3.16 -10.87 -0.20
CA GLN A 76 -4.28 -11.67 0.26
C GLN A 76 -4.72 -12.64 -0.83
N LYS A 77 -5.18 -12.10 -1.97
CA LYS A 77 -5.71 -12.88 -3.06
C LYS A 77 -4.67 -13.78 -3.74
N GLU A 78 -3.43 -13.31 -3.93
CA GLU A 78 -2.41 -14.10 -4.59
C GLU A 78 -1.75 -15.06 -3.59
N LEU A 79 -1.24 -14.47 -2.52
CA LEU A 79 -0.42 -15.14 -1.53
C LEU A 79 -1.15 -16.23 -0.76
N GLU A 80 -2.08 -15.87 0.14
CA GLU A 80 -2.76 -16.86 0.97
C GLU A 80 -3.88 -17.55 0.21
N GLU A 81 -4.76 -16.78 -0.42
CA GLU A 81 -5.91 -17.35 -1.10
C GLU A 81 -5.50 -18.00 -2.42
N THR B 1 4.11 -2.55 -18.60
CA THR B 1 3.80 -3.88 -19.13
C THR B 1 3.25 -4.75 -17.99
N ASP B 2 4.07 -4.98 -16.96
CA ASP B 2 3.65 -5.74 -15.79
C ASP B 2 2.50 -4.97 -15.10
N SER B 3 2.62 -3.65 -15.10
CA SER B 3 1.61 -2.71 -14.64
C SER B 3 0.29 -3.03 -15.34
N GLN B 4 0.30 -2.93 -16.67
CA GLN B 4 -0.83 -3.21 -17.54
C GLN B 4 -1.41 -4.58 -17.22
N LYS B 5 -0.57 -5.63 -17.19
CA LYS B 5 -1.04 -6.99 -16.90
C LYS B 5 -1.78 -7.05 -15.57
N ARG B 6 -1.10 -6.67 -14.48
CA ARG B 6 -1.68 -6.68 -13.14
C ARG B 6 -2.98 -5.89 -13.12
N ARG B 7 -2.96 -4.63 -13.56
CA ARG B 7 -4.15 -3.80 -13.58
C ARG B 7 -5.27 -4.46 -14.39
N GLU B 8 -5.00 -4.84 -15.64
CA GLU B 8 -5.96 -5.47 -16.54
C GLU B 8 -6.61 -6.71 -15.92
N ILE B 9 -5.80 -7.60 -15.35
CA ILE B 9 -6.31 -8.83 -14.74
C ILE B 9 -7.09 -8.49 -13.48
N LEU B 10 -6.50 -7.73 -12.56
CA LEU B 10 -7.14 -7.40 -11.29
C LEU B 10 -8.41 -6.58 -11.50
N SER B 11 -8.49 -5.78 -12.57
CA SER B 11 -9.73 -5.06 -12.91
C SER B 11 -10.87 -6.05 -13.19
N ARG B 12 -10.56 -7.32 -13.47
CA ARG B 12 -11.53 -8.37 -13.70
C ARG B 12 -11.94 -9.05 -12.38
N ARG B 13 -11.40 -8.56 -11.26
CA ARG B 13 -11.61 -9.07 -9.90
C ARG B 13 -11.84 -7.83 -9.02
N PRO B 14 -13.07 -7.31 -9.01
CA PRO B 14 -13.41 -6.05 -8.35
C PRO B 14 -13.06 -5.91 -6.87
N SEP B 15 -12.67 -6.97 -6.15
CA SEP B 15 -12.18 -6.81 -4.79
CB SEP B 15 -11.88 -8.16 -4.11
OG SEP B 15 -11.06 -9.01 -4.90
C SEP B 15 -10.99 -5.83 -4.80
O SEP B 15 -10.83 -5.03 -3.89
P SEP B 15 -11.67 -10.30 -5.67
O1P SEP B 15 -10.45 -11.00 -6.16
O2P SEP B 15 -12.49 -9.66 -6.72
O3P SEP B 15 -12.42 -11.02 -4.61
H SEP B 15 -12.60 -7.90 -6.58
HA SEP B 15 -12.97 -6.33 -4.20
HB2 SEP B 15 -11.36 -7.95 -3.18
HB3 SEP B 15 -12.82 -8.64 -3.86
N TYR B 16 -10.19 -5.85 -5.89
CA TYR B 16 -9.12 -4.88 -6.11
C TYR B 16 -9.70 -3.46 -6.09
N ARG B 17 -10.77 -3.22 -6.85
CA ARG B 17 -11.42 -1.91 -6.86
C ARG B 17 -11.91 -1.54 -5.46
N LYS B 18 -12.51 -2.50 -4.74
CA LYS B 18 -12.97 -2.23 -3.39
C LYS B 18 -11.77 -1.80 -2.53
N ILE B 19 -10.63 -2.49 -2.67
CA ILE B 19 -9.42 -2.10 -1.95
C ILE B 19 -8.99 -0.69 -2.37
N LEU B 20 -8.97 -0.36 -3.68
CA LEU B 20 -8.63 0.99 -4.14
C LEU B 20 -9.52 2.00 -3.42
N ASN B 21 -10.85 1.82 -3.54
CA ASN B 21 -11.82 2.70 -2.92
C ASN B 21 -11.55 2.82 -1.43
N ASP B 22 -11.36 1.70 -0.73
CA ASP B 22 -11.09 1.71 0.70
C ASP B 22 -9.81 2.51 0.99
N LEU B 23 -8.75 2.30 0.21
CA LEU B 23 -7.50 3.01 0.37
C LEU B 23 -7.73 4.52 0.22
N SER B 24 -8.52 4.92 -0.77
CA SER B 24 -8.83 6.33 -1.01
C SER B 24 -9.65 6.90 0.15
N SER B 25 -10.68 6.16 0.59
CA SER B 25 -11.55 6.60 1.67
C SER B 25 -10.82 6.68 3.00
N ASP B 26 -9.92 5.72 3.26
CA ASP B 26 -9.22 5.59 4.53
C ASP B 26 -8.04 6.55 4.62
N ALA B 27 -7.14 6.49 3.63
CA ALA B 27 -5.94 7.31 3.63
C ALA B 27 -6.24 8.70 3.05
N PRO B 28 -5.98 9.79 3.79
CA PRO B 28 -6.20 11.16 3.33
C PRO B 28 -5.75 11.38 1.87
N GLY A 1 15.10 18.54 -6.09
CA GLY A 1 15.28 17.18 -5.61
C GLY A 1 14.01 16.68 -4.90
N VAL A 2 12.84 17.00 -5.47
CA VAL A 2 11.57 16.58 -4.92
C VAL A 2 11.39 15.07 -5.05
N ARG A 3 10.43 14.54 -4.29
CA ARG A 3 10.00 13.17 -4.35
C ARG A 3 9.10 13.04 -5.59
N LYS A 4 9.67 13.32 -6.78
CA LYS A 4 8.98 13.43 -8.05
C LYS A 4 7.94 14.57 -8.01
N GLY A 5 7.45 14.96 -9.18
CA GLY A 5 6.49 16.05 -9.31
C GLY A 5 5.29 15.86 -8.37
N TRP A 6 4.85 14.62 -8.19
CA TRP A 6 3.72 14.30 -7.35
C TRP A 6 3.93 14.54 -5.85
N HIS A 7 5.16 14.89 -5.40
CA HIS A 7 5.45 15.21 -4.01
C HIS A 7 4.34 16.03 -3.34
N GLU A 8 3.93 17.12 -4.01
CA GLU A 8 2.92 18.05 -3.52
C GLU A 8 1.63 17.37 -3.06
N HIS A 9 1.29 16.21 -3.60
CA HIS A 9 0.07 15.49 -3.24
C HIS A 9 0.32 14.43 -2.17
N VAL A 10 1.44 14.48 -1.46
CA VAL A 10 1.77 13.54 -0.40
C VAL A 10 2.32 14.30 0.82
N THR A 11 2.14 13.72 2.01
CA THR A 11 2.57 14.25 3.28
C THR A 11 3.13 13.10 4.11
N GLN A 12 3.97 13.40 5.10
CA GLN A 12 4.50 12.40 6.02
C GLN A 12 3.35 11.63 6.64
N ASP A 13 2.27 12.34 7.01
CA ASP A 13 1.09 11.76 7.60
C ASP A 13 0.52 10.71 6.65
N LEU A 14 0.29 11.08 5.40
CA LEU A 14 -0.23 10.16 4.40
C LEU A 14 0.69 8.94 4.26
N ARG A 15 2.00 9.16 4.09
CA ARG A 15 2.94 8.05 3.95
C ARG A 15 2.82 7.10 5.15
N SER A 16 2.86 7.66 6.36
CA SER A 16 2.74 6.90 7.60
C SER A 16 1.42 6.11 7.62
N HIS A 17 0.33 6.78 7.25
CA HIS A 17 -0.98 6.15 7.19
C HIS A 17 -0.93 4.96 6.25
N LEU A 18 -0.42 5.15 5.02
CA LEU A 18 -0.33 4.08 4.03
C LEU A 18 0.50 2.92 4.58
N VAL A 19 1.65 3.21 5.21
CA VAL A 19 2.45 2.16 5.86
C VAL A 19 1.55 1.39 6.82
N HIS A 20 0.85 2.09 7.71
CA HIS A 20 -0.05 1.43 8.65
C HIS A 20 -1.11 0.61 7.92
N LYS A 21 -1.68 1.14 6.84
CA LYS A 21 -2.70 0.47 6.04
C LYS A 21 -2.14 -0.86 5.50
N LEU A 22 -0.91 -0.83 4.95
CA LEU A 22 -0.27 -2.06 4.49
C LEU A 22 -0.20 -3.03 5.68
N VAL A 23 0.29 -2.56 6.83
CA VAL A 23 0.37 -3.39 8.03
C VAL A 23 -0.99 -4.01 8.34
N GLN A 24 -2.06 -3.21 8.40
CA GLN A 24 -3.41 -3.70 8.65
C GLN A 24 -3.75 -4.84 7.68
N ALA A 25 -3.52 -4.63 6.39
CA ALA A 25 -3.84 -5.63 5.38
C ALA A 25 -3.04 -6.91 5.60
N ILE A 26 -1.73 -6.78 5.86
CA ILE A 26 -0.87 -7.93 6.09
C ILE A 26 -1.29 -8.67 7.36
N PHE A 27 -1.63 -7.92 8.41
CA PHE A 27 -1.97 -8.43 9.74
C PHE A 27 -2.90 -7.39 10.41
N PRO A 28 -4.20 -7.68 10.57
CA PRO A 28 -5.12 -6.73 11.18
C PRO A 28 -4.73 -6.48 12.64
N THR A 29 -4.09 -5.34 12.89
CA THR A 29 -3.61 -4.95 14.20
C THR A 29 -4.78 -4.94 15.21
N PRO A 30 -4.74 -5.76 16.27
CA PRO A 30 -5.80 -5.86 17.25
C PRO A 30 -5.85 -4.64 18.17
N ASP A 31 -4.67 -4.16 18.58
CA ASP A 31 -4.50 -3.03 19.48
C ASP A 31 -3.09 -2.47 19.24
N PRO A 32 -2.88 -1.15 19.29
CA PRO A 32 -1.58 -0.51 19.10
C PRO A 32 -0.42 -1.21 19.82
N ALA A 33 -0.65 -1.74 21.03
CA ALA A 33 0.37 -2.46 21.79
C ALA A 33 1.04 -3.56 20.95
N ALA A 34 0.27 -4.21 20.05
CA ALA A 34 0.78 -5.24 19.17
C ALA A 34 2.02 -4.75 18.39
N LEU A 35 2.07 -3.46 18.04
CA LEU A 35 3.20 -2.86 17.33
C LEU A 35 4.52 -3.10 18.05
N LYS A 36 4.49 -3.27 19.39
CA LYS A 36 5.69 -3.50 20.18
C LYS A 36 6.25 -4.92 19.97
N ASP A 37 5.44 -5.85 19.43
CA ASP A 37 5.90 -7.20 19.16
C ASP A 37 6.88 -7.17 17.99
N ARG A 38 8.05 -7.78 18.15
CA ARG A 38 9.11 -7.78 17.15
C ARG A 38 8.63 -8.31 15.80
N ARG A 39 7.71 -9.27 15.77
CA ARG A 39 7.19 -9.76 14.49
C ARG A 39 6.37 -8.65 13.84
N MET A 40 5.48 -8.00 14.59
CA MET A 40 4.73 -6.87 14.06
C MET A 40 5.70 -5.79 13.60
N GLU A 41 6.73 -5.51 14.39
CA GLU A 41 7.79 -4.56 14.06
C GLU A 41 8.40 -4.94 12.71
N ASN A 42 8.64 -6.23 12.49
CA ASN A 42 9.16 -6.73 11.21
C ASN A 42 8.14 -6.44 10.10
N LEU A 43 6.84 -6.60 10.36
CA LEU A 43 5.81 -6.30 9.38
C LEU A 43 5.82 -4.81 9.06
N VAL A 44 5.96 -3.96 10.08
CA VAL A 44 6.06 -2.51 9.94
C VAL A 44 7.27 -2.19 9.07
N ALA A 45 8.43 -2.79 9.36
CA ALA A 45 9.64 -2.59 8.57
C ALA A 45 9.39 -2.98 7.11
N TYR A 46 8.80 -4.16 6.88
CA TYR A 46 8.46 -4.63 5.54
C TYR A 46 7.56 -3.60 4.84
N ALA A 47 6.49 -3.17 5.52
CA ALA A 47 5.55 -2.19 5.00
C ALA A 47 6.28 -0.91 4.61
N LYS A 48 7.19 -0.40 5.46
CA LYS A 48 7.96 0.78 5.15
C LYS A 48 8.80 0.55 3.89
N LYS A 49 9.54 -0.56 3.81
CA LYS A 49 10.34 -0.86 2.63
C LYS A 49 9.46 -0.90 1.38
N VAL A 50 8.33 -1.60 1.44
CA VAL A 50 7.39 -1.67 0.33
C VAL A 50 6.95 -0.27 -0.06
N GLU A 51 6.40 0.50 0.88
CA GLU A 51 5.92 1.85 0.63
C GLU A 51 7.02 2.70 0.00
N GLY A 52 8.24 2.58 0.52
CA GLY A 52 9.42 3.27 -0.01
C GLY A 52 9.60 2.89 -1.49
N ASP A 53 9.72 1.60 -1.78
CA ASP A 53 9.89 1.10 -3.13
C ASP A 53 8.79 1.63 -4.06
N MET A 54 7.54 1.50 -3.62
CA MET A 54 6.39 1.98 -4.39
C MET A 54 6.56 3.46 -4.71
N TYR A 55 6.84 4.28 -3.69
CA TYR A 55 7.04 5.70 -3.90
C TYR A 55 8.16 5.93 -4.92
N GLU A 56 9.34 5.36 -4.65
CA GLU A 56 10.53 5.51 -5.48
C GLU A 56 10.25 5.21 -6.95
N SER A 57 9.56 4.10 -7.17
CA SER A 57 9.24 3.59 -8.49
C SER A 57 8.13 4.38 -9.18
N ALA A 58 7.06 4.70 -8.44
CA ALA A 58 5.89 5.36 -8.98
C ALA A 58 6.15 6.78 -9.50
N ASN A 59 5.81 7.01 -10.77
CA ASN A 59 5.93 8.31 -11.42
C ASN A 59 4.78 9.25 -11.04
N SER A 60 3.74 8.74 -10.37
CA SER A 60 2.59 9.52 -9.94
C SER A 60 1.97 8.82 -8.73
N ARG A 61 1.15 9.58 -8.00
CA ARG A 61 0.37 9.06 -6.89
C ARG A 61 -0.53 7.94 -7.40
N ASP A 62 -0.96 8.02 -8.67
CA ASP A 62 -1.80 7.01 -9.31
C ASP A 62 -1.15 5.62 -9.18
N GLU A 63 0.01 5.45 -9.83
CA GLU A 63 0.77 4.21 -9.79
C GLU A 63 0.94 3.74 -8.35
N TYR A 64 1.49 4.60 -7.50
CA TYR A 64 1.71 4.31 -6.09
C TYR A 64 0.45 3.72 -5.45
N TYR A 65 -0.65 4.45 -5.48
CA TYR A 65 -1.94 4.02 -4.95
C TYR A 65 -2.36 2.67 -5.50
N HIS A 66 -2.39 2.53 -6.83
CA HIS A 66 -2.78 1.28 -7.47
C HIS A 66 -1.92 0.13 -6.95
N LEU A 67 -0.61 0.30 -6.97
CA LEU A 67 0.35 -0.72 -6.57
C LEU A 67 0.24 -1.05 -5.08
N LEU A 68 0.01 -0.06 -4.22
CA LEU A 68 -0.19 -0.31 -2.79
C LEU A 68 -1.43 -1.18 -2.61
N ALA A 69 -2.56 -0.73 -3.16
CA ALA A 69 -3.81 -1.48 -3.09
C ALA A 69 -3.66 -2.85 -3.74
N GLU A 70 -2.87 -2.94 -4.81
CA GLU A 70 -2.58 -4.20 -5.48
C GLU A 70 -1.91 -5.13 -4.49
N LYS A 71 -0.84 -4.70 -3.82
CA LYS A 71 -0.23 -5.55 -2.81
C LYS A 71 -1.27 -5.95 -1.76
N ILE A 72 -2.10 -5.01 -1.29
CA ILE A 72 -3.17 -5.36 -0.35
C ILE A 72 -4.02 -6.52 -0.92
N TYR A 73 -4.39 -6.45 -2.20
CA TYR A 73 -5.13 -7.52 -2.86
C TYR A 73 -4.32 -8.81 -2.86
N LYS A 74 -3.18 -8.83 -3.57
CA LYS A 74 -2.33 -10.00 -3.74
C LYS A 74 -2.01 -10.69 -2.43
N ILE A 75 -1.58 -9.92 -1.44
CA ILE A 75 -1.16 -10.47 -0.16
C ILE A 75 -2.33 -11.12 0.61
N GLN A 76 -3.57 -11.03 0.11
CA GLN A 76 -4.71 -11.68 0.73
C GLN A 76 -5.27 -12.73 -0.23
N LYS A 77 -5.54 -12.33 -1.47
CA LYS A 77 -6.13 -13.17 -2.50
C LYS A 77 -5.12 -14.17 -3.04
N GLU A 78 -3.97 -13.73 -3.53
CA GLU A 78 -2.97 -14.63 -4.10
C GLU A 78 -2.37 -15.48 -3.00
N LEU A 79 -2.08 -14.81 -1.89
CA LEU A 79 -1.50 -15.42 -0.71
C LEU A 79 -2.52 -16.20 0.13
N GLU A 80 -3.74 -16.40 -0.38
CA GLU A 80 -4.82 -17.17 0.22
C GLU A 80 -5.49 -16.48 1.42
N GLU A 81 -4.70 -15.89 2.30
CA GLU A 81 -5.19 -15.18 3.48
C GLU A 81 -6.38 -14.29 3.09
N THR B 1 4.53 -4.71 -21.42
CA THR B 1 3.14 -4.50 -21.02
C THR B 1 2.92 -4.86 -19.55
N ASP B 2 3.72 -5.80 -19.03
CA ASP B 2 3.74 -6.32 -17.67
C ASP B 2 3.27 -5.30 -16.62
N SER B 3 3.97 -4.16 -16.55
CA SER B 3 3.72 -3.06 -15.65
C SER B 3 2.26 -2.62 -15.63
N GLN B 4 1.61 -2.63 -16.80
CA GLN B 4 0.22 -2.26 -16.96
C GLN B 4 -0.67 -3.47 -16.72
N LYS B 5 -0.27 -4.63 -17.23
CA LYS B 5 -1.02 -5.88 -17.11
C LYS B 5 -1.50 -6.11 -15.68
N ARG B 6 -0.60 -6.04 -14.69
CA ARG B 6 -0.97 -6.24 -13.30
C ARG B 6 -2.17 -5.39 -12.86
N ARG B 7 -2.06 -4.06 -12.90
CA ARG B 7 -3.18 -3.24 -12.48
C ARG B 7 -4.38 -3.40 -13.40
N GLU B 8 -4.16 -3.53 -14.71
CA GLU B 8 -5.23 -3.73 -15.68
C GLU B 8 -6.07 -4.95 -15.32
N ILE B 9 -5.46 -6.14 -15.36
CA ILE B 9 -6.16 -7.39 -15.12
C ILE B 9 -6.73 -7.43 -13.70
N LEU B 10 -5.94 -7.04 -12.68
CA LEU B 10 -6.43 -7.08 -11.31
C LEU B 10 -7.52 -6.03 -11.07
N SER B 11 -7.51 -4.91 -11.79
CA SER B 11 -8.60 -3.93 -11.70
C SER B 11 -9.83 -4.51 -12.41
N ARG B 12 -9.63 -5.24 -13.52
CA ARG B 12 -10.70 -5.90 -14.25
C ARG B 12 -11.07 -7.19 -13.50
N ARG B 13 -11.44 -7.03 -12.23
CA ARG B 13 -11.76 -8.07 -11.26
C ARG B 13 -12.18 -7.23 -10.05
N PRO B 14 -13.28 -7.55 -9.35
CA PRO B 14 -13.70 -6.75 -8.23
C PRO B 14 -12.77 -7.00 -7.03
N SEP B 15 -13.17 -6.56 -5.84
CA SEP B 15 -12.37 -6.67 -4.61
CB SEP B 15 -11.89 -8.11 -4.35
OG SEP B 15 -12.75 -9.09 -4.93
C SEP B 15 -11.23 -5.64 -4.66
O SEP B 15 -11.18 -4.76 -3.82
P SEP B 15 -12.23 -10.60 -5.18
O1P SEP B 15 -13.46 -11.31 -5.59
O2P SEP B 15 -11.71 -10.98 -3.85
O3P SEP B 15 -11.20 -10.47 -6.23
H SEP B 15 -14.06 -6.10 -5.77
HA SEP B 15 -13.04 -6.40 -3.80
HB2 SEP B 15 -10.89 -8.23 -4.77
HB3 SEP B 15 -11.81 -8.29 -3.28
N TYR B 16 -10.35 -5.72 -5.67
CA TYR B 16 -9.28 -4.76 -5.93
C TYR B 16 -9.89 -3.36 -5.97
N ARG B 17 -10.96 -3.20 -6.76
CA ARG B 17 -11.70 -1.96 -6.89
C ARG B 17 -12.13 -1.44 -5.50
N LYS B 18 -12.71 -2.33 -4.69
CA LYS B 18 -13.14 -1.99 -3.35
C LYS B 18 -11.94 -1.53 -2.54
N ILE B 19 -10.82 -2.25 -2.63
CA ILE B 19 -9.60 -1.88 -1.94
C ILE B 19 -9.14 -0.51 -2.42
N LEU B 20 -9.19 -0.19 -3.72
CA LEU B 20 -8.82 1.14 -4.22
C LEU B 20 -9.65 2.18 -3.45
N ASN B 21 -10.98 2.05 -3.56
CA ASN B 21 -11.93 2.94 -2.92
C ASN B 21 -11.59 3.12 -1.45
N ASP B 22 -11.54 2.00 -0.71
CA ASP B 22 -11.29 1.97 0.71
C ASP B 22 -9.96 2.64 1.05
N LEU B 23 -8.91 2.35 0.28
CA LEU B 23 -7.59 2.93 0.48
C LEU B 23 -7.70 4.46 0.39
N SER B 24 -8.32 4.98 -0.67
CA SER B 24 -8.51 6.43 -0.82
C SER B 24 -9.44 6.99 0.26
N SER B 25 -10.41 6.21 0.72
CA SER B 25 -11.33 6.66 1.76
C SER B 25 -10.61 6.80 3.10
N ASP B 26 -9.76 5.83 3.42
CA ASP B 26 -9.04 5.77 4.69
C ASP B 26 -7.84 6.71 4.70
N ALA B 27 -6.98 6.55 3.69
CA ALA B 27 -5.76 7.34 3.55
C ALA B 27 -6.09 8.69 2.92
N PRO B 28 -5.76 9.82 3.58
CA PRO B 28 -6.03 11.17 3.10
C PRO B 28 -5.88 11.33 1.58
N GLY A 1 13.02 15.32 -11.11
CA GLY A 1 11.80 15.83 -10.51
C GLY A 1 11.41 14.99 -9.29
N VAL A 2 12.40 14.71 -8.44
CA VAL A 2 12.27 13.91 -7.21
C VAL A 2 11.44 12.65 -7.49
N ARG A 3 10.51 12.29 -6.60
CA ARG A 3 9.60 11.18 -6.80
C ARG A 3 8.49 11.64 -7.76
N LYS A 4 8.91 11.83 -9.02
CA LYS A 4 8.12 12.23 -10.18
C LYS A 4 7.07 13.31 -9.91
N GLY A 5 7.45 14.40 -9.25
CA GLY A 5 6.59 15.57 -9.01
C GLY A 5 5.46 15.33 -8.00
N TRP A 6 4.70 14.24 -8.12
CA TRP A 6 3.59 13.93 -7.23
C TRP A 6 3.96 13.92 -5.74
N HIS A 7 5.26 13.73 -5.45
CA HIS A 7 5.82 13.67 -4.10
C HIS A 7 5.17 14.65 -3.12
N GLU A 8 5.17 15.93 -3.45
CA GLU A 8 4.65 16.98 -2.58
C GLU A 8 3.19 16.77 -2.17
N HIS A 9 2.39 16.08 -2.98
CA HIS A 9 0.99 15.84 -2.65
C HIS A 9 0.88 14.79 -1.55
N VAL A 10 1.62 13.69 -1.69
CA VAL A 10 1.60 12.60 -0.72
C VAL A 10 2.61 12.90 0.38
N THR A 11 2.20 13.79 1.29
CA THR A 11 2.97 14.25 2.42
C THR A 11 3.26 13.11 3.41
N GLN A 12 4.26 13.31 4.29
CA GLN A 12 4.66 12.33 5.29
C GLN A 12 3.45 11.79 6.08
N ASP A 13 2.49 12.65 6.41
CA ASP A 13 1.32 12.26 7.16
C ASP A 13 0.53 11.22 6.36
N LEU A 14 0.29 11.53 5.09
CA LEU A 14 -0.41 10.66 4.18
C LEU A 14 0.36 9.34 4.06
N ARG A 15 1.68 9.43 3.86
CA ARG A 15 2.53 8.25 3.80
C ARG A 15 2.32 7.37 5.03
N SER A 16 2.37 8.00 6.22
CA SER A 16 2.17 7.31 7.48
C SER A 16 0.82 6.56 7.48
N HIS A 17 -0.26 7.24 7.08
CA HIS A 17 -1.57 6.59 7.01
C HIS A 17 -1.49 5.38 6.07
N LEU A 18 -0.87 5.55 4.89
CA LEU A 18 -0.75 4.45 3.93
C LEU A 18 0.02 3.28 4.54
N VAL A 19 1.16 3.55 5.20
CA VAL A 19 1.92 2.50 5.89
C VAL A 19 0.98 1.80 6.87
N HIS A 20 0.26 2.58 7.68
CA HIS A 20 -0.67 2.00 8.64
C HIS A 20 -1.66 1.08 7.93
N LYS A 21 -2.22 1.55 6.81
CA LYS A 21 -3.17 0.80 6.01
C LYS A 21 -2.54 -0.53 5.55
N LEU A 22 -1.32 -0.48 5.02
CA LEU A 22 -0.60 -1.69 4.60
C LEU A 22 -0.50 -2.65 5.79
N VAL A 23 0.02 -2.14 6.90
CA VAL A 23 0.20 -2.91 8.13
C VAL A 23 -1.11 -3.57 8.55
N GLN A 24 -2.19 -2.79 8.69
CA GLN A 24 -3.50 -3.32 9.06
C GLN A 24 -3.95 -4.40 8.09
N ALA A 25 -3.81 -4.15 6.78
CA ALA A 25 -4.22 -5.12 5.77
C ALA A 25 -3.45 -6.43 5.90
N ILE A 26 -2.13 -6.35 6.15
CA ILE A 26 -1.28 -7.52 6.30
C ILE A 26 -1.59 -8.23 7.63
N PHE A 27 -1.79 -7.47 8.70
CA PHE A 27 -2.01 -7.96 10.05
C PHE A 27 -2.88 -6.96 10.80
N PRO A 28 -4.19 -7.21 10.97
CA PRO A 28 -5.06 -6.29 11.67
C PRO A 28 -4.63 -6.22 13.14
N THR A 29 -4.45 -5.01 13.69
CA THR A 29 -3.98 -4.83 15.05
C THR A 29 -5.03 -5.31 16.07
N PRO A 30 -4.77 -6.37 16.85
CA PRO A 30 -5.71 -6.81 17.87
C PRO A 30 -5.69 -5.82 19.04
N ASP A 31 -4.49 -5.34 19.39
CA ASP A 31 -4.22 -4.39 20.45
C ASP A 31 -2.84 -3.79 20.15
N PRO A 32 -2.59 -2.50 20.41
CA PRO A 32 -1.30 -1.86 20.18
C PRO A 32 -0.09 -2.67 20.65
N ALA A 33 -0.21 -3.39 21.77
CA ALA A 33 0.85 -4.24 22.30
C ALA A 33 1.43 -5.16 21.22
N ALA A 34 0.62 -5.59 20.26
CA ALA A 34 1.07 -6.42 19.14
C ALA A 34 2.31 -5.84 18.47
N LEU A 35 2.42 -4.51 18.38
CA LEU A 35 3.56 -3.83 17.78
C LEU A 35 4.90 -4.27 18.41
N LYS A 36 4.87 -4.69 19.68
CA LYS A 36 6.06 -5.15 20.39
C LYS A 36 6.57 -6.49 19.85
N ASP A 37 5.69 -7.29 19.21
CA ASP A 37 6.08 -8.57 18.65
C ASP A 37 7.06 -8.34 17.49
N ARG A 38 8.21 -9.00 17.51
CA ARG A 38 9.19 -8.92 16.44
C ARG A 38 8.56 -9.20 15.07
N ARG A 39 7.55 -10.08 15.01
CA ARG A 39 6.83 -10.36 13.78
C ARG A 39 6.16 -9.07 13.26
N MET A 40 5.44 -8.39 14.15
CA MET A 40 4.74 -7.17 13.84
C MET A 40 5.76 -6.09 13.45
N GLU A 41 6.81 -5.95 14.26
CA GLU A 41 7.90 -5.02 13.99
C GLU A 41 8.46 -5.25 12.58
N ASN A 42 8.74 -6.51 12.26
CA ASN A 42 9.26 -6.91 10.96
C ASN A 42 8.28 -6.53 9.85
N LEU A 43 6.98 -6.82 10.00
CA LEU A 43 6.04 -6.51 8.94
C LEU A 43 5.85 -4.99 8.80
N VAL A 44 5.91 -4.25 9.90
CA VAL A 44 5.87 -2.79 9.89
C VAL A 44 7.09 -2.28 9.09
N ALA A 45 8.29 -2.77 9.42
CA ALA A 45 9.49 -2.41 8.71
C ALA A 45 9.35 -2.73 7.21
N TYR A 46 8.91 -3.95 6.89
CA TYR A 46 8.69 -4.39 5.53
C TYR A 46 7.73 -3.44 4.81
N ALA A 47 6.59 -3.13 5.44
CA ALA A 47 5.60 -2.21 4.88
C ALA A 47 6.25 -0.87 4.55
N LYS A 48 7.03 -0.30 5.47
CA LYS A 48 7.72 0.96 5.23
C LYS A 48 8.67 0.83 4.04
N LYS A 49 9.53 -0.20 4.03
CA LYS A 49 10.48 -0.40 2.94
C LYS A 49 9.75 -0.50 1.61
N VAL A 50 8.75 -1.38 1.52
CA VAL A 50 7.93 -1.55 0.32
C VAL A 50 7.35 -0.20 -0.08
N GLU A 51 6.68 0.50 0.84
CA GLU A 51 6.09 1.79 0.57
C GLU A 51 7.14 2.72 -0.06
N GLY A 52 8.33 2.80 0.56
CA GLY A 52 9.44 3.59 0.07
C GLY A 52 9.79 3.21 -1.37
N ASP A 53 10.00 1.91 -1.62
CA ASP A 53 10.34 1.39 -2.94
C ASP A 53 9.29 1.78 -3.97
N MET A 54 8.02 1.51 -3.67
CA MET A 54 6.90 1.82 -4.55
C MET A 54 6.88 3.31 -4.87
N TYR A 55 7.01 4.14 -3.83
CA TYR A 55 7.04 5.59 -3.96
C TYR A 55 8.17 5.99 -4.90
N GLU A 56 9.38 5.48 -4.63
CA GLU A 56 10.57 5.73 -5.42
C GLU A 56 10.57 4.85 -6.68
N SER A 57 9.48 4.89 -7.44
CA SER A 57 9.28 4.13 -8.68
C SER A 57 8.03 4.66 -9.39
N ALA A 58 6.89 4.65 -8.69
CA ALA A 58 5.62 5.07 -9.23
C ALA A 58 5.68 6.46 -9.87
N ASN A 59 5.18 6.58 -11.10
CA ASN A 59 5.19 7.82 -11.85
C ASN A 59 4.11 8.81 -11.41
N SER A 60 3.17 8.39 -10.55
CA SER A 60 2.06 9.22 -10.11
C SER A 60 1.45 8.61 -8.87
N ARG A 61 0.66 9.42 -8.14
CA ARG A 61 -0.09 8.99 -6.98
C ARG A 61 -1.02 7.85 -7.39
N ASP A 62 -1.64 7.92 -8.57
CA ASP A 62 -2.54 6.86 -9.03
C ASP A 62 -1.78 5.54 -9.16
N GLU A 63 -0.62 5.56 -9.81
CA GLU A 63 0.21 4.37 -10.01
C GLU A 63 0.61 3.81 -8.65
N TYR A 64 1.12 4.68 -7.78
CA TYR A 64 1.48 4.35 -6.41
C TYR A 64 0.29 3.66 -5.72
N TYR A 65 -0.90 4.26 -5.79
CA TYR A 65 -2.12 3.69 -5.23
C TYR A 65 -2.37 2.29 -5.77
N HIS A 66 -2.36 2.13 -7.10
CA HIS A 66 -2.56 0.82 -7.70
C HIS A 66 -1.58 -0.18 -7.12
N LEU A 67 -0.31 0.21 -7.01
CA LEU A 67 0.74 -0.67 -6.51
C LEU A 67 0.50 -1.05 -5.05
N LEU A 68 0.24 -0.08 -4.17
CA LEU A 68 -0.03 -0.37 -2.77
C LEU A 68 -1.26 -1.27 -2.63
N ALA A 69 -2.36 -0.89 -3.30
CA ALA A 69 -3.57 -1.69 -3.27
C ALA A 69 -3.32 -3.07 -3.88
N GLU A 70 -2.48 -3.18 -4.90
CA GLU A 70 -2.09 -4.45 -5.49
C GLU A 70 -1.37 -5.29 -4.45
N LYS A 71 -0.43 -4.67 -3.71
CA LYS A 71 0.29 -5.37 -2.66
C LYS A 71 -0.74 -5.95 -1.70
N ILE A 72 -1.61 -5.09 -1.14
CA ILE A 72 -2.70 -5.50 -0.24
C ILE A 72 -3.46 -6.69 -0.83
N TYR A 73 -3.94 -6.55 -2.07
CA TYR A 73 -4.67 -7.58 -2.77
C TYR A 73 -3.89 -8.89 -2.70
N LYS A 74 -2.66 -8.89 -3.23
CA LYS A 74 -1.79 -10.05 -3.22
C LYS A 74 -1.72 -10.71 -1.85
N ILE A 75 -1.31 -9.95 -0.83
CA ILE A 75 -1.05 -10.59 0.44
C ILE A 75 -2.27 -11.34 0.98
N GLN A 76 -3.48 -11.02 0.52
CA GLN A 76 -4.67 -11.72 0.96
C GLN A 76 -5.18 -12.66 -0.14
N LYS A 77 -5.62 -12.10 -1.28
CA LYS A 77 -6.20 -12.86 -2.38
C LYS A 77 -5.23 -13.89 -2.97
N GLU A 78 -3.94 -13.57 -3.09
CA GLU A 78 -2.99 -14.53 -3.67
C GLU A 78 -2.42 -15.43 -2.59
N LEU A 79 -1.92 -14.81 -1.53
CA LEU A 79 -1.23 -15.48 -0.46
C LEU A 79 -2.15 -16.26 0.47
N GLU A 80 -3.47 -15.98 0.48
CA GLU A 80 -4.50 -16.65 1.27
C GLU A 80 -4.44 -16.34 2.76
N GLU A 81 -3.28 -16.59 3.37
CA GLU A 81 -3.04 -16.44 4.80
C GLU A 81 -4.00 -17.34 5.59
N THR B 1 5.11 -2.41 -19.34
CA THR B 1 4.02 -3.25 -19.81
C THR B 1 3.32 -3.91 -18.63
N ASP B 2 4.05 -4.81 -17.96
CA ASP B 2 3.59 -5.57 -16.81
C ASP B 2 2.89 -4.69 -15.79
N SER B 3 3.49 -3.54 -15.48
CA SER B 3 2.96 -2.57 -14.53
C SER B 3 1.56 -2.07 -14.90
N GLN B 4 1.18 -2.15 -16.18
CA GLN B 4 -0.14 -1.79 -16.67
C GLN B 4 -1.01 -3.06 -16.72
N LYS B 5 -0.49 -4.15 -17.31
CA LYS B 5 -1.25 -5.40 -17.38
C LYS B 5 -1.76 -5.80 -16.00
N ARG B 6 -0.89 -5.67 -14.98
CA ARG B 6 -1.19 -5.85 -13.57
C ARG B 6 -2.49 -5.14 -13.21
N ARG B 7 -2.51 -3.80 -13.28
CA ARG B 7 -3.70 -3.07 -12.89
C ARG B 7 -4.90 -3.44 -13.76
N GLU B 8 -4.72 -3.59 -15.08
CA GLU B 8 -5.82 -3.94 -15.96
C GLU B 8 -6.49 -5.24 -15.51
N ILE B 9 -5.71 -6.31 -15.42
CA ILE B 9 -6.19 -7.64 -15.04
C ILE B 9 -6.76 -7.60 -13.62
N LEU B 10 -5.96 -7.15 -12.64
CA LEU B 10 -6.41 -7.15 -11.26
C LEU B 10 -7.63 -6.24 -11.04
N SER B 11 -7.76 -5.12 -11.78
CA SER B 11 -8.96 -4.31 -11.64
C SER B 11 -10.19 -5.16 -12.01
N ARG B 12 -10.05 -6.05 -13.00
CA ARG B 12 -11.10 -6.99 -13.38
C ARG B 12 -11.12 -8.18 -12.40
N ARG B 13 -11.06 -7.88 -11.10
CA ARG B 13 -11.13 -8.76 -9.94
C ARG B 13 -11.61 -7.76 -8.88
N PRO B 14 -12.93 -7.52 -8.81
CA PRO B 14 -13.56 -6.50 -7.98
C PRO B 14 -12.91 -6.22 -6.62
N SEP B 15 -12.42 -7.24 -5.92
CA SEP B 15 -11.73 -7.09 -4.65
CB SEP B 15 -11.15 -8.44 -4.22
OG SEP B 15 -12.12 -9.47 -4.34
C SEP B 15 -10.63 -6.02 -4.73
O SEP B 15 -10.51 -5.18 -3.84
P SEP B 15 -12.03 -10.62 -5.47
O1P SEP B 15 -12.18 -9.84 -6.73
O2P SEP B 15 -13.17 -11.51 -5.15
O3P SEP B 15 -10.69 -11.20 -5.26
H SEP B 15 -12.49 -8.17 -6.31
HA SEP B 15 -12.47 -6.78 -3.90
HB2 SEP B 15 -10.26 -8.67 -4.81
HB3 SEP B 15 -10.84 -8.37 -3.18
N TYR B 16 -9.85 -6.00 -5.81
CA TYR B 16 -8.81 -5.02 -6.04
C TYR B 16 -9.44 -3.61 -6.08
N ARG B 17 -10.53 -3.49 -6.84
CA ARG B 17 -11.26 -2.23 -6.98
C ARG B 17 -11.74 -1.76 -5.61
N LYS B 18 -12.31 -2.68 -4.82
CA LYS B 18 -12.76 -2.38 -3.46
C LYS B 18 -11.57 -1.91 -2.64
N ILE B 19 -10.40 -2.56 -2.76
CA ILE B 19 -9.21 -2.12 -2.05
C ILE B 19 -8.85 -0.70 -2.50
N LEU B 20 -8.87 -0.36 -3.79
CA LEU B 20 -8.59 1.02 -4.22
C LEU B 20 -9.57 1.98 -3.54
N ASN B 21 -10.87 1.67 -3.61
CA ASN B 21 -11.90 2.48 -2.99
C ASN B 21 -11.61 2.68 -1.50
N ASP B 22 -11.31 1.59 -0.79
CA ASP B 22 -10.97 1.62 0.62
C ASP B 22 -9.72 2.45 0.87
N LEU B 23 -8.66 2.27 0.07
CA LEU B 23 -7.42 3.01 0.17
C LEU B 23 -7.69 4.51 0.00
N SER B 24 -8.65 4.85 -0.85
CA SER B 24 -9.06 6.23 -1.05
C SER B 24 -9.80 6.70 0.22
N SER B 25 -10.84 5.96 0.61
CA SER B 25 -11.67 6.26 1.77
C SER B 25 -10.85 6.44 3.04
N ASP B 26 -9.80 5.62 3.22
CA ASP B 26 -8.96 5.65 4.40
C ASP B 26 -8.00 6.86 4.38
N ALA B 27 -7.86 7.52 3.24
CA ALA B 27 -6.95 8.65 3.10
C ALA B 27 -7.66 9.96 3.44
N PRO B 28 -7.18 10.74 4.42
CA PRO B 28 -7.80 12.00 4.78
C PRO B 28 -7.60 13.02 3.65
N GLY A 1 11.27 19.05 -3.86
CA GLY A 1 12.35 18.96 -2.89
C GLY A 1 13.20 17.71 -3.11
N VAL A 2 12.60 16.53 -2.98
CA VAL A 2 13.30 15.26 -3.13
C VAL A 2 13.31 14.81 -4.58
N ARG A 3 12.10 14.58 -5.10
CA ARG A 3 11.90 13.96 -6.39
C ARG A 3 10.61 14.50 -7.05
N LYS A 4 9.87 13.63 -7.74
CA LYS A 4 8.66 13.97 -8.47
C LYS A 4 7.74 14.79 -7.59
N GLY A 5 7.49 16.06 -7.92
CA GLY A 5 6.71 17.05 -7.16
C GLY A 5 5.74 16.45 -6.15
N TRP A 6 4.82 15.61 -6.63
CA TRP A 6 3.79 14.94 -5.84
C TRP A 6 4.29 14.40 -4.48
N HIS A 7 5.52 13.88 -4.43
CA HIS A 7 6.14 13.32 -3.24
C HIS A 7 5.84 14.15 -1.98
N GLU A 8 6.10 15.46 -2.02
CA GLU A 8 5.91 16.34 -0.88
C GLU A 8 4.45 16.65 -0.60
N HIS A 9 3.56 16.54 -1.59
CA HIS A 9 2.14 16.73 -1.36
C HIS A 9 1.63 15.55 -0.54
N VAL A 10 2.16 14.35 -0.81
CA VAL A 10 1.86 13.16 -0.05
C VAL A 10 2.60 13.24 1.29
N THR A 11 1.99 14.00 2.21
CA THR A 11 2.48 14.31 3.54
C THR A 11 2.96 13.08 4.32
N GLN A 12 3.89 13.30 5.25
CA GLN A 12 4.38 12.26 6.14
C GLN A 12 3.19 11.58 6.86
N ASP A 13 2.16 12.35 7.20
CA ASP A 13 0.95 11.83 7.83
C ASP A 13 0.31 10.79 6.90
N LEU A 14 0.05 11.18 5.65
CA LEU A 14 -0.54 10.28 4.67
C LEU A 14 0.34 9.05 4.51
N ARG A 15 1.66 9.23 4.37
CA ARG A 15 2.60 8.12 4.27
C ARG A 15 2.42 7.17 5.45
N SER A 16 2.46 7.71 6.68
CA SER A 16 2.29 6.95 7.90
C SER A 16 0.97 6.17 7.88
N HIS A 17 -0.12 6.83 7.49
CA HIS A 17 -1.42 6.19 7.38
C HIS A 17 -1.31 5.00 6.43
N LEU A 18 -0.77 5.21 5.23
CA LEU A 18 -0.62 4.15 4.24
C LEU A 18 0.21 3.00 4.82
N VAL A 19 1.34 3.29 5.47
CA VAL A 19 2.15 2.27 6.13
C VAL A 19 1.26 1.48 7.09
N HIS A 20 0.50 2.17 7.95
CA HIS A 20 -0.39 1.50 8.88
C HIS A 20 -1.39 0.61 8.14
N LYS A 21 -1.96 1.12 7.06
CA LYS A 21 -2.92 0.40 6.22
C LYS A 21 -2.28 -0.90 5.72
N LEU A 22 -1.06 -0.82 5.17
CA LEU A 22 -0.33 -1.99 4.73
C LEU A 22 -0.16 -2.95 5.89
N VAL A 23 0.33 -2.46 7.03
CA VAL A 23 0.54 -3.28 8.23
C VAL A 23 -0.75 -4.01 8.60
N GLN A 24 -1.87 -3.29 8.70
CA GLN A 24 -3.16 -3.89 9.03
C GLN A 24 -3.48 -5.03 8.05
N ALA A 25 -3.31 -4.80 6.75
CA ALA A 25 -3.58 -5.83 5.76
C ALA A 25 -2.67 -7.04 5.98
N ILE A 26 -1.36 -6.80 6.07
CA ILE A 26 -0.37 -7.85 6.28
C ILE A 26 -0.68 -8.64 7.56
N PHE A 27 -1.07 -7.95 8.63
CA PHE A 27 -1.32 -8.52 9.94
C PHE A 27 -2.23 -7.60 10.74
N PRO A 28 -3.52 -7.95 10.89
CA PRO A 28 -4.49 -7.18 11.67
C PRO A 28 -3.91 -6.81 13.04
N THR A 29 -3.63 -5.52 13.24
CA THR A 29 -2.98 -5.02 14.44
C THR A 29 -4.03 -4.35 15.35
N PRO A 30 -4.13 -4.77 16.61
CA PRO A 30 -5.07 -4.23 17.59
C PRO A 30 -4.50 -2.92 18.17
N ASP A 31 -4.13 -2.91 19.46
CA ASP A 31 -3.57 -1.73 20.10
C ASP A 31 -2.23 -1.36 19.43
N PRO A 32 -1.99 -0.08 19.13
CA PRO A 32 -0.76 0.38 18.49
C PRO A 32 0.51 -0.11 19.18
N ALA A 33 0.49 -0.29 20.51
CA ALA A 33 1.64 -0.82 21.25
C ALA A 33 2.16 -2.10 20.61
N ALA A 34 1.28 -2.93 20.04
CA ALA A 34 1.65 -4.17 19.36
C ALA A 34 2.75 -3.92 18.31
N LEU A 35 2.74 -2.75 17.66
CA LEU A 35 3.73 -2.38 16.65
C LEU A 35 5.16 -2.51 17.20
N LYS A 36 5.34 -2.30 18.51
CA LYS A 36 6.64 -2.37 19.16
C LYS A 36 7.16 -3.81 19.29
N ASP A 37 6.30 -4.83 19.16
CA ASP A 37 6.75 -6.21 19.24
C ASP A 37 7.60 -6.51 18.01
N ARG A 38 8.85 -6.89 18.20
CA ARG A 38 9.83 -7.14 17.15
C ARG A 38 9.27 -7.92 15.95
N ARG A 39 8.47 -8.96 16.22
CA ARG A 39 7.85 -9.76 15.17
C ARG A 39 7.01 -8.88 14.25
N MET A 40 6.21 -8.00 14.84
CA MET A 40 5.38 -7.05 14.12
C MET A 40 6.29 -5.98 13.51
N GLU A 41 7.24 -5.46 14.27
CA GLU A 41 8.17 -4.42 13.84
C GLU A 41 8.79 -4.80 12.49
N ASN A 42 9.14 -6.07 12.31
CA ASN A 42 9.66 -6.56 11.03
C ASN A 42 8.67 -6.31 9.88
N LEU A 43 7.38 -6.55 10.14
CA LEU A 43 6.32 -6.33 9.17
C LEU A 43 6.18 -4.83 8.91
N VAL A 44 6.23 -4.03 9.98
CA VAL A 44 6.19 -2.57 9.89
C VAL A 44 7.34 -2.10 9.01
N ALA A 45 8.54 -2.63 9.22
CA ALA A 45 9.72 -2.33 8.43
C ALA A 45 9.45 -2.66 6.95
N TYR A 46 8.94 -3.87 6.67
CA TYR A 46 8.62 -4.24 5.29
C TYR A 46 7.59 -3.27 4.69
N ALA A 47 6.56 -2.89 5.44
CA ALA A 47 5.55 -1.96 4.98
C ALA A 47 6.21 -0.62 4.61
N LYS A 48 7.05 -0.08 5.51
CA LYS A 48 7.78 1.15 5.26
C LYS A 48 8.66 1.00 4.02
N LYS A 49 9.36 -0.13 3.89
CA LYS A 49 10.20 -0.43 2.75
C LYS A 49 9.38 -0.34 1.46
N VAL A 50 8.29 -1.10 1.36
CA VAL A 50 7.42 -1.05 0.18
C VAL A 50 6.96 0.38 -0.08
N GLU A 51 6.37 1.02 0.94
CA GLU A 51 5.88 2.38 0.82
C GLU A 51 6.98 3.30 0.26
N GLY A 52 8.18 3.23 0.83
CA GLY A 52 9.34 3.99 0.41
C GLY A 52 9.68 3.71 -1.05
N ASP A 53 9.73 2.43 -1.42
CA ASP A 53 10.03 2.02 -2.79
C ASP A 53 9.04 2.68 -3.75
N MET A 54 7.74 2.48 -3.50
CA MET A 54 6.68 3.05 -4.32
C MET A 54 6.82 4.58 -4.39
N TYR A 55 6.95 5.19 -3.21
CA TYR A 55 7.10 6.62 -3.02
C TYR A 55 8.24 7.18 -3.87
N GLU A 56 9.39 6.51 -3.88
CA GLU A 56 10.55 6.88 -4.66
C GLU A 56 10.58 6.19 -6.03
N SER A 57 9.41 5.93 -6.61
CA SER A 57 9.30 5.33 -7.92
C SER A 57 8.20 6.02 -8.72
N ALA A 58 6.94 5.89 -8.28
CA ALA A 58 5.77 6.42 -8.96
C ALA A 58 5.92 7.86 -9.46
N ASN A 59 5.44 8.15 -10.67
CA ASN A 59 5.50 9.48 -11.27
C ASN A 59 4.40 10.39 -10.74
N SER A 60 3.37 9.83 -10.09
CA SER A 60 2.27 10.57 -9.51
C SER A 60 1.69 9.74 -8.36
N ARG A 61 0.80 10.36 -7.58
CA ARG A 61 0.09 9.67 -6.51
C ARG A 61 -0.69 8.49 -7.13
N ASP A 62 -1.18 8.66 -8.36
CA ASP A 62 -1.95 7.66 -9.08
C ASP A 62 -1.27 6.29 -9.03
N GLU A 63 -0.07 6.19 -9.61
CA GLU A 63 0.68 4.95 -9.67
C GLU A 63 0.96 4.45 -8.25
N TYR A 64 1.43 5.34 -7.37
CA TYR A 64 1.72 5.00 -5.98
C TYR A 64 0.53 4.28 -5.35
N TYR A 65 -0.63 4.96 -5.30
CA TYR A 65 -1.88 4.45 -4.78
C TYR A 65 -2.25 3.12 -5.45
N HIS A 66 -2.27 3.12 -6.79
CA HIS A 66 -2.58 1.94 -7.58
C HIS A 66 -1.73 0.74 -7.17
N LEU A 67 -0.42 0.96 -7.09
CA LEU A 67 0.55 -0.07 -6.76
C LEU A 67 0.35 -0.51 -5.32
N LEU A 68 0.11 0.41 -4.37
CA LEU A 68 -0.12 0.05 -2.98
C LEU A 68 -1.37 -0.82 -2.86
N ALA A 69 -2.50 -0.40 -3.43
CA ALA A 69 -3.73 -1.20 -3.37
C ALA A 69 -3.53 -2.54 -4.08
N GLU A 70 -2.82 -2.55 -5.22
CA GLU A 70 -2.51 -3.78 -5.93
C GLU A 70 -1.71 -4.71 -5.01
N LYS A 71 -0.65 -4.20 -4.37
CA LYS A 71 0.15 -4.97 -3.43
C LYS A 71 -0.77 -5.54 -2.35
N ILE A 72 -1.61 -4.70 -1.73
CA ILE A 72 -2.58 -5.16 -0.74
C ILE A 72 -3.34 -6.35 -1.31
N TYR A 73 -3.90 -6.20 -2.51
CA TYR A 73 -4.66 -7.27 -3.12
C TYR A 73 -3.87 -8.57 -3.10
N LYS A 74 -2.63 -8.54 -3.60
CA LYS A 74 -1.80 -9.75 -3.57
C LYS A 74 -1.71 -10.25 -2.14
N ILE A 75 -1.27 -9.36 -1.25
CA ILE A 75 -1.04 -9.67 0.14
C ILE A 75 -2.26 -10.22 0.87
N GLN A 76 -3.46 -10.12 0.30
CA GLN A 76 -4.67 -10.68 0.91
C GLN A 76 -5.23 -11.80 0.03
N LYS A 77 -5.62 -11.46 -1.19
CA LYS A 77 -6.28 -12.34 -2.14
C LYS A 77 -5.32 -13.30 -2.87
N GLU A 78 -4.03 -13.00 -2.97
CA GLU A 78 -3.09 -13.96 -3.56
C GLU A 78 -2.61 -14.87 -2.45
N LEU A 79 -2.17 -14.22 -1.38
CA LEU A 79 -1.55 -14.85 -0.22
C LEU A 79 -2.53 -15.71 0.60
N GLU A 80 -3.74 -15.23 0.90
CA GLU A 80 -4.71 -16.00 1.70
C GLU A 80 -5.93 -16.42 0.87
N GLU A 81 -6.65 -15.42 0.35
CA GLU A 81 -7.91 -15.62 -0.37
C GLU A 81 -8.87 -16.39 0.53
N THR B 1 5.12 -5.31 -18.97
CA THR B 1 4.26 -6.35 -19.52
C THR B 1 3.38 -6.91 -18.42
N ASP B 2 4.01 -7.59 -17.45
CA ASP B 2 3.33 -8.20 -16.32
C ASP B 2 2.43 -7.18 -15.61
N SER B 3 2.89 -5.94 -15.48
CA SER B 3 2.13 -4.84 -14.91
C SER B 3 0.81 -4.70 -15.65
N GLN B 4 0.87 -4.62 -16.98
CA GLN B 4 -0.31 -4.50 -17.82
C GLN B 4 -1.20 -5.73 -17.66
N LYS B 5 -0.61 -6.93 -17.53
CA LYS B 5 -1.40 -8.13 -17.30
C LYS B 5 -2.15 -7.99 -15.97
N ARG B 6 -1.47 -7.61 -14.89
CA ARG B 6 -2.13 -7.39 -13.60
C ARG B 6 -3.26 -6.38 -13.79
N ARG B 7 -2.98 -5.23 -14.40
CA ARG B 7 -4.00 -4.21 -14.69
C ARG B 7 -5.18 -4.80 -15.45
N GLU B 8 -4.94 -5.69 -16.42
CA GLU B 8 -6.01 -6.36 -17.13
C GLU B 8 -6.84 -7.18 -16.13
N ILE B 9 -6.16 -7.95 -15.26
CA ILE B 9 -6.85 -8.71 -14.24
C ILE B 9 -7.69 -7.77 -13.37
N LEU B 10 -7.14 -6.63 -12.91
CA LEU B 10 -7.88 -5.62 -12.15
C LEU B 10 -9.15 -5.23 -12.91
N SER B 11 -8.99 -4.88 -14.20
CA SER B 11 -10.11 -4.49 -15.06
C SER B 11 -11.19 -5.58 -15.03
N ARG B 12 -10.81 -6.86 -15.12
CA ARG B 12 -11.76 -7.96 -15.08
C ARG B 12 -11.99 -8.51 -13.65
N ARG B 13 -11.70 -7.75 -12.59
CA ARG B 13 -11.91 -8.19 -11.21
C ARG B 13 -12.14 -6.95 -10.34
N PRO B 14 -13.41 -6.57 -10.07
CA PRO B 14 -13.69 -5.41 -9.25
C PRO B 14 -13.18 -5.58 -7.81
N SEP B 15 -12.83 -6.81 -7.43
CA SEP B 15 -12.23 -7.22 -6.17
CB SEP B 15 -11.69 -8.62 -6.44
OG SEP B 15 -12.52 -9.33 -7.34
C SEP B 15 -11.14 -6.23 -5.72
O SEP B 15 -11.18 -5.72 -4.61
P SEP B 15 -13.75 -10.23 -6.83
O1P SEP B 15 -13.05 -11.36 -6.16
O2P SEP B 15 -14.45 -10.56 -8.09
O3P SEP B 15 -14.48 -9.31 -5.92
H SEP B 15 -12.94 -7.59 -8.07
HA SEP B 15 -13.02 -7.26 -5.41
HB2 SEP B 15 -10.72 -8.54 -6.92
HB3 SEP B 15 -11.57 -9.17 -5.50
N TYR B 16 -10.17 -5.95 -6.59
CA TYR B 16 -9.09 -5.01 -6.31
C TYR B 16 -9.67 -3.60 -6.21
N ARG B 17 -10.66 -3.30 -7.04
CA ARG B 17 -11.27 -1.99 -7.11
C ARG B 17 -11.95 -1.65 -5.78
N LYS B 18 -12.53 -2.65 -5.10
CA LYS B 18 -13.06 -2.46 -3.76
C LYS B 18 -11.92 -1.97 -2.84
N ILE B 19 -10.76 -2.64 -2.91
CA ILE B 19 -9.58 -2.28 -2.13
C ILE B 19 -9.10 -0.87 -2.50
N LEU B 20 -9.01 -0.56 -3.79
CA LEU B 20 -8.60 0.78 -4.25
C LEU B 20 -9.52 1.81 -3.60
N ASN B 21 -10.82 1.66 -3.79
CA ASN B 21 -11.82 2.54 -3.21
C ASN B 21 -11.60 2.69 -1.70
N ASP B 22 -11.54 1.55 -1.00
CA ASP B 22 -11.31 1.52 0.44
C ASP B 22 -10.06 2.33 0.81
N LEU B 23 -8.93 2.04 0.16
CA LEU B 23 -7.67 2.71 0.40
C LEU B 23 -7.85 4.22 0.27
N SER B 24 -8.46 4.70 -0.81
CA SER B 24 -8.68 6.13 -1.00
C SER B 24 -9.63 6.71 0.05
N SER B 25 -10.66 5.95 0.45
CA SER B 25 -11.59 6.45 1.44
C SER B 25 -10.95 6.52 2.84
N ASP B 26 -10.07 5.57 3.14
CA ASP B 26 -9.40 5.47 4.43
C ASP B 26 -8.22 6.45 4.50
N ALA B 27 -7.29 6.33 3.56
CA ALA B 27 -6.10 7.16 3.45
C ALA B 27 -6.40 8.39 2.60
N PRO B 28 -6.27 9.61 3.14
CA PRO B 28 -6.51 10.86 2.43
C PRO B 28 -6.00 10.87 0.99
N GLY A 1 13.33 16.32 -11.21
CA GLY A 1 12.83 15.01 -10.80
C GLY A 1 12.71 14.91 -9.29
N VAL A 2 13.73 15.43 -8.59
CA VAL A 2 13.87 15.45 -7.12
C VAL A 2 13.47 14.11 -6.51
N ARG A 3 12.86 14.11 -5.31
CA ARG A 3 12.38 12.90 -4.66
C ARG A 3 11.04 12.51 -5.32
N LYS A 4 11.02 12.38 -6.64
CA LYS A 4 9.83 12.11 -7.42
C LYS A 4 8.81 13.24 -7.26
N GLY A 5 9.01 14.33 -8.02
CA GLY A 5 8.24 15.57 -8.12
C GLY A 5 6.95 15.65 -7.30
N TRP A 6 6.00 14.72 -7.54
CA TRP A 6 4.73 14.60 -6.85
C TRP A 6 4.83 14.65 -5.32
N HIS A 7 6.02 14.41 -4.77
CA HIS A 7 6.37 14.44 -3.35
C HIS A 7 5.61 15.51 -2.57
N GLU A 8 5.64 16.75 -3.06
CA GLU A 8 4.99 17.89 -2.42
C GLU A 8 3.53 17.62 -2.04
N HIS A 9 2.82 16.78 -2.81
CA HIS A 9 1.42 16.48 -2.58
C HIS A 9 1.20 15.27 -1.65
N VAL A 10 2.25 14.56 -1.23
CA VAL A 10 2.12 13.38 -0.37
C VAL A 10 3.10 13.50 0.80
N THR A 11 2.64 14.24 1.80
CA THR A 11 3.34 14.55 3.03
C THR A 11 3.43 13.35 3.96
N GLN A 12 4.34 13.43 4.93
CA GLN A 12 4.63 12.34 5.86
C GLN A 12 3.38 11.77 6.55
N ASP A 13 2.39 12.60 6.90
CA ASP A 13 1.18 12.09 7.55
C ASP A 13 0.50 11.05 6.64
N LEU A 14 0.36 11.38 5.36
CA LEU A 14 -0.24 10.50 4.37
C LEU A 14 0.63 9.25 4.23
N ARG A 15 1.96 9.42 4.11
CA ARG A 15 2.87 8.28 4.05
C ARG A 15 2.62 7.32 5.21
N SER A 16 2.70 7.86 6.43
CA SER A 16 2.51 7.10 7.66
C SER A 16 1.17 6.38 7.63
N HIS A 17 0.09 7.08 7.25
CA HIS A 17 -1.21 6.46 7.13
C HIS A 17 -1.15 5.27 6.17
N LEU A 18 -0.55 5.47 4.98
CA LEU A 18 -0.42 4.39 4.01
C LEU A 18 0.38 3.23 4.59
N VAL A 19 1.44 3.50 5.36
CA VAL A 19 2.17 2.43 6.05
C VAL A 19 1.19 1.68 6.95
N HIS A 20 0.37 2.41 7.73
CA HIS A 20 -0.63 1.78 8.59
C HIS A 20 -1.58 0.92 7.76
N LYS A 21 -2.04 1.42 6.61
CA LYS A 21 -2.91 0.66 5.73
C LYS A 21 -2.23 -0.64 5.30
N LEU A 22 -0.97 -0.58 4.85
CA LEU A 22 -0.22 -1.78 4.48
C LEU A 22 -0.21 -2.74 5.66
N VAL A 23 0.24 -2.26 6.83
CA VAL A 23 0.33 -3.07 8.03
C VAL A 23 -1.01 -3.76 8.32
N GLN A 24 -2.09 -2.99 8.51
CA GLN A 24 -3.39 -3.56 8.82
C GLN A 24 -3.87 -4.52 7.74
N ALA A 25 -3.65 -4.18 6.46
CA ALA A 25 -4.07 -5.03 5.36
C ALA A 25 -3.35 -6.38 5.40
N ILE A 26 -2.04 -6.36 5.67
CA ILE A 26 -1.23 -7.56 5.75
C ILE A 26 -1.57 -8.35 7.02
N PHE A 27 -1.71 -7.66 8.15
CA PHE A 27 -1.98 -8.23 9.46
C PHE A 27 -2.77 -7.20 10.27
N PRO A 28 -4.08 -7.39 10.48
CA PRO A 28 -4.89 -6.43 11.22
C PRO A 28 -4.50 -6.38 12.70
N THR A 29 -3.60 -5.46 13.06
CA THR A 29 -3.19 -5.28 14.44
C THR A 29 -4.42 -4.94 15.28
N PRO A 30 -4.72 -5.71 16.34
CA PRO A 30 -5.89 -5.52 17.17
C PRO A 30 -5.75 -4.37 18.16
N ASP A 31 -4.57 -4.24 18.78
CA ASP A 31 -4.27 -3.23 19.79
C ASP A 31 -2.81 -2.82 19.65
N PRO A 32 -2.47 -1.53 19.80
CA PRO A 32 -1.10 -1.01 19.72
C PRO A 32 -0.03 -1.88 20.39
N ALA A 33 -0.33 -2.47 21.56
CA ALA A 33 0.62 -3.34 22.26
C ALA A 33 1.17 -4.43 21.35
N ALA A 34 0.33 -4.98 20.46
CA ALA A 34 0.76 -6.01 19.53
C ALA A 34 1.92 -5.54 18.64
N LEU A 35 2.04 -4.23 18.39
CA LEU A 35 3.15 -3.67 17.61
C LEU A 35 4.50 -4.05 18.23
N LYS A 36 4.53 -4.29 19.54
CA LYS A 36 5.76 -4.67 20.24
C LYS A 36 6.21 -6.09 19.88
N ASP A 37 5.34 -6.92 19.30
CA ASP A 37 5.70 -8.28 18.93
C ASP A 37 6.74 -8.23 17.79
N ARG A 38 7.82 -9.02 17.90
CA ARG A 38 8.88 -9.06 16.90
C ARG A 38 8.35 -9.30 15.49
N ARG A 39 7.39 -10.21 15.31
CA ARG A 39 6.81 -10.49 14.01
C ARG A 39 6.18 -9.21 13.47
N MET A 40 5.32 -8.58 14.27
CA MET A 40 4.67 -7.36 13.87
C MET A 40 5.71 -6.29 13.54
N GLU A 41 6.73 -6.13 14.39
CA GLU A 41 7.81 -5.18 14.16
C GLU A 41 8.39 -5.41 12.77
N ASN A 42 8.70 -6.67 12.45
CA ASN A 42 9.22 -7.03 11.14
C ASN A 42 8.23 -6.66 10.04
N LEU A 43 6.93 -6.93 10.23
CA LEU A 43 5.91 -6.58 9.23
C LEU A 43 5.88 -5.06 9.04
N VAL A 44 5.95 -4.29 10.13
CA VAL A 44 5.98 -2.84 10.11
C VAL A 44 7.20 -2.36 9.32
N ALA A 45 8.38 -2.90 9.64
CA ALA A 45 9.61 -2.58 8.93
C ALA A 45 9.45 -2.85 7.44
N TYR A 46 8.95 -4.06 7.10
CA TYR A 46 8.70 -4.45 5.71
C TYR A 46 7.74 -3.46 5.04
N ALA A 47 6.63 -3.13 5.70
CA ALA A 47 5.65 -2.19 5.17
C ALA A 47 6.32 -0.84 4.87
N LYS A 48 7.10 -0.31 5.82
CA LYS A 48 7.82 0.94 5.60
C LYS A 48 8.76 0.81 4.40
N LYS A 49 9.55 -0.27 4.35
CA LYS A 49 10.47 -0.50 3.25
C LYS A 49 9.71 -0.48 1.91
N VAL A 50 8.66 -1.29 1.80
CA VAL A 50 7.82 -1.36 0.62
C VAL A 50 7.32 0.04 0.26
N GLU A 51 6.69 0.74 1.21
CA GLU A 51 6.15 2.08 0.99
C GLU A 51 7.26 2.97 0.41
N GLY A 52 8.43 2.95 1.04
CA GLY A 52 9.60 3.71 0.59
C GLY A 52 9.93 3.36 -0.86
N ASP A 53 10.05 2.06 -1.17
CA ASP A 53 10.37 1.57 -2.50
C ASP A 53 9.35 2.10 -3.52
N MET A 54 8.06 1.91 -3.22
CA MET A 54 6.96 2.37 -4.06
C MET A 54 7.10 3.87 -4.32
N TYR A 55 7.34 4.64 -3.26
CA TYR A 55 7.53 6.09 -3.32
C TYR A 55 8.68 6.40 -4.29
N GLU A 56 9.87 5.87 -3.99
CA GLU A 56 11.05 6.06 -4.80
C GLU A 56 11.03 5.12 -6.01
N SER A 57 9.97 5.22 -6.82
CA SER A 57 9.75 4.44 -8.03
C SER A 57 8.60 5.06 -8.81
N ALA A 58 7.45 5.22 -8.14
CA ALA A 58 6.27 5.78 -8.78
C ALA A 58 6.53 7.22 -9.24
N ASN A 59 6.02 7.58 -10.43
CA ASN A 59 6.17 8.92 -11.00
C ASN A 59 5.03 9.84 -10.60
N SER A 60 3.98 9.34 -9.95
CA SER A 60 2.81 10.13 -9.59
C SER A 60 2.03 9.46 -8.46
N ARG A 61 1.29 10.27 -7.67
CA ARG A 61 0.49 9.78 -6.55
C ARG A 61 -0.42 8.64 -7.00
N ASP A 62 -1.20 8.84 -8.07
CA ASP A 62 -2.13 7.84 -8.57
C ASP A 62 -1.44 6.49 -8.76
N GLU A 63 -0.31 6.48 -9.48
CA GLU A 63 0.48 5.28 -9.71
C GLU A 63 0.86 4.65 -8.36
N TYR A 64 1.49 5.44 -7.49
CA TYR A 64 1.88 5.00 -6.15
C TYR A 64 0.69 4.33 -5.45
N TYR A 65 -0.48 4.96 -5.49
CA TYR A 65 -1.72 4.45 -4.92
C TYR A 65 -2.07 3.10 -5.54
N HIS A 66 -2.09 3.01 -6.87
CA HIS A 66 -2.40 1.79 -7.59
C HIS A 66 -1.50 0.67 -7.10
N LEU A 67 -0.19 0.94 -7.04
CA LEU A 67 0.81 -0.03 -6.65
C LEU A 67 0.61 -0.45 -5.19
N LEU A 68 0.37 0.48 -4.27
CA LEU A 68 0.13 0.15 -2.87
C LEU A 68 -1.11 -0.75 -2.76
N ALA A 69 -2.24 -0.32 -3.32
CA ALA A 69 -3.45 -1.12 -3.31
C ALA A 69 -3.21 -2.46 -4.01
N GLU A 70 -2.36 -2.50 -5.05
CA GLU A 70 -2.01 -3.74 -5.74
C GLU A 70 -1.25 -4.66 -4.78
N LYS A 71 -0.27 -4.13 -4.04
CA LYS A 71 0.48 -4.93 -3.08
C LYS A 71 -0.51 -5.63 -2.14
N ILE A 72 -1.43 -4.84 -1.57
CA ILE A 72 -2.49 -5.34 -0.71
C ILE A 72 -3.28 -6.43 -1.43
N TYR A 73 -3.76 -6.13 -2.64
CA TYR A 73 -4.51 -7.06 -3.46
C TYR A 73 -3.77 -8.38 -3.60
N LYS A 74 -2.47 -8.34 -3.83
CA LYS A 74 -1.71 -9.58 -3.93
C LYS A 74 -1.74 -10.29 -2.60
N ILE A 75 -1.25 -9.61 -1.56
CA ILE A 75 -1.10 -10.26 -0.29
C ILE A 75 -2.42 -10.82 0.27
N GLN A 76 -3.53 -10.19 -0.09
CA GLN A 76 -4.84 -10.68 0.31
C GLN A 76 -5.38 -11.61 -0.79
N LYS A 77 -5.95 -11.03 -1.84
CA LYS A 77 -6.60 -11.78 -2.90
C LYS A 77 -5.69 -12.77 -3.62
N GLU A 78 -4.45 -12.43 -3.97
CA GLU A 78 -3.65 -13.39 -4.73
C GLU A 78 -3.30 -14.59 -3.84
N LEU A 79 -2.79 -14.26 -2.66
CA LEU A 79 -2.34 -15.24 -1.70
C LEU A 79 -3.52 -16.10 -1.23
N GLU A 80 -4.70 -15.51 -1.03
CA GLU A 80 -5.90 -16.29 -0.70
C GLU A 80 -6.24 -17.20 -1.87
N GLU A 81 -6.33 -16.63 -3.07
CA GLU A 81 -6.62 -17.37 -4.28
C GLU A 81 -5.37 -18.15 -4.70
N THR B 1 3.67 -1.10 -18.65
CA THR B 1 4.22 -2.44 -18.62
C THR B 1 3.50 -3.26 -17.55
N ASP B 2 3.74 -2.90 -16.28
CA ASP B 2 3.08 -3.48 -15.12
C ASP B 2 1.58 -3.22 -15.20
N SER B 3 1.21 -2.11 -15.84
CA SER B 3 -0.16 -1.72 -16.10
C SER B 3 -0.92 -2.86 -16.79
N GLN B 4 -0.26 -3.58 -17.70
CA GLN B 4 -0.87 -4.70 -18.40
C GLN B 4 -1.26 -5.77 -17.38
N LYS B 5 -0.26 -6.26 -16.62
CA LYS B 5 -0.44 -7.27 -15.60
C LYS B 5 -1.59 -6.86 -14.68
N ARG B 6 -1.50 -5.64 -14.13
CA ARG B 6 -2.51 -5.06 -13.26
C ARG B 6 -3.89 -5.14 -13.94
N ARG B 7 -4.08 -4.50 -15.08
CA ARG B 7 -5.36 -4.52 -15.78
C ARG B 7 -5.87 -5.96 -15.97
N GLU B 8 -5.01 -6.88 -16.39
CA GLU B 8 -5.39 -8.27 -16.57
C GLU B 8 -5.93 -8.89 -15.27
N ILE B 9 -5.16 -8.85 -14.18
CA ILE B 9 -5.63 -9.43 -12.92
C ILE B 9 -6.90 -8.72 -12.44
N LEU B 10 -6.98 -7.40 -12.57
CA LEU B 10 -8.18 -6.65 -12.22
C LEU B 10 -9.37 -7.22 -13.00
N SER B 11 -9.21 -7.39 -14.32
CA SER B 11 -10.25 -7.94 -15.18
C SER B 11 -10.71 -9.34 -14.71
N ARG B 12 -9.91 -10.05 -13.91
CA ARG B 12 -10.29 -11.35 -13.38
C ARG B 12 -11.56 -11.21 -12.52
N ARG B 13 -11.76 -10.05 -11.84
CA ARG B 13 -12.93 -9.65 -11.04
C ARG B 13 -12.64 -9.25 -9.58
N PRO B 14 -11.78 -9.94 -8.82
CA PRO B 14 -11.60 -9.69 -7.40
C PRO B 14 -11.38 -8.24 -6.97
N SEP B 15 -11.78 -7.96 -5.72
CA SEP B 15 -11.88 -6.72 -4.94
CB SEP B 15 -12.22 -7.17 -3.51
OG SEP B 15 -13.16 -8.23 -3.53
C SEP B 15 -10.74 -5.68 -4.93
O SEP B 15 -10.64 -4.93 -3.96
P SEP B 15 -14.75 -7.94 -3.55
O1P SEP B 15 -14.96 -7.22 -4.82
O2P SEP B 15 -14.94 -7.12 -2.32
O3P SEP B 15 -15.34 -9.30 -3.48
H SEP B 15 -12.19 -8.74 -5.21
HA SEP B 15 -12.73 -6.19 -5.34
HB2 SEP B 15 -11.31 -7.54 -3.04
HB3 SEP B 15 -12.59 -6.33 -2.93
N TYR B 16 -9.98 -5.52 -6.00
CA TYR B 16 -9.04 -4.41 -6.15
C TYR B 16 -9.85 -3.12 -6.00
N ARG B 17 -11.06 -3.12 -6.58
CA ARG B 17 -12.05 -2.08 -6.51
C ARG B 17 -12.26 -1.64 -5.05
N LYS B 18 -12.58 -2.60 -4.18
CA LYS B 18 -12.83 -2.35 -2.77
C LYS B 18 -11.57 -1.80 -2.10
N ILE B 19 -10.41 -2.41 -2.37
CA ILE B 19 -9.16 -1.96 -1.78
C ILE B 19 -8.90 -0.51 -2.16
N LEU B 20 -9.02 -0.17 -3.46
CA LEU B 20 -8.82 1.20 -3.94
C LEU B 20 -9.76 2.14 -3.18
N ASN B 21 -11.05 1.81 -3.18
CA ASN B 21 -12.05 2.62 -2.50
C ASN B 21 -11.66 2.86 -1.05
N ASP B 22 -11.39 1.77 -0.32
CA ASP B 22 -10.97 1.80 1.07
C ASP B 22 -9.73 2.68 1.25
N LEU B 23 -8.69 2.43 0.48
CA LEU B 23 -7.43 3.16 0.55
C LEU B 23 -7.65 4.65 0.33
N SER B 24 -8.51 4.99 -0.63
CA SER B 24 -8.84 6.37 -0.94
C SER B 24 -9.65 7.00 0.20
N SER B 25 -10.62 6.25 0.71
CA SER B 25 -11.54 6.72 1.75
C SER B 25 -10.88 6.88 3.11
N ASP B 26 -9.98 5.97 3.48
CA ASP B 26 -9.39 5.99 4.82
C ASP B 26 -8.29 7.05 4.93
N ALA B 27 -7.55 7.25 3.85
CA ALA B 27 -6.47 8.23 3.82
C ALA B 27 -6.97 9.65 4.09
N PRO B 28 -6.22 10.47 4.85
CA PRO B 28 -6.58 11.84 5.14
C PRO B 28 -6.56 12.65 3.84
N GLY A 1 16.71 17.46 -6.33
CA GLY A 1 15.75 17.51 -7.42
C GLY A 1 14.48 16.74 -7.04
N VAL A 2 13.98 17.00 -5.82
CA VAL A 2 12.80 16.37 -5.24
C VAL A 2 12.83 14.84 -5.43
N ARG A 3 11.69 14.24 -5.75
CA ARG A 3 11.53 12.82 -6.02
C ARG A 3 10.66 12.73 -7.28
N LYS A 4 9.38 12.36 -7.14
CA LYS A 4 8.43 12.24 -8.24
C LYS A 4 7.54 13.49 -8.36
N GLY A 5 7.98 14.64 -7.84
CA GLY A 5 7.21 15.88 -7.88
C GLY A 5 6.04 15.88 -6.89
N TRP A 6 5.12 14.92 -7.04
CA TRP A 6 3.95 14.80 -6.16
C TRP A 6 4.34 14.53 -4.70
N HIS A 7 5.57 14.06 -4.45
CA HIS A 7 6.16 13.75 -3.15
C HIS A 7 5.68 14.72 -2.07
N GLU A 8 5.96 16.01 -2.25
CA GLU A 8 5.66 17.05 -1.28
C GLU A 8 4.18 17.13 -0.89
N HIS A 9 3.26 16.67 -1.75
CA HIS A 9 1.83 16.68 -1.46
C HIS A 9 1.42 15.49 -0.58
N VAL A 10 2.29 14.49 -0.41
CA VAL A 10 2.01 13.30 0.40
C VAL A 10 3.00 13.30 1.57
N THR A 11 2.58 13.93 2.65
CA THR A 11 3.34 14.17 3.86
C THR A 11 3.41 12.93 4.77
N GLN A 12 4.37 12.97 5.70
CA GLN A 12 4.68 11.92 6.68
C GLN A 12 3.44 11.25 7.27
N ASP A 13 2.46 12.03 7.70
CA ASP A 13 1.24 11.49 8.32
C ASP A 13 0.52 10.54 7.36
N LEU A 14 0.33 10.98 6.12
CA LEU A 14 -0.33 10.20 5.09
C LEU A 14 0.52 8.97 4.79
N ARG A 15 1.83 9.16 4.60
CA ARG A 15 2.74 8.04 4.37
C ARG A 15 2.59 6.99 5.47
N SER A 16 2.64 7.42 6.73
CA SER A 16 2.51 6.57 7.90
C SER A 16 1.17 5.84 7.87
N HIS A 17 0.07 6.55 7.57
CA HIS A 17 -1.23 5.91 7.46
C HIS A 17 -1.18 4.83 6.38
N LEU A 18 -0.60 5.11 5.21
CA LEU A 18 -0.49 4.12 4.15
C LEU A 18 0.34 2.91 4.63
N VAL A 19 1.43 3.15 5.37
CA VAL A 19 2.19 2.06 5.97
C VAL A 19 1.24 1.26 6.86
N HIS A 20 0.41 1.94 7.67
CA HIS A 20 -0.57 1.28 8.52
C HIS A 20 -1.49 0.38 7.69
N LYS A 21 -2.03 0.90 6.59
CA LYS A 21 -2.90 0.13 5.69
C LYS A 21 -2.17 -1.12 5.20
N LEU A 22 -0.91 -0.97 4.74
CA LEU A 22 -0.11 -2.10 4.29
C LEU A 22 0.01 -3.14 5.41
N VAL A 23 0.47 -2.70 6.59
CA VAL A 23 0.64 -3.59 7.74
C VAL A 23 -0.68 -4.30 8.05
N GLN A 24 -1.80 -3.57 8.12
CA GLN A 24 -3.10 -4.16 8.36
C GLN A 24 -3.43 -5.22 7.30
N ALA A 25 -3.20 -4.92 6.02
CA ALA A 25 -3.47 -5.86 4.94
C ALA A 25 -2.63 -7.14 5.12
N ILE A 26 -1.35 -6.97 5.45
CA ILE A 26 -0.44 -8.09 5.67
C ILE A 26 -0.87 -8.89 6.91
N PHE A 27 -1.27 -8.19 7.97
CA PHE A 27 -1.58 -8.75 9.27
C PHE A 27 -2.57 -7.81 9.98
N PRO A 28 -3.87 -8.13 10.02
CA PRO A 28 -4.91 -7.32 10.65
C PRO A 28 -4.51 -6.73 12.01
N THR A 29 -4.10 -5.46 12.00
CA THR A 29 -3.67 -4.74 13.19
C THR A 29 -4.83 -3.85 13.66
N PRO A 30 -5.23 -3.93 14.94
CA PRO A 30 -6.33 -3.18 15.49
C PRO A 30 -5.98 -1.71 15.77
N ASP A 31 -4.79 -1.45 16.31
CA ASP A 31 -4.33 -0.13 16.71
C ASP A 31 -2.82 -0.02 16.51
N PRO A 32 -2.30 1.15 16.08
CA PRO A 32 -0.88 1.41 15.90
C PRO A 32 0.03 0.82 16.98
N ALA A 33 -0.36 0.89 18.25
CA ALA A 33 0.43 0.35 19.34
C ALA A 33 0.80 -1.12 19.10
N ALA A 34 -0.15 -1.92 18.61
CA ALA A 34 0.07 -3.33 18.38
C ALA A 34 1.22 -3.59 17.40
N LEU A 35 1.29 -2.82 16.31
CA LEU A 35 2.35 -3.02 15.33
C LEU A 35 3.76 -2.70 15.84
N LYS A 36 3.89 -2.16 17.06
CA LYS A 36 5.21 -1.89 17.64
C LYS A 36 5.84 -3.20 18.14
N ASP A 37 5.07 -4.29 18.25
CA ASP A 37 5.61 -5.58 18.70
C ASP A 37 6.76 -6.03 17.79
N ARG A 38 7.79 -6.67 18.36
CA ARG A 38 8.97 -7.12 17.62
C ARG A 38 8.62 -7.88 16.33
N ARG A 39 7.68 -8.83 16.37
CA ARG A 39 7.28 -9.57 15.18
C ARG A 39 6.72 -8.59 14.16
N MET A 40 5.70 -7.84 14.57
CA MET A 40 5.04 -6.86 13.72
C MET A 40 6.06 -5.91 13.09
N GLU A 41 7.06 -5.48 13.84
CA GLU A 41 8.09 -4.57 13.37
C GLU A 41 8.71 -5.05 12.04
N ASN A 42 8.81 -6.36 11.83
CA ASN A 42 9.32 -6.90 10.57
C ASN A 42 8.37 -6.54 9.43
N LEU A 43 7.06 -6.67 9.70
CA LEU A 43 6.01 -6.36 8.75
C LEU A 43 5.99 -4.85 8.50
N VAL A 44 6.15 -4.07 9.57
CA VAL A 44 6.24 -2.61 9.49
C VAL A 44 7.43 -2.24 8.59
N ALA A 45 8.60 -2.83 8.82
CA ALA A 45 9.79 -2.60 8.01
C ALA A 45 9.49 -2.89 6.54
N TYR A 46 8.96 -4.08 6.24
CA TYR A 46 8.59 -4.44 4.88
C TYR A 46 7.63 -3.41 4.28
N ALA A 47 6.58 -3.05 5.02
CA ALA A 47 5.59 -2.07 4.60
C ALA A 47 6.25 -0.74 4.27
N LYS A 48 7.15 -0.25 5.13
CA LYS A 48 7.88 0.98 4.87
C LYS A 48 8.71 0.84 3.60
N LYS A 49 9.41 -0.29 3.44
CA LYS A 49 10.20 -0.55 2.25
C LYS A 49 9.33 -0.43 1.00
N VAL A 50 8.20 -1.14 0.97
CA VAL A 50 7.27 -1.09 -0.14
C VAL A 50 6.82 0.36 -0.36
N GLU A 51 6.34 1.02 0.69
CA GLU A 51 5.87 2.39 0.61
C GLU A 51 6.93 3.28 -0.04
N GLY A 52 8.17 3.24 0.45
CA GLY A 52 9.27 4.01 -0.08
C GLY A 52 9.50 3.70 -1.55
N ASP A 53 9.62 2.40 -1.88
CA ASP A 53 9.81 1.94 -3.24
C ASP A 53 8.75 2.54 -4.17
N MET A 54 7.47 2.39 -3.80
CA MET A 54 6.37 2.93 -4.57
C MET A 54 6.52 4.45 -4.69
N TYR A 55 6.64 5.13 -3.55
CA TYR A 55 6.77 6.58 -3.44
C TYR A 55 7.81 7.13 -4.42
N GLU A 56 8.99 6.50 -4.48
CA GLU A 56 10.07 6.94 -5.35
C GLU A 56 10.06 6.30 -6.74
N SER A 57 8.99 5.58 -7.12
CA SER A 57 8.88 4.93 -8.42
C SER A 57 7.65 5.45 -9.17
N ALA A 58 6.48 5.35 -8.54
CA ALA A 58 5.20 5.82 -9.07
C ALA A 58 5.31 7.29 -9.47
N ASN A 59 5.31 7.61 -10.77
CA ASN A 59 5.43 8.97 -11.24
C ASN A 59 4.07 9.70 -11.22
N SER A 60 3.30 9.52 -10.15
CA SER A 60 1.99 10.12 -9.89
C SER A 60 1.43 9.54 -8.59
N ARG A 61 0.68 10.35 -7.84
CA ARG A 61 0.00 9.88 -6.63
C ARG A 61 -0.94 8.72 -7.02
N ASP A 62 -1.58 8.83 -8.19
CA ASP A 62 -2.47 7.80 -8.73
C ASP A 62 -1.74 6.46 -8.79
N GLU A 63 -0.57 6.44 -9.47
CA GLU A 63 0.26 5.26 -9.60
C GLU A 63 0.54 4.69 -8.20
N TYR A 64 0.99 5.56 -7.30
CA TYR A 64 1.31 5.18 -5.92
C TYR A 64 0.11 4.50 -5.24
N TYR A 65 -1.02 5.19 -5.13
CA TYR A 65 -2.24 4.63 -4.53
C TYR A 65 -2.63 3.32 -5.19
N HIS A 66 -2.68 3.31 -6.52
CA HIS A 66 -3.03 2.14 -7.31
C HIS A 66 -2.13 0.97 -6.95
N LEU A 67 -0.82 1.18 -6.95
CA LEU A 67 0.13 0.12 -6.66
C LEU A 67 -0.02 -0.34 -5.20
N LEU A 68 -0.18 0.60 -4.26
CA LEU A 68 -0.38 0.24 -2.86
C LEU A 68 -1.63 -0.63 -2.70
N ALA A 69 -2.77 -0.19 -3.22
CA ALA A 69 -4.02 -0.95 -3.15
C ALA A 69 -3.85 -2.30 -3.86
N GLU A 70 -3.16 -2.31 -5.01
CA GLU A 70 -2.87 -3.52 -5.76
C GLU A 70 -2.12 -4.51 -4.87
N LYS A 71 -1.04 -4.04 -4.20
CA LYS A 71 -0.30 -4.87 -3.27
C LYS A 71 -1.23 -5.36 -2.17
N ILE A 72 -1.92 -4.45 -1.47
CA ILE A 72 -2.84 -4.79 -0.40
C ILE A 72 -3.75 -5.96 -0.81
N TYR A 73 -4.36 -5.86 -1.99
CA TYR A 73 -5.24 -6.91 -2.46
C TYR A 73 -4.49 -8.22 -2.63
N LYS A 74 -3.45 -8.22 -3.47
CA LYS A 74 -2.69 -9.42 -3.79
C LYS A 74 -2.15 -10.10 -2.54
N ILE A 75 -1.64 -9.31 -1.60
CA ILE A 75 -1.13 -9.81 -0.35
C ILE A 75 -2.17 -10.68 0.38
N GLN A 76 -3.46 -10.48 0.07
CA GLN A 76 -4.54 -11.28 0.59
C GLN A 76 -5.03 -12.24 -0.51
N LYS A 77 -5.73 -11.70 -1.51
CA LYS A 77 -6.38 -12.42 -2.60
C LYS A 77 -5.45 -13.18 -3.55
N GLU A 78 -4.18 -12.81 -3.70
CA GLU A 78 -3.25 -13.56 -4.55
C GLU A 78 -2.61 -14.64 -3.69
N LEU A 79 -2.07 -14.19 -2.56
CA LEU A 79 -1.35 -15.00 -1.61
C LEU A 79 -2.20 -16.15 -1.05
N GLU A 80 -3.47 -15.92 -0.71
CA GLU A 80 -4.31 -16.99 -0.16
C GLU A 80 -4.44 -18.17 -1.11
N GLU A 81 -4.78 -17.89 -2.36
CA GLU A 81 -5.06 -18.94 -3.32
C GLU A 81 -3.78 -19.69 -3.69
N THR B 1 4.72 -4.95 -19.18
CA THR B 1 5.04 -6.31 -18.75
C THR B 1 4.34 -6.60 -17.43
N ASP B 2 4.99 -6.29 -16.29
CA ASP B 2 4.36 -6.48 -14.99
C ASP B 2 3.06 -5.67 -14.93
N SER B 3 3.07 -4.49 -15.55
CA SER B 3 1.95 -3.59 -15.71
C SER B 3 0.78 -4.36 -16.33
N GLN B 4 1.05 -5.00 -17.48
CA GLN B 4 0.08 -5.80 -18.19
C GLN B 4 -0.43 -6.91 -17.26
N LYS B 5 0.47 -7.68 -16.64
CA LYS B 5 0.09 -8.77 -15.75
C LYS B 5 -0.86 -8.30 -14.64
N ARG B 6 -0.42 -7.32 -13.83
CA ARG B 6 -1.21 -6.83 -12.72
C ARG B 6 -2.55 -6.26 -13.22
N ARG B 7 -2.53 -5.43 -14.27
CA ARG B 7 -3.78 -4.92 -14.82
C ARG B 7 -4.68 -6.05 -15.31
N GLU B 8 -4.10 -7.11 -15.89
CA GLU B 8 -4.89 -8.25 -16.37
C GLU B 8 -5.66 -8.85 -15.19
N ILE B 9 -5.00 -9.17 -14.07
CA ILE B 9 -5.72 -9.70 -12.91
C ILE B 9 -6.76 -8.68 -12.41
N LEU B 10 -6.44 -7.38 -12.40
CA LEU B 10 -7.43 -6.34 -12.09
C LEU B 10 -8.64 -6.48 -13.03
N SER B 11 -8.40 -6.90 -14.27
CA SER B 11 -9.44 -7.13 -15.28
C SER B 11 -9.98 -8.56 -15.24
N ARG B 12 -9.92 -9.24 -14.09
CA ARG B 12 -10.47 -10.59 -13.89
C ARG B 12 -11.15 -10.64 -12.53
N ARG B 13 -10.45 -10.25 -11.47
CA ARG B 13 -10.98 -10.17 -10.11
C ARG B 13 -10.93 -8.68 -9.73
N PRO B 14 -11.89 -7.85 -10.16
CA PRO B 14 -11.84 -6.41 -9.98
C PRO B 14 -12.06 -5.89 -8.56
N SEP B 15 -12.33 -6.76 -7.57
CA SEP B 15 -12.57 -6.38 -6.18
CB SEP B 15 -12.70 -7.63 -5.31
OG SEP B 15 -13.86 -8.37 -5.69
C SEP B 15 -11.56 -5.36 -5.62
O SEP B 15 -11.92 -4.63 -4.70
P SEP B 15 -13.76 -9.76 -6.48
O1P SEP B 15 -13.04 -10.63 -5.52
O2P SEP B 15 -13.00 -9.40 -7.70
O3P SEP B 15 -15.17 -10.12 -6.71
H SEP B 15 -12.40 -7.75 -7.80
HA SEP B 15 -13.54 -5.88 -6.16
HB2 SEP B 15 -11.82 -8.26 -5.42
HB3 SEP B 15 -12.80 -7.34 -4.27
N TYR B 16 -10.36 -5.26 -6.19
CA TYR B 16 -9.36 -4.24 -5.88
C TYR B 16 -10.02 -2.85 -5.74
N ARG B 17 -11.01 -2.54 -6.58
CA ARG B 17 -11.66 -1.22 -6.54
C ARG B 17 -12.22 -0.91 -5.15
N LYS B 18 -12.67 -1.92 -4.41
CA LYS B 18 -13.16 -1.77 -3.06
C LYS B 18 -12.01 -1.25 -2.18
N ILE B 19 -10.79 -1.77 -2.41
CA ILE B 19 -9.60 -1.34 -1.70
C ILE B 19 -9.22 0.07 -2.17
N LEU B 20 -9.32 0.40 -3.46
CA LEU B 20 -9.05 1.79 -3.89
C LEU B 20 -9.98 2.71 -3.10
N ASN B 21 -11.28 2.40 -3.07
CA ASN B 21 -12.26 3.19 -2.33
C ASN B 21 -11.87 3.30 -0.86
N ASP B 22 -11.66 2.16 -0.19
CA ASP B 22 -11.27 2.12 1.21
C ASP B 22 -10.01 2.95 1.46
N LEU B 23 -8.95 2.67 0.72
CA LEU B 23 -7.66 3.35 0.80
C LEU B 23 -7.86 4.85 0.66
N SER B 24 -8.56 5.28 -0.39
CA SER B 24 -8.85 6.69 -0.65
C SER B 24 -9.65 7.31 0.50
N SER B 25 -10.67 6.60 0.99
CA SER B 25 -11.54 7.10 2.04
C SER B 25 -10.85 7.13 3.41
N ASP B 26 -9.93 6.19 3.67
CA ASP B 26 -9.28 6.06 4.96
C ASP B 26 -8.00 6.89 5.02
N ALA B 27 -7.14 6.75 4.01
CA ALA B 27 -5.90 7.48 3.92
C ALA B 27 -6.14 8.83 3.23
N PRO B 28 -5.94 9.95 3.93
CA PRO B 28 -6.16 11.31 3.42
C PRO B 28 -5.83 11.48 1.95
N GLY A 1 10.54 20.72 -5.26
CA GLY A 1 10.26 19.29 -5.21
C GLY A 1 11.57 18.53 -5.38
N VAL A 2 11.59 17.24 -5.01
CA VAL A 2 12.79 16.40 -5.10
C VAL A 2 12.69 15.34 -6.20
N ARG A 3 11.47 14.97 -6.60
CA ARG A 3 11.25 13.90 -7.55
C ARG A 3 9.95 14.15 -8.32
N LYS A 4 9.38 13.10 -8.92
CA LYS A 4 8.13 13.11 -9.68
C LYS A 4 7.07 13.97 -8.96
N GLY A 5 6.80 15.16 -9.51
CA GLY A 5 5.92 16.22 -9.02
C GLY A 5 4.94 15.85 -7.91
N TRP A 6 4.08 14.85 -8.16
CA TRP A 6 3.06 14.40 -7.23
C TRP A 6 3.54 14.17 -5.79
N HIS A 7 4.77 13.67 -5.64
CA HIS A 7 5.40 13.26 -4.38
C HIS A 7 5.11 14.18 -3.19
N GLU A 8 5.37 15.49 -3.35
CA GLU A 8 5.33 16.47 -2.28
C GLU A 8 3.95 16.59 -1.62
N HIS A 9 2.87 16.27 -2.34
CA HIS A 9 1.54 16.32 -1.75
C HIS A 9 1.40 15.19 -0.73
N VAL A 10 2.02 14.04 -1.00
CA VAL A 10 1.96 12.89 -0.12
C VAL A 10 3.04 13.05 0.95
N THR A 11 2.70 13.85 1.95
CA THR A 11 3.55 14.16 3.09
C THR A 11 3.86 12.90 3.90
N GLN A 12 4.88 12.99 4.75
CA GLN A 12 5.30 11.90 5.60
C GLN A 12 4.14 11.37 6.45
N ASP A 13 3.18 12.23 6.78
CA ASP A 13 1.98 11.87 7.53
C ASP A 13 1.18 10.86 6.72
N LEU A 14 0.82 11.23 5.48
CA LEU A 14 0.07 10.36 4.60
C LEU A 14 0.85 9.07 4.36
N ARG A 15 2.15 9.18 4.06
CA ARG A 15 2.99 8.00 3.86
C ARG A 15 2.92 7.08 5.09
N SER A 16 3.10 7.63 6.30
CA SER A 16 3.06 6.83 7.52
C SER A 16 1.70 6.14 7.65
N HIS A 17 0.61 6.85 7.38
CA HIS A 17 -0.71 6.24 7.42
C HIS A 17 -0.74 5.07 6.42
N LEU A 18 -0.30 5.28 5.19
CA LEU A 18 -0.27 4.21 4.18
C LEU A 18 0.56 3.02 4.69
N VAL A 19 1.72 3.27 5.31
CA VAL A 19 2.53 2.21 5.91
C VAL A 19 1.67 1.43 6.91
N HIS A 20 0.94 2.14 7.79
CA HIS A 20 0.06 1.49 8.74
C HIS A 20 -0.97 0.65 8.00
N LYS A 21 -1.60 1.23 6.97
CA LYS A 21 -2.61 0.55 6.16
C LYS A 21 -2.08 -0.77 5.59
N LEU A 22 -0.87 -0.74 5.00
CA LEU A 22 -0.24 -1.95 4.46
C LEU A 22 -0.23 -3.05 5.53
N VAL A 23 0.07 -2.70 6.79
CA VAL A 23 0.07 -3.65 7.88
C VAL A 23 -1.36 -4.05 8.24
N GLN A 24 -2.24 -3.07 8.51
CA GLN A 24 -3.65 -3.27 8.86
C GLN A 24 -4.30 -4.34 7.96
N ALA A 25 -4.04 -4.25 6.66
CA ALA A 25 -4.57 -5.15 5.65
C ALA A 25 -4.38 -6.64 5.97
N ILE A 26 -3.37 -6.98 6.77
CA ILE A 26 -3.06 -8.35 7.17
C ILE A 26 -3.16 -8.51 8.68
N PHE A 27 -2.58 -7.57 9.44
CA PHE A 27 -2.51 -7.58 10.89
C PHE A 27 -3.31 -6.40 11.46
N PRO A 28 -4.64 -6.52 11.57
CA PRO A 28 -5.49 -5.47 12.11
C PRO A 28 -5.24 -5.34 13.62
N THR A 29 -4.19 -4.61 13.97
CA THR A 29 -3.75 -4.38 15.35
C THR A 29 -4.93 -4.08 16.31
N PRO A 30 -5.08 -4.85 17.40
CA PRO A 30 -6.15 -4.64 18.35
C PRO A 30 -5.86 -3.46 19.28
N ASP A 31 -4.58 -3.15 19.52
CA ASP A 31 -4.14 -2.08 20.40
C ASP A 31 -2.70 -1.71 20.02
N PRO A 32 -2.33 -0.42 20.01
CA PRO A 32 -0.99 0.06 19.71
C PRO A 32 0.15 -0.77 20.32
N ALA A 33 -0.01 -1.27 21.55
CA ALA A 33 0.99 -2.10 22.21
C ALA A 33 1.46 -3.25 21.31
N ALA A 34 0.54 -3.82 20.52
CA ALA A 34 0.87 -4.90 19.59
C ALA A 34 2.01 -4.53 18.65
N LEU A 35 2.19 -3.24 18.34
CA LEU A 35 3.27 -2.77 17.48
C LEU A 35 4.65 -3.21 18.00
N LYS A 36 4.78 -3.40 19.32
CA LYS A 36 6.04 -3.82 19.92
C LYS A 36 6.34 -5.30 19.62
N ASP A 37 5.35 -6.08 19.18
CA ASP A 37 5.55 -7.48 18.83
C ASP A 37 6.47 -7.56 17.61
N ARG A 38 7.45 -8.46 17.66
CA ARG A 38 8.41 -8.67 16.59
C ARG A 38 7.72 -8.82 15.22
N ARG A 39 6.60 -9.54 15.19
CA ARG A 39 5.81 -9.72 13.97
C ARG A 39 5.42 -8.36 13.42
N MET A 40 4.72 -7.56 14.23
CA MET A 40 4.31 -6.23 13.84
C MET A 40 5.51 -5.41 13.41
N GLU A 41 6.58 -5.41 14.19
CA GLU A 41 7.80 -4.69 13.85
C GLU A 41 8.26 -5.06 12.43
N ASN A 42 8.34 -6.37 12.15
CA ASN A 42 8.74 -6.85 10.84
C ASN A 42 7.76 -6.40 9.75
N LEU A 43 6.44 -6.45 10.03
CA LEU A 43 5.43 -6.04 9.06
C LEU A 43 5.57 -4.55 8.76
N VAL A 44 5.78 -3.74 9.81
CA VAL A 44 5.98 -2.31 9.72
C VAL A 44 7.24 -2.05 8.88
N ALA A 45 8.34 -2.74 9.19
CA ALA A 45 9.58 -2.61 8.43
C ALA A 45 9.34 -2.90 6.95
N TYR A 46 8.70 -4.04 6.66
CA TYR A 46 8.37 -4.44 5.30
C TYR A 46 7.55 -3.34 4.62
N ALA A 47 6.47 -2.92 5.28
CA ALA A 47 5.58 -1.87 4.80
C ALA A 47 6.37 -0.60 4.47
N LYS A 48 7.26 -0.16 5.36
CA LYS A 48 8.09 1.02 5.11
C LYS A 48 8.93 0.83 3.84
N LYS A 49 9.63 -0.31 3.72
CA LYS A 49 10.43 -0.56 2.53
C LYS A 49 9.57 -0.51 1.26
N VAL A 50 8.43 -1.21 1.26
CA VAL A 50 7.51 -1.22 0.13
C VAL A 50 7.09 0.22 -0.19
N GLU A 51 6.57 0.94 0.80
CA GLU A 51 6.11 2.31 0.67
C GLU A 51 7.22 3.17 0.06
N GLY A 52 8.44 3.06 0.59
CA GLY A 52 9.61 3.78 0.11
C GLY A 52 9.81 3.50 -1.37
N ASP A 53 9.96 2.21 -1.72
CA ASP A 53 10.12 1.80 -3.11
C ASP A 53 9.04 2.45 -3.98
N MET A 54 7.78 2.34 -3.56
CA MET A 54 6.64 2.91 -4.27
C MET A 54 6.86 4.42 -4.50
N TYR A 55 7.08 5.16 -3.41
CA TYR A 55 7.31 6.59 -3.42
C TYR A 55 8.50 6.96 -4.32
N GLU A 56 9.50 6.08 -4.40
CA GLU A 56 10.70 6.25 -5.21
C GLU A 56 10.51 5.79 -6.67
N SER A 57 9.35 5.27 -7.05
CA SER A 57 9.14 4.72 -8.38
C SER A 57 7.90 5.28 -9.08
N ALA A 58 6.74 5.20 -8.44
CA ALA A 58 5.48 5.68 -9.01
C ALA A 58 5.62 7.10 -9.56
N ASN A 59 5.20 7.34 -10.80
CA ASN A 59 5.32 8.62 -11.46
C ASN A 59 4.04 9.43 -11.32
N SER A 60 3.06 8.93 -10.55
CA SER A 60 1.80 9.61 -10.33
C SER A 60 1.20 9.11 -9.02
N ARG A 61 0.40 9.95 -8.36
CA ARG A 61 -0.30 9.58 -7.15
C ARG A 61 -1.25 8.42 -7.43
N ASP A 62 -1.81 8.43 -8.65
CA ASP A 62 -2.69 7.40 -9.16
C ASP A 62 -1.94 6.07 -9.20
N GLU A 63 -0.79 6.05 -9.89
CA GLU A 63 0.05 4.87 -10.00
C GLU A 63 0.43 4.40 -8.60
N TYR A 64 0.84 5.32 -7.74
CA TYR A 64 1.20 5.04 -6.36
C TYR A 64 0.06 4.31 -5.64
N TYR A 65 -1.12 4.93 -5.54
CA TYR A 65 -2.29 4.31 -4.90
C TYR A 65 -2.61 2.96 -5.53
N HIS A 66 -2.65 2.92 -6.87
CA HIS A 66 -2.91 1.72 -7.64
C HIS A 66 -1.95 0.61 -7.22
N LEU A 67 -0.65 0.89 -7.16
CA LEU A 67 0.34 -0.10 -6.77
C LEU A 67 0.19 -0.49 -5.30
N LEU A 68 -0.09 0.45 -4.39
CA LEU A 68 -0.28 0.13 -2.98
C LEU A 68 -1.48 -0.81 -2.81
N ALA A 69 -2.64 -0.44 -3.36
CA ALA A 69 -3.83 -1.27 -3.27
C ALA A 69 -3.61 -2.61 -4.01
N GLU A 70 -2.92 -2.58 -5.15
CA GLU A 70 -2.58 -3.80 -5.87
C GLU A 70 -1.75 -4.70 -4.94
N LYS A 71 -0.73 -4.15 -4.29
CA LYS A 71 0.09 -4.89 -3.34
C LYS A 71 -0.82 -5.50 -2.29
N ILE A 72 -1.66 -4.69 -1.63
CA ILE A 72 -2.60 -5.22 -0.64
C ILE A 72 -3.37 -6.40 -1.22
N TYR A 73 -3.94 -6.25 -2.42
CA TYR A 73 -4.66 -7.32 -3.09
C TYR A 73 -3.79 -8.57 -3.17
N LYS A 74 -2.61 -8.47 -3.79
CA LYS A 74 -1.70 -9.61 -3.95
C LYS A 74 -1.41 -10.24 -2.60
N ILE A 75 -0.96 -9.43 -1.67
CA ILE A 75 -0.59 -9.87 -0.34
C ILE A 75 -1.73 -10.62 0.36
N GLN A 76 -2.98 -10.41 -0.07
CA GLN A 76 -4.11 -11.14 0.46
C GLN A 76 -4.47 -12.30 -0.48
N LYS A 77 -4.96 -11.96 -1.67
CA LYS A 77 -5.48 -12.81 -2.71
C LYS A 77 -4.45 -13.74 -3.36
N GLU A 78 -3.24 -13.25 -3.64
CA GLU A 78 -2.20 -14.06 -4.27
C GLU A 78 -1.59 -14.96 -3.21
N LEU A 79 -1.30 -14.35 -2.07
CA LEU A 79 -0.62 -14.94 -0.93
C LEU A 79 -1.52 -15.76 0.00
N GLU A 80 -2.76 -16.05 -0.41
CA GLU A 80 -3.69 -16.85 0.37
C GLU A 80 -3.08 -18.17 0.83
N GLU A 81 -3.64 -18.71 1.91
CA GLU A 81 -3.26 -20.03 2.38
C GLU A 81 -3.96 -21.08 1.52
N THR B 1 4.89 -1.48 -17.18
CA THR B 1 4.45 -2.62 -17.96
C THR B 1 3.72 -3.60 -17.03
N ASP B 2 4.47 -4.23 -16.13
CA ASP B 2 3.99 -5.19 -15.16
C ASP B 2 2.70 -4.70 -14.50
N SER B 3 2.73 -3.48 -13.98
CA SER B 3 1.59 -2.82 -13.36
C SER B 3 0.34 -2.89 -14.23
N GLN B 4 0.51 -2.69 -15.54
CA GLN B 4 -0.58 -2.72 -16.49
C GLN B 4 -1.04 -4.15 -16.73
N LYS B 5 -0.11 -5.09 -16.93
CA LYS B 5 -0.47 -6.50 -17.11
C LYS B 5 -1.29 -6.97 -15.89
N ARG B 6 -0.80 -6.63 -14.70
CA ARG B 6 -1.48 -6.90 -13.46
C ARG B 6 -2.86 -6.24 -13.51
N ARG B 7 -2.95 -4.94 -13.75
CA ARG B 7 -4.24 -4.26 -13.82
C ARG B 7 -5.20 -5.01 -14.75
N GLU B 8 -4.80 -5.31 -15.98
CA GLU B 8 -5.59 -6.01 -16.97
C GLU B 8 -6.17 -7.32 -16.40
N ILE B 9 -5.30 -8.23 -15.95
CA ILE B 9 -5.74 -9.53 -15.43
C ILE B 9 -6.51 -9.36 -14.13
N LEU B 10 -5.97 -8.63 -13.16
CA LEU B 10 -6.62 -8.43 -11.89
C LEU B 10 -8.01 -7.82 -12.06
N SER B 11 -8.23 -6.93 -13.04
CA SER B 11 -9.56 -6.40 -13.30
C SER B 11 -10.58 -7.51 -13.59
N ARG B 12 -10.13 -8.72 -13.96
CA ARG B 12 -10.99 -9.88 -14.16
C ARG B 12 -11.69 -10.24 -12.83
N ARG B 13 -11.00 -10.00 -11.70
CA ARG B 13 -11.48 -10.16 -10.33
C ARG B 13 -11.31 -8.79 -9.67
N PRO B 14 -12.25 -7.85 -9.90
CA PRO B 14 -12.11 -6.46 -9.49
C PRO B 14 -12.20 -6.17 -7.99
N SEP B 15 -12.02 -7.15 -7.10
CA SEP B 15 -12.07 -6.89 -5.66
CB SEP B 15 -11.79 -8.17 -4.86
OG SEP B 15 -12.88 -9.07 -4.94
C SEP B 15 -11.14 -5.74 -5.26
O SEP B 15 -11.49 -4.96 -4.38
P SEP B 15 -12.85 -10.37 -5.90
O1P SEP B 15 -12.45 -9.81 -7.21
O2P SEP B 15 -14.24 -10.87 -5.83
O3P SEP B 15 -11.85 -11.24 -5.26
H SEP B 15 -11.86 -8.10 -7.42
HA SEP B 15 -13.08 -6.58 -5.44
HB2 SEP B 15 -10.85 -8.65 -5.15
HB3 SEP B 15 -11.69 -7.88 -3.80
N TYR B 16 -9.98 -5.60 -5.92
CA TYR B 16 -9.07 -4.51 -5.63
C TYR B 16 -9.70 -3.12 -5.78
N ARG B 17 -10.78 -2.96 -6.53
CA ARG B 17 -11.43 -1.65 -6.64
C ARG B 17 -12.00 -1.26 -5.27
N LYS B 18 -12.53 -2.23 -4.52
CA LYS B 18 -13.00 -1.99 -3.17
C LYS B 18 -11.80 -1.58 -2.31
N ILE B 19 -10.65 -2.22 -2.55
CA ILE B 19 -9.42 -1.92 -1.84
C ILE B 19 -8.96 -0.50 -2.18
N LEU B 20 -9.02 -0.06 -3.45
CA LEU B 20 -8.68 1.32 -3.82
C LEU B 20 -9.57 2.26 -3.02
N ASN B 21 -10.89 2.04 -3.08
CA ASN B 21 -11.84 2.87 -2.35
C ASN B 21 -11.50 2.93 -0.87
N ASP B 22 -11.37 1.76 -0.23
CA ASP B 22 -11.05 1.64 1.17
C ASP B 22 -9.74 2.36 1.51
N LEU B 23 -8.70 2.14 0.70
CA LEU B 23 -7.39 2.76 0.86
C LEU B 23 -7.56 4.28 0.86
N SER B 24 -8.28 4.80 -0.13
CA SER B 24 -8.57 6.23 -0.26
C SER B 24 -9.39 6.73 0.93
N SER B 25 -10.33 5.91 1.42
CA SER B 25 -11.19 6.27 2.53
C SER B 25 -10.39 6.37 3.83
N ASP B 26 -9.51 5.39 4.09
CA ASP B 26 -8.73 5.35 5.31
C ASP B 26 -7.60 6.37 5.24
N ALA B 27 -6.79 6.29 4.18
CA ALA B 27 -5.67 7.16 3.94
C ALA B 27 -6.02 8.25 2.93
N PRO B 28 -6.03 9.53 3.35
CA PRO B 28 -6.31 10.68 2.49
C PRO B 28 -5.67 10.58 1.10
N GLY A 1 17.16 15.33 -3.09
CA GLY A 1 16.65 14.00 -2.79
C GLY A 1 15.15 13.91 -3.06
N VAL A 2 14.73 14.45 -4.21
CA VAL A 2 13.34 14.45 -4.65
C VAL A 2 13.00 13.16 -5.40
N ARG A 3 11.81 13.14 -5.97
CA ARG A 3 11.18 12.09 -6.73
C ARG A 3 10.36 12.77 -7.83
N LYS A 4 9.59 12.00 -8.60
CA LYS A 4 8.71 12.55 -9.61
C LYS A 4 7.71 13.49 -8.91
N GLY A 5 7.51 14.68 -9.48
CA GLY A 5 6.72 15.80 -8.98
C GLY A 5 5.66 15.47 -7.93
N TRP A 6 4.79 14.51 -8.22
CA TRP A 6 3.70 14.09 -7.35
C TRP A 6 4.14 13.87 -5.88
N HIS A 7 5.34 13.33 -5.67
CA HIS A 7 5.87 12.97 -4.36
C HIS A 7 5.57 13.98 -3.26
N GLU A 8 5.87 15.26 -3.48
CA GLU A 8 5.73 16.29 -2.47
C GLU A 8 4.28 16.48 -2.01
N HIS A 9 3.30 16.14 -2.85
CA HIS A 9 1.90 16.23 -2.46
C HIS A 9 1.58 15.12 -1.46
N VAL A 10 2.26 13.97 -1.59
CA VAL A 10 2.07 12.83 -0.70
C VAL A 10 3.07 12.97 0.46
N THR A 11 2.65 13.78 1.43
CA THR A 11 3.42 14.14 2.61
C THR A 11 3.50 12.99 3.62
N GLN A 12 4.44 13.13 4.56
CA GLN A 12 4.72 12.18 5.63
C GLN A 12 3.45 11.65 6.30
N ASP A 13 2.48 12.52 6.58
CA ASP A 13 1.24 12.10 7.24
C ASP A 13 0.55 11.01 6.43
N LEU A 14 0.33 11.29 5.14
CA LEU A 14 -0.30 10.36 4.23
C LEU A 14 0.54 9.09 4.12
N ARG A 15 1.86 9.22 3.94
CA ARG A 15 2.74 8.05 3.88
C ARG A 15 2.59 7.19 5.13
N SER A 16 2.60 7.83 6.31
CA SER A 16 2.45 7.15 7.59
C SER A 16 1.12 6.42 7.64
N HIS A 17 0.03 7.10 7.26
CA HIS A 17 -1.29 6.47 7.22
C HIS A 17 -1.24 5.25 6.31
N LEU A 18 -0.67 5.38 5.11
CA LEU A 18 -0.57 4.27 4.18
C LEU A 18 0.21 3.12 4.80
N VAL A 19 1.32 3.39 5.49
CA VAL A 19 2.07 2.36 6.23
C VAL A 19 1.12 1.67 7.21
N HIS A 20 0.34 2.43 7.98
CA HIS A 20 -0.62 1.85 8.90
C HIS A 20 -1.62 0.97 8.15
N LYS A 21 -2.13 1.46 7.02
CA LYS A 21 -3.09 0.75 6.19
C LYS A 21 -2.48 -0.61 5.75
N LEU A 22 -1.24 -0.59 5.25
CA LEU A 22 -0.53 -1.80 4.86
C LEU A 22 -0.47 -2.75 6.05
N VAL A 23 0.03 -2.27 7.20
CA VAL A 23 0.13 -3.10 8.39
C VAL A 23 -1.23 -3.71 8.72
N GLN A 24 -2.29 -2.90 8.87
CA GLN A 24 -3.62 -3.43 9.18
C GLN A 24 -4.08 -4.46 8.16
N ALA A 25 -3.86 -4.20 6.86
CA ALA A 25 -4.24 -5.13 5.83
C ALA A 25 -3.52 -6.47 5.99
N ILE A 26 -2.22 -6.43 6.30
CA ILE A 26 -1.42 -7.63 6.50
C ILE A 26 -1.88 -8.33 7.78
N PHE A 27 -1.78 -7.63 8.92
CA PHE A 27 -2.14 -8.06 10.27
C PHE A 27 -3.05 -6.98 10.85
N PRO A 28 -4.36 -7.23 11.04
CA PRO A 28 -5.28 -6.26 11.59
C PRO A 28 -5.00 -6.04 13.09
N THR A 29 -3.94 -5.29 13.40
CA THR A 29 -3.50 -5.03 14.76
C THR A 29 -4.66 -4.52 15.62
N PRO A 30 -4.97 -5.18 16.75
CA PRO A 30 -6.05 -4.80 17.64
C PRO A 30 -5.65 -3.62 18.54
N ASP A 31 -4.41 -3.60 19.02
CA ASP A 31 -3.89 -2.58 19.92
C ASP A 31 -2.41 -2.31 19.61
N PRO A 32 -1.98 -1.03 19.55
CA PRO A 32 -0.59 -0.64 19.31
C PRO A 32 0.46 -1.46 20.04
N ALA A 33 0.19 -1.88 21.29
CA ALA A 33 1.14 -2.68 22.07
C ALA A 33 1.67 -3.88 21.26
N ALA A 34 0.82 -4.50 20.43
CA ALA A 34 1.24 -5.62 19.61
C ALA A 34 2.45 -5.28 18.73
N LEU A 35 2.54 -4.02 18.28
CA LEU A 35 3.65 -3.55 17.45
C LEU A 35 5.01 -3.74 18.14
N LYS A 36 5.02 -3.83 19.48
CA LYS A 36 6.25 -4.04 20.22
C LYS A 36 6.84 -5.44 19.95
N ASP A 37 6.04 -6.41 19.48
CA ASP A 37 6.55 -7.74 19.18
C ASP A 37 7.57 -7.64 18.03
N ARG A 38 8.70 -8.35 18.13
CA ARG A 38 9.75 -8.30 17.12
C ARG A 38 9.24 -8.62 15.72
N ARG A 39 8.50 -9.72 15.57
CA ARG A 39 7.98 -10.10 14.25
C ARG A 39 7.02 -9.01 13.74
N MET A 40 6.16 -8.50 14.61
CA MET A 40 5.26 -7.43 14.23
C MET A 40 6.09 -6.21 13.77
N GLU A 41 7.14 -5.87 14.51
CA GLU A 41 8.06 -4.79 14.17
C GLU A 41 8.68 -5.07 12.80
N ASN A 42 8.99 -6.34 12.50
CA ASN A 42 9.51 -6.71 11.18
C ASN A 42 8.45 -6.42 10.11
N LEU A 43 7.17 -6.74 10.38
CA LEU A 43 6.09 -6.45 9.44
C LEU A 43 5.97 -4.94 9.24
N VAL A 44 6.04 -4.17 10.33
CA VAL A 44 6.02 -2.71 10.27
C VAL A 44 7.17 -2.23 9.37
N ALA A 45 8.39 -2.70 9.62
CA ALA A 45 9.56 -2.35 8.83
C ALA A 45 9.33 -2.71 7.36
N TYR A 46 8.79 -3.89 7.08
CA TYR A 46 8.47 -4.31 5.73
C TYR A 46 7.50 -3.32 5.08
N ALA A 47 6.40 -2.98 5.77
CA ALA A 47 5.43 -2.02 5.28
C ALA A 47 6.11 -0.69 4.96
N LYS A 48 6.98 -0.23 5.86
CA LYS A 48 7.73 1.02 5.68
C LYS A 48 8.64 0.92 4.44
N LYS A 49 9.33 -0.21 4.29
CA LYS A 49 10.20 -0.47 3.15
C LYS A 49 9.36 -0.38 1.87
N VAL A 50 8.21 -1.06 1.83
CA VAL A 50 7.31 -1.03 0.69
C VAL A 50 6.90 0.42 0.41
N GLU A 51 6.44 1.15 1.43
CA GLU A 51 6.06 2.55 1.29
C GLU A 51 7.19 3.33 0.61
N GLY A 52 8.40 3.27 1.17
CA GLY A 52 9.55 3.96 0.60
C GLY A 52 9.80 3.56 -0.85
N ASP A 53 9.87 2.25 -1.10
CA ASP A 53 10.09 1.68 -2.42
C ASP A 53 9.10 2.26 -3.42
N MET A 54 7.80 2.16 -3.13
CA MET A 54 6.74 2.66 -3.99
C MET A 54 6.89 4.17 -4.16
N TYR A 55 7.09 4.90 -3.07
CA TYR A 55 7.25 6.34 -3.07
C TYR A 55 8.36 6.75 -4.05
N GLU A 56 9.45 5.99 -4.09
CA GLU A 56 10.55 6.23 -5.02
C GLU A 56 10.20 5.86 -6.45
N SER A 57 9.91 4.58 -6.62
CA SER A 57 9.61 3.94 -7.87
C SER A 57 8.50 4.62 -8.69
N ALA A 58 7.37 4.90 -8.06
CA ALA A 58 6.18 5.37 -8.77
C ALA A 58 6.37 6.72 -9.46
N ASN A 59 5.99 6.79 -10.73
CA ASN A 59 6.06 7.99 -11.56
C ASN A 59 4.85 8.90 -11.28
N SER A 60 3.80 8.38 -10.65
CA SER A 60 2.61 9.14 -10.31
C SER A 60 2.00 8.57 -9.03
N ARG A 61 1.24 9.43 -8.34
CA ARG A 61 0.43 9.05 -7.19
C ARG A 61 -0.53 7.94 -7.62
N ASP A 62 -0.99 7.97 -8.87
CA ASP A 62 -1.89 6.97 -9.42
C ASP A 62 -1.20 5.60 -9.36
N GLU A 63 -0.01 5.51 -9.96
CA GLU A 63 0.78 4.30 -9.98
C GLU A 63 1.01 3.82 -8.54
N TYR A 64 1.54 4.70 -7.70
CA TYR A 64 1.78 4.44 -6.29
C TYR A 64 0.55 3.79 -5.64
N TYR A 65 -0.60 4.48 -5.73
CA TYR A 65 -1.89 4.03 -5.22
C TYR A 65 -2.22 2.63 -5.74
N HIS A 66 -2.17 2.43 -7.06
CA HIS A 66 -2.44 1.12 -7.64
C HIS A 66 -1.55 0.07 -6.99
N LEU A 67 -0.23 0.30 -7.00
CA LEU A 67 0.73 -0.66 -6.47
C LEU A 67 0.49 -0.96 -4.99
N LEU A 68 0.22 0.04 -4.15
CA LEU A 68 -0.04 -0.20 -2.74
C LEU A 68 -1.26 -1.10 -2.55
N ALA A 69 -2.39 -0.69 -3.13
CA ALA A 69 -3.62 -1.45 -3.01
C ALA A 69 -3.48 -2.84 -3.67
N GLU A 70 -2.74 -2.91 -4.77
CA GLU A 70 -2.44 -4.15 -5.47
C GLU A 70 -1.69 -5.10 -4.54
N LYS A 71 -0.67 -4.59 -3.83
CA LYS A 71 0.03 -5.41 -2.85
C LYS A 71 -0.98 -5.95 -1.84
N ILE A 72 -1.81 -5.09 -1.25
CA ILE A 72 -2.83 -5.54 -0.30
C ILE A 72 -3.66 -6.68 -0.90
N TYR A 73 -4.19 -6.48 -2.11
CA TYR A 73 -4.99 -7.49 -2.78
C TYR A 73 -4.23 -8.81 -2.87
N LYS A 74 -3.06 -8.77 -3.53
CA LYS A 74 -2.22 -9.93 -3.74
C LYS A 74 -1.91 -10.64 -2.43
N ILE A 75 -1.51 -9.90 -1.41
CA ILE A 75 -1.15 -10.49 -0.14
C ILE A 75 -2.25 -11.39 0.42
N GLN A 76 -3.50 -11.21 -0.02
CA GLN A 76 -4.59 -12.07 0.37
C GLN A 76 -4.93 -13.02 -0.78
N LYS A 77 -5.41 -12.47 -1.89
CA LYS A 77 -5.89 -13.26 -3.01
C LYS A 77 -4.81 -14.04 -3.76
N GLU A 78 -3.61 -13.47 -3.93
CA GLU A 78 -2.54 -14.16 -4.64
C GLU A 78 -1.87 -15.16 -3.71
N LEU A 79 -1.50 -14.65 -2.55
CA LEU A 79 -0.73 -15.37 -1.55
C LEU A 79 -1.55 -16.43 -0.82
N GLU A 80 -2.71 -16.09 -0.27
CA GLU A 80 -3.52 -17.04 0.47
C GLU A 80 -4.47 -17.78 -0.46
N GLU A 81 -5.32 -17.04 -1.18
CA GLU A 81 -6.29 -17.64 -2.07
C GLU A 81 -5.64 -18.01 -3.41
N THR B 1 3.63 -3.30 -21.34
CA THR B 1 3.24 -4.62 -20.92
C THR B 1 2.75 -4.59 -19.47
N ASP B 2 3.69 -4.61 -18.51
CA ASP B 2 3.42 -4.63 -17.08
C ASP B 2 2.41 -3.56 -16.67
N SER B 3 2.57 -2.36 -17.22
CA SER B 3 1.71 -1.22 -17.00
C SER B 3 0.24 -1.52 -17.33
N GLN B 4 -0.01 -2.42 -18.30
CA GLN B 4 -1.35 -2.82 -18.65
C GLN B 4 -1.74 -4.03 -17.80
N LYS B 5 -0.88 -5.06 -17.77
CA LYS B 5 -1.11 -6.30 -17.04
C LYS B 5 -1.56 -6.05 -15.60
N ARG B 6 -0.84 -5.18 -14.88
CA ARG B 6 -1.15 -4.85 -13.50
C ARG B 6 -2.58 -4.33 -13.31
N ARG B 7 -3.17 -3.77 -14.37
CA ARG B 7 -4.53 -3.25 -14.35
C ARG B 7 -5.52 -4.31 -14.84
N GLU B 8 -5.22 -4.88 -16.01
CA GLU B 8 -6.07 -5.80 -16.74
C GLU B 8 -6.69 -6.92 -15.88
N ILE B 9 -5.93 -7.96 -15.55
CA ILE B 9 -6.46 -9.11 -14.81
C ILE B 9 -7.05 -8.63 -13.48
N LEU B 10 -6.31 -7.77 -12.79
CA LEU B 10 -6.70 -7.23 -11.49
C LEU B 10 -8.05 -6.50 -11.56
N SER B 11 -8.33 -5.79 -12.66
CA SER B 11 -9.59 -5.10 -12.81
C SER B 11 -10.71 -6.14 -12.88
N ARG B 12 -10.47 -7.31 -13.48
CA ARG B 12 -11.43 -8.41 -13.49
C ARG B 12 -11.38 -9.16 -12.14
N ARG B 13 -11.36 -8.44 -11.02
CA ARG B 13 -11.35 -8.94 -9.65
C ARG B 13 -11.89 -7.78 -8.82
N PRO B 14 -13.22 -7.57 -8.80
CA PRO B 14 -13.86 -6.46 -8.11
C PRO B 14 -13.31 -6.13 -6.72
N SEP B 15 -12.89 -7.15 -5.96
CA SEP B 15 -12.29 -7.02 -4.65
CB SEP B 15 -11.99 -8.43 -4.15
OG SEP B 15 -11.67 -9.26 -5.27
C SEP B 15 -11.05 -6.09 -4.68
O SEP B 15 -10.87 -5.28 -3.78
P SEP B 15 -11.72 -10.86 -5.17
O1P SEP B 15 -13.13 -11.16 -5.51
O2P SEP B 15 -11.36 -11.11 -3.76
O3P SEP B 15 -10.71 -11.28 -6.16
H SEP B 15 -12.94 -8.10 -6.32
HA SEP B 15 -13.02 -6.57 -3.97
HB2 SEP B 15 -11.18 -8.43 -3.42
HB3 SEP B 15 -12.90 -8.82 -3.68
N TYR B 16 -10.22 -6.18 -5.73
CA TYR B 16 -9.07 -5.29 -5.90
C TYR B 16 -9.58 -3.85 -6.00
N ARG B 17 -10.61 -3.64 -6.84
CA ARG B 17 -11.22 -2.32 -7.00
C ARG B 17 -11.71 -1.81 -5.64
N LYS B 18 -12.42 -2.67 -4.90
CA LYS B 18 -12.93 -2.34 -3.58
C LYS B 18 -11.77 -1.91 -2.68
N ILE B 19 -10.67 -2.66 -2.66
CA ILE B 19 -9.51 -2.29 -1.87
C ILE B 19 -8.97 -0.93 -2.31
N LEU B 20 -8.81 -0.69 -3.62
CA LEU B 20 -8.36 0.62 -4.10
C LEU B 20 -9.28 1.72 -3.54
N ASN B 21 -10.59 1.59 -3.78
CA ASN B 21 -11.58 2.54 -3.30
C ASN B 21 -11.44 2.78 -1.80
N ASP B 22 -11.47 1.70 -1.01
CA ASP B 22 -11.34 1.74 0.44
C ASP B 22 -10.07 2.48 0.83
N LEU B 23 -8.93 2.12 0.23
CA LEU B 23 -7.65 2.74 0.50
C LEU B 23 -7.73 4.25 0.27
N SER B 24 -8.22 4.69 -0.89
CA SER B 24 -8.38 6.11 -1.16
C SER B 24 -9.34 6.78 -0.16
N SER B 25 -10.43 6.09 0.19
CA SER B 25 -11.41 6.63 1.12
C SER B 25 -10.82 6.79 2.53
N ASP B 26 -10.00 5.83 2.95
CA ASP B 26 -9.36 5.80 4.25
C ASP B 26 -8.24 6.85 4.31
N ALA B 27 -7.47 6.94 3.22
CA ALA B 27 -6.35 7.85 3.09
C ALA B 27 -6.78 9.31 3.36
N PRO B 28 -6.14 10.03 4.28
CA PRO B 28 -6.48 11.42 4.56
C PRO B 28 -6.14 12.28 3.35
N GLY A 1 14.48 16.14 -9.40
CA GLY A 1 13.15 16.64 -9.14
C GLY A 1 12.78 16.42 -7.68
N VAL A 2 13.69 16.80 -6.77
CA VAL A 2 13.54 16.65 -5.32
C VAL A 2 13.00 15.26 -4.98
N ARG A 3 12.13 15.15 -3.97
CA ARG A 3 11.49 13.89 -3.62
C ARG A 3 10.33 13.67 -4.61
N LYS A 4 10.69 13.44 -5.88
CA LYS A 4 9.78 13.22 -7.01
C LYS A 4 8.76 14.34 -7.21
N GLY A 5 9.04 15.57 -6.73
CA GLY A 5 8.15 16.72 -6.89
C GLY A 5 6.87 16.60 -6.06
N TRP A 6 6.03 15.60 -6.35
CA TRP A 6 4.73 15.39 -5.73
C TRP A 6 4.73 15.23 -4.21
N HIS A 7 5.87 15.00 -3.57
CA HIS A 7 5.97 14.78 -2.12
C HIS A 7 5.08 15.69 -1.27
N GLU A 8 4.99 16.97 -1.65
CA GLU A 8 4.17 17.97 -0.98
C GLU A 8 2.74 17.48 -0.70
N HIS A 9 2.19 16.65 -1.59
CA HIS A 9 0.82 16.14 -1.47
C HIS A 9 0.72 14.91 -0.55
N VAL A 10 1.84 14.35 -0.09
CA VAL A 10 1.86 13.18 0.77
C VAL A 10 2.82 13.40 1.94
N THR A 11 2.29 14.10 2.94
CA THR A 11 2.92 14.47 4.18
C THR A 11 2.99 13.28 5.14
N GLN A 12 3.81 13.40 6.18
CA GLN A 12 4.07 12.33 7.14
C GLN A 12 2.80 11.65 7.66
N ASP A 13 1.75 12.40 7.98
CA ASP A 13 0.52 11.82 8.49
C ASP A 13 -0.04 10.81 7.48
N LEU A 14 -0.10 11.21 6.21
CA LEU A 14 -0.61 10.37 5.15
C LEU A 14 0.33 9.17 4.96
N ARG A 15 1.65 9.42 4.90
CA ARG A 15 2.61 8.32 4.79
C ARG A 15 2.38 7.30 5.89
N SER A 16 2.32 7.76 7.14
CA SER A 16 2.08 6.90 8.30
C SER A 16 0.78 6.12 8.13
N HIS A 17 -0.32 6.80 7.77
CA HIS A 17 -1.60 6.14 7.53
C HIS A 17 -1.44 5.03 6.49
N LEU A 18 -0.78 5.32 5.36
CA LEU A 18 -0.57 4.34 4.30
C LEU A 18 0.27 3.17 4.83
N VAL A 19 1.31 3.44 5.62
CA VAL A 19 2.08 2.37 6.26
C VAL A 19 1.12 1.52 7.09
N HIS A 20 0.26 2.15 7.91
CA HIS A 20 -0.70 1.42 8.72
C HIS A 20 -1.59 0.54 7.85
N LYS A 21 -2.14 1.09 6.77
CA LYS A 21 -2.96 0.35 5.83
C LYS A 21 -2.20 -0.87 5.30
N LEU A 22 -0.97 -0.67 4.83
CA LEU A 22 -0.15 -1.76 4.32
C LEU A 22 0.02 -2.83 5.40
N VAL A 23 0.49 -2.41 6.58
CA VAL A 23 0.70 -3.29 7.72
C VAL A 23 -0.55 -4.11 8.01
N GLN A 24 -1.69 -3.45 8.26
CA GLN A 24 -2.92 -4.14 8.57
C GLN A 24 -3.37 -5.05 7.44
N ALA A 25 -3.20 -4.62 6.18
CA ALA A 25 -3.57 -5.44 5.05
C ALA A 25 -2.76 -6.73 5.04
N ILE A 26 -1.44 -6.62 5.23
CA ILE A 26 -0.53 -7.75 5.25
C ILE A 26 -0.84 -8.64 6.47
N PHE A 27 -1.05 -8.03 7.63
CA PHE A 27 -1.28 -8.69 8.90
C PHE A 27 -2.19 -7.79 9.74
N PRO A 28 -3.49 -8.09 9.87
CA PRO A 28 -4.42 -7.26 10.63
C PRO A 28 -4.10 -7.39 12.12
N THR A 29 -3.17 -6.57 12.62
CA THR A 29 -2.79 -6.60 14.02
C THR A 29 -4.00 -6.19 14.88
N PRO A 30 -4.24 -6.90 15.98
CA PRO A 30 -5.39 -6.68 16.86
C PRO A 30 -5.25 -5.44 17.73
N ASP A 31 -4.05 -5.21 18.28
CA ASP A 31 -3.76 -4.12 19.20
C ASP A 31 -2.31 -3.68 19.01
N PRO A 32 -2.01 -2.36 19.07
CA PRO A 32 -0.66 -1.82 18.92
C PRO A 32 0.44 -2.62 19.63
N ALA A 33 0.18 -3.19 20.82
CA ALA A 33 1.14 -4.00 21.53
C ALA A 33 1.77 -5.07 20.62
N ALA A 34 0.98 -5.66 19.71
CA ALA A 34 1.45 -6.65 18.77
C ALA A 34 2.65 -6.15 17.97
N LEU A 35 2.72 -4.84 17.67
CA LEU A 35 3.81 -4.22 16.93
C LEU A 35 5.17 -4.48 17.62
N LYS A 36 5.16 -4.71 18.93
CA LYS A 36 6.39 -4.98 19.67
C LYS A 36 6.94 -6.38 19.37
N ASP A 37 6.13 -7.30 18.82
CA ASP A 37 6.60 -8.64 18.48
C ASP A 37 7.59 -8.52 17.33
N ARG A 38 8.77 -9.15 17.44
CA ARG A 38 9.82 -9.07 16.43
C ARG A 38 9.28 -9.34 15.02
N ARG A 39 8.49 -10.40 14.85
CA ARG A 39 7.91 -10.73 13.56
C ARG A 39 7.06 -9.55 13.04
N MET A 40 6.25 -8.95 13.90
CA MET A 40 5.43 -7.82 13.53
C MET A 40 6.34 -6.65 13.14
N GLU A 41 7.37 -6.37 13.95
CA GLU A 41 8.35 -5.34 13.68
C GLU A 41 8.91 -5.53 12.27
N ASN A 42 9.26 -6.78 11.93
CA ASN A 42 9.76 -7.09 10.60
C ASN A 42 8.72 -6.74 9.53
N LEU A 43 7.45 -7.10 9.74
CA LEU A 43 6.39 -6.77 8.79
C LEU A 43 6.26 -5.25 8.64
N VAL A 44 6.32 -4.52 9.76
CA VAL A 44 6.27 -3.07 9.80
C VAL A 44 7.43 -2.50 8.98
N ALA A 45 8.65 -2.99 9.22
CA ALA A 45 9.83 -2.59 8.48
C ALA A 45 9.62 -2.82 6.99
N TYR A 46 9.18 -4.02 6.60
CA TYR A 46 8.89 -4.37 5.22
C TYR A 46 7.89 -3.38 4.62
N ALA A 47 6.77 -3.14 5.30
CA ALA A 47 5.74 -2.21 4.85
C ALA A 47 6.35 -0.83 4.60
N LYS A 48 7.13 -0.32 5.56
CA LYS A 48 7.79 0.97 5.39
C LYS A 48 8.74 0.94 4.18
N LYS A 49 9.54 -0.11 4.04
CA LYS A 49 10.46 -0.26 2.92
C LYS A 49 9.70 -0.18 1.60
N VAL A 50 8.62 -0.96 1.46
CA VAL A 50 7.79 -0.95 0.27
C VAL A 50 7.25 0.47 0.04
N GLU A 51 6.61 1.05 1.06
CA GLU A 51 6.03 2.39 0.98
C GLU A 51 7.07 3.39 0.46
N GLY A 52 8.24 3.42 1.11
CA GLY A 52 9.35 4.28 0.75
C GLY A 52 9.78 4.04 -0.70
N ASP A 53 10.03 2.78 -1.06
CA ASP A 53 10.44 2.40 -2.41
C ASP A 53 9.46 2.94 -3.45
N MET A 54 8.17 2.65 -3.25
CA MET A 54 7.11 3.09 -4.14
C MET A 54 7.12 4.62 -4.25
N TYR A 55 7.23 5.30 -3.11
CA TYR A 55 7.31 6.75 -3.07
C TYR A 55 8.47 7.23 -3.95
N GLU A 56 9.67 6.74 -3.68
CA GLU A 56 10.88 7.06 -4.44
C GLU A 56 10.93 6.25 -5.73
N SER A 57 9.87 6.32 -6.55
CA SER A 57 9.76 5.62 -7.83
C SER A 57 8.57 6.18 -8.60
N ALA A 58 7.39 6.21 -7.97
CA ALA A 58 6.17 6.67 -8.60
C ALA A 58 6.31 8.11 -9.11
N ASN A 59 5.78 8.38 -10.30
CA ASN A 59 5.83 9.70 -10.93
C ASN A 59 4.85 10.67 -10.28
N SER A 60 3.84 10.16 -9.59
CA SER A 60 2.80 10.97 -8.96
C SER A 60 2.24 10.21 -7.76
N ARG A 61 1.56 10.96 -6.89
CA ARG A 61 0.79 10.44 -5.79
C ARG A 61 -0.22 9.43 -6.36
N ASP A 62 -0.75 9.70 -7.55
CA ASP A 62 -1.71 8.82 -8.20
C ASP A 62 -1.10 7.42 -8.36
N GLU A 63 0.01 7.35 -9.12
CA GLU A 63 0.72 6.11 -9.35
C GLU A 63 1.05 5.44 -8.01
N TYR A 64 1.64 6.21 -7.09
CA TYR A 64 1.97 5.72 -5.76
C TYR A 64 0.76 5.01 -5.13
N TYR A 65 -0.38 5.70 -5.05
CA TYR A 65 -1.62 5.13 -4.53
C TYR A 65 -1.97 3.84 -5.25
N HIS A 66 -1.99 3.87 -6.60
CA HIS A 66 -2.30 2.69 -7.40
C HIS A 66 -1.41 1.53 -6.98
N LEU A 67 -0.10 1.75 -6.93
CA LEU A 67 0.85 0.71 -6.58
C LEU A 67 0.65 0.20 -5.16
N LEU A 68 0.42 1.07 -4.17
CA LEU A 68 0.18 0.60 -2.80
C LEU A 68 -1.10 -0.24 -2.74
N ALA A 69 -2.21 0.29 -3.27
CA ALA A 69 -3.46 -0.45 -3.29
C ALA A 69 -3.29 -1.76 -4.08
N GLU A 70 -2.53 -1.72 -5.18
CA GLU A 70 -2.23 -2.90 -5.96
C GLU A 70 -1.51 -3.92 -5.08
N LYS A 71 -0.45 -3.52 -4.37
CA LYS A 71 0.26 -4.44 -3.49
C LYS A 71 -0.74 -5.08 -2.53
N ILE A 72 -1.55 -4.28 -1.83
CA ILE A 72 -2.55 -4.83 -0.92
C ILE A 72 -3.38 -5.90 -1.65
N TYR A 73 -3.96 -5.51 -2.78
CA TYR A 73 -4.76 -6.40 -3.60
C TYR A 73 -4.01 -7.69 -3.92
N LYS A 74 -2.75 -7.61 -4.33
CA LYS A 74 -1.99 -8.79 -4.66
C LYS A 74 -1.81 -9.65 -3.40
N ILE A 75 -1.21 -9.06 -2.37
CA ILE A 75 -0.88 -9.78 -1.17
C ILE A 75 -2.11 -10.47 -0.57
N GLN A 76 -3.29 -9.88 -0.73
CA GLN A 76 -4.51 -10.50 -0.22
C GLN A 76 -5.20 -11.35 -1.28
N LYS A 77 -5.67 -10.75 -2.38
CA LYS A 77 -6.45 -11.42 -3.40
C LYS A 77 -5.65 -12.18 -4.45
N GLU A 78 -4.38 -11.86 -4.72
CA GLU A 78 -3.61 -12.69 -5.65
C GLU A 78 -3.16 -13.91 -4.87
N LEU A 79 -2.59 -13.64 -3.70
CA LEU A 79 -2.02 -14.64 -2.82
C LEU A 79 -3.12 -15.48 -2.16
N GLU A 80 -4.31 -14.93 -1.96
CA GLU A 80 -5.50 -15.55 -1.37
C GLU A 80 -5.36 -15.70 0.14
N GLU A 81 -4.25 -16.30 0.57
CA GLU A 81 -3.91 -16.55 1.95
C GLU A 81 -4.99 -17.36 2.65
N THR B 1 5.41 -7.91 -17.41
CA THR B 1 4.34 -8.89 -17.44
C THR B 1 3.37 -8.67 -16.28
N ASP B 2 3.89 -8.32 -15.11
CA ASP B 2 3.11 -8.10 -13.90
C ASP B 2 1.94 -7.14 -14.13
N SER B 3 2.20 -6.06 -14.89
CA SER B 3 1.20 -5.06 -15.24
C SER B 3 0.04 -5.67 -16.03
N GLN B 4 0.29 -6.78 -16.74
CA GLN B 4 -0.73 -7.49 -17.50
C GLN B 4 -1.38 -8.51 -16.58
N LYS B 5 -0.59 -9.31 -15.86
CA LYS B 5 -1.13 -10.32 -14.96
C LYS B 5 -2.13 -9.69 -13.99
N ARG B 6 -1.76 -8.55 -13.38
CA ARG B 6 -2.66 -7.83 -12.49
C ARG B 6 -3.93 -7.45 -13.27
N ARG B 7 -3.81 -6.75 -14.40
CA ARG B 7 -4.93 -6.34 -15.25
C ARG B 7 -5.90 -7.52 -15.48
N GLU B 8 -5.37 -8.66 -15.89
CA GLU B 8 -6.16 -9.86 -16.12
C GLU B 8 -6.96 -10.20 -14.85
N ILE B 9 -6.30 -10.36 -13.70
CA ILE B 9 -7.05 -10.68 -12.48
C ILE B 9 -7.96 -9.54 -12.04
N LEU B 10 -7.65 -8.26 -12.34
CA LEU B 10 -8.56 -7.17 -12.03
C LEU B 10 -9.87 -7.42 -12.78
N SER B 11 -9.75 -7.84 -14.04
CA SER B 11 -10.87 -8.14 -14.91
C SER B 11 -11.44 -9.53 -14.62
N ARG B 12 -11.60 -9.89 -13.34
CA ARG B 12 -12.10 -11.19 -12.91
C ARG B 12 -12.45 -11.12 -11.42
N ARG B 13 -11.50 -10.68 -10.62
CA ARG B 13 -11.55 -10.47 -9.18
C ARG B 13 -11.36 -8.97 -8.97
N PRO B 14 -12.42 -8.15 -9.16
CA PRO B 14 -12.32 -6.69 -9.15
C PRO B 14 -12.07 -6.03 -7.79
N SEP B 15 -11.82 -6.80 -6.72
CA SEP B 15 -11.57 -6.32 -5.37
CB SEP B 15 -11.04 -7.47 -4.51
OG SEP B 15 -11.44 -8.75 -5.00
C SEP B 15 -10.61 -5.14 -5.34
O SEP B 15 -10.77 -4.21 -4.53
P SEP B 15 -12.96 -9.27 -4.94
O1P SEP B 15 -13.64 -8.29 -4.05
O2P SEP B 15 -12.83 -10.63 -4.39
O3P SEP B 15 -13.35 -9.20 -6.37
H SEP B 15 -11.83 -7.81 -6.83
HA SEP B 15 -12.53 -6.01 -4.96
HB2 SEP B 15 -9.95 -7.45 -4.55
HB3 SEP B 15 -11.35 -7.34 -3.48
N TYR B 16 -9.62 -5.14 -6.23
CA TYR B 16 -8.64 -4.09 -6.41
C TYR B 16 -9.31 -2.71 -6.41
N ARG B 17 -10.41 -2.59 -7.17
CA ARG B 17 -11.14 -1.34 -7.31
C ARG B 17 -11.75 -0.92 -5.96
N LYS B 18 -12.24 -1.89 -5.20
CA LYS B 18 -12.78 -1.66 -3.87
C LYS B 18 -11.65 -1.16 -2.97
N ILE B 19 -10.47 -1.77 -3.07
CA ILE B 19 -9.29 -1.36 -2.30
C ILE B 19 -8.91 0.06 -2.70
N LEU B 20 -8.85 0.40 -3.99
CA LEU B 20 -8.56 1.77 -4.42
C LEU B 20 -9.55 2.73 -3.75
N ASN B 21 -10.85 2.44 -3.86
CA ASN B 21 -11.89 3.27 -3.26
C ASN B 21 -11.64 3.44 -1.75
N ASP B 22 -11.52 2.32 -1.03
CA ASP B 22 -11.27 2.31 0.41
C ASP B 22 -10.05 3.13 0.76
N LEU B 23 -8.93 2.90 0.07
CA LEU B 23 -7.69 3.60 0.34
C LEU B 23 -7.89 5.10 0.12
N SER B 24 -8.43 5.48 -1.04
CA SER B 24 -8.66 6.88 -1.38
C SER B 24 -9.62 7.57 -0.42
N SER B 25 -10.65 6.85 0.04
CA SER B 25 -11.64 7.43 0.93
C SER B 25 -11.14 7.51 2.38
N ASP B 26 -10.42 6.49 2.84
CA ASP B 26 -9.96 6.41 4.22
C ASP B 26 -8.66 7.17 4.41
N ALA B 27 -7.68 6.91 3.54
CA ALA B 27 -6.40 7.59 3.58
C ALA B 27 -6.56 8.90 2.79
N PRO B 28 -6.37 10.07 3.42
CA PRO B 28 -6.51 11.38 2.80
C PRO B 28 -6.08 11.43 1.33
N GLY A 1 11.27 18.82 -10.25
CA GLY A 1 12.63 18.97 -9.76
C GLY A 1 12.92 17.93 -8.68
N VAL A 2 12.01 17.82 -7.71
CA VAL A 2 12.13 16.85 -6.63
C VAL A 2 11.83 15.44 -7.16
N ARG A 3 12.00 14.45 -6.28
CA ARG A 3 11.74 13.04 -6.51
C ARG A 3 10.47 12.82 -7.35
N LYS A 4 10.66 12.64 -8.67
CA LYS A 4 9.63 12.42 -9.68
C LYS A 4 8.52 13.49 -9.68
N GLY A 5 8.75 14.67 -9.11
CA GLY A 5 7.78 15.76 -9.06
C GLY A 5 6.58 15.51 -8.13
N TRP A 6 5.84 14.42 -8.35
CA TRP A 6 4.62 14.07 -7.64
C TRP A 6 4.69 14.10 -6.11
N HIS A 7 5.89 14.08 -5.54
CA HIS A 7 6.19 14.14 -4.12
C HIS A 7 5.24 15.06 -3.36
N GLU A 8 5.04 16.27 -3.89
CA GLU A 8 4.18 17.30 -3.31
C GLU A 8 2.80 16.78 -2.92
N HIS A 9 2.24 15.84 -3.67
CA HIS A 9 0.90 15.32 -3.43
C HIS A 9 0.85 14.24 -2.36
N VAL A 10 1.98 13.81 -1.78
CA VAL A 10 1.99 12.78 -0.75
C VAL A 10 2.94 13.18 0.38
N THR A 11 2.38 13.75 1.45
CA THR A 11 3.06 14.21 2.63
C THR A 11 3.30 13.07 3.62
N GLN A 12 4.22 13.29 4.56
CA GLN A 12 4.59 12.34 5.61
C GLN A 12 3.36 11.72 6.28
N ASP A 13 2.33 12.53 6.58
CA ASP A 13 1.12 12.03 7.23
C ASP A 13 0.48 10.94 6.38
N LEU A 14 0.31 11.20 5.09
CA LEU A 14 -0.28 10.26 4.17
C LEU A 14 0.61 9.01 4.08
N ARG A 15 1.92 9.19 3.95
CA ARG A 15 2.86 8.06 3.90
C ARG A 15 2.65 7.17 5.14
N SER A 16 2.66 7.80 6.32
CA SER A 16 2.48 7.13 7.59
C SER A 16 1.15 6.37 7.60
N HIS A 17 0.06 7.03 7.20
CA HIS A 17 -1.24 6.38 7.12
C HIS A 17 -1.14 5.16 6.21
N LEU A 18 -0.56 5.29 5.02
CA LEU A 18 -0.42 4.18 4.09
C LEU A 18 0.36 3.02 4.73
N VAL A 19 1.44 3.32 5.46
CA VAL A 19 2.15 2.28 6.21
C VAL A 19 1.17 1.59 7.15
N HIS A 20 0.42 2.37 7.94
CA HIS A 20 -0.55 1.82 8.86
C HIS A 20 -1.55 0.92 8.12
N LYS A 21 -2.04 1.39 6.96
CA LYS A 21 -2.98 0.65 6.14
C LYS A 21 -2.38 -0.69 5.72
N LEU A 22 -1.13 -0.69 5.23
CA LEU A 22 -0.42 -1.91 4.88
C LEU A 22 -0.39 -2.84 6.10
N VAL A 23 0.06 -2.31 7.25
CA VAL A 23 0.14 -3.09 8.47
C VAL A 23 -1.22 -3.71 8.79
N GLN A 24 -2.29 -2.92 8.87
CA GLN A 24 -3.62 -3.45 9.17
C GLN A 24 -4.03 -4.52 8.16
N ALA A 25 -3.79 -4.29 6.86
CA ALA A 25 -4.15 -5.24 5.83
C ALA A 25 -3.43 -6.58 6.06
N ILE A 26 -2.13 -6.53 6.32
CA ILE A 26 -1.31 -7.71 6.52
C ILE A 26 -1.65 -8.40 7.85
N PHE A 27 -1.85 -7.60 8.91
CA PHE A 27 -2.08 -8.06 10.27
C PHE A 27 -2.83 -6.97 11.03
N PRO A 28 -4.16 -7.07 11.16
CA PRO A 28 -4.99 -6.11 11.88
C PRO A 28 -4.49 -5.85 13.31
N THR A 29 -3.73 -4.78 13.54
CA THR A 29 -3.25 -4.44 14.87
C THR A 29 -4.46 -4.04 15.73
N PRO A 30 -4.67 -4.70 16.88
CA PRO A 30 -5.77 -4.40 17.78
C PRO A 30 -5.47 -3.16 18.62
N ASP A 31 -4.23 -3.05 19.10
CA ASP A 31 -3.75 -1.97 19.94
C ASP A 31 -2.23 -1.86 19.78
N PRO A 32 -1.65 -0.68 19.98
CA PRO A 32 -0.22 -0.43 19.83
C PRO A 32 0.67 -1.42 20.59
N ALA A 33 0.26 -1.91 21.77
CA ALA A 33 1.06 -2.88 22.52
C ALA A 33 1.42 -4.09 21.65
N ALA A 34 0.51 -4.51 20.77
CA ALA A 34 0.75 -5.65 19.89
C ALA A 34 2.04 -5.49 19.08
N LEU A 35 2.30 -4.29 18.55
CA LEU A 35 3.49 -4.07 17.73
C LEU A 35 4.80 -4.12 18.53
N LYS A 36 4.74 -4.31 19.85
CA LYS A 36 5.95 -4.51 20.64
C LYS A 36 6.54 -5.90 20.34
N ASP A 37 5.72 -6.83 19.83
CA ASP A 37 6.21 -8.15 19.44
C ASP A 37 7.19 -7.98 18.28
N ARG A 38 8.39 -8.53 18.41
CA ARG A 38 9.46 -8.39 17.43
C ARG A 38 9.03 -8.79 16.01
N ARG A 39 8.23 -9.85 15.84
CA ARG A 39 7.79 -10.22 14.51
C ARG A 39 6.77 -9.20 13.99
N MET A 40 5.93 -8.66 14.87
CA MET A 40 5.01 -7.62 14.44
C MET A 40 5.82 -6.39 14.03
N GLU A 41 6.81 -6.02 14.85
CA GLU A 41 7.75 -4.95 14.57
C GLU A 41 8.41 -5.21 13.20
N ASN A 42 8.78 -6.46 12.94
CA ASN A 42 9.35 -6.85 11.65
C ASN A 42 8.36 -6.57 10.52
N LEU A 43 7.08 -6.92 10.64
CA LEU A 43 6.13 -6.64 9.56
C LEU A 43 5.88 -5.13 9.42
N VAL A 44 5.91 -4.39 10.52
CA VAL A 44 5.81 -2.94 10.50
C VAL A 44 7.01 -2.38 9.71
N ALA A 45 8.21 -2.85 10.02
CA ALA A 45 9.42 -2.46 9.30
C ALA A 45 9.26 -2.79 7.81
N TYR A 46 8.79 -4.01 7.50
CA TYR A 46 8.54 -4.41 6.13
C TYR A 46 7.57 -3.44 5.45
N ALA A 47 6.46 -3.11 6.11
CA ALA A 47 5.47 -2.17 5.56
C ALA A 47 6.15 -0.83 5.24
N LYS A 48 6.95 -0.30 6.17
CA LYS A 48 7.68 0.94 5.93
C LYS A 48 8.60 0.80 4.71
N LYS A 49 9.39 -0.27 4.67
CA LYS A 49 10.30 -0.56 3.56
C LYS A 49 9.53 -0.57 2.25
N VAL A 50 8.41 -1.29 2.19
CA VAL A 50 7.56 -1.38 1.02
C VAL A 50 7.09 0.02 0.63
N GLU A 51 6.46 0.75 1.56
CA GLU A 51 5.96 2.09 1.27
C GLU A 51 7.08 2.97 0.68
N GLY A 52 8.25 2.97 1.33
CA GLY A 52 9.42 3.69 0.85
C GLY A 52 9.78 3.26 -0.57
N ASP A 53 9.89 1.95 -0.81
CA ASP A 53 10.22 1.38 -2.11
C ASP A 53 9.23 1.85 -3.17
N MET A 54 7.92 1.75 -2.89
CA MET A 54 6.87 2.16 -3.80
C MET A 54 7.04 3.63 -4.13
N TYR A 55 7.32 4.47 -3.13
CA TYR A 55 7.57 5.89 -3.36
C TYR A 55 8.77 6.03 -4.31
N GLU A 56 9.88 5.38 -3.96
CA GLU A 56 11.10 5.35 -4.75
C GLU A 56 10.99 4.33 -5.89
N SER A 57 9.93 4.45 -6.70
CA SER A 57 9.65 3.60 -7.85
C SER A 57 8.54 4.22 -8.68
N ALA A 58 7.40 4.52 -8.04
CA ALA A 58 6.24 5.07 -8.71
C ALA A 58 6.55 6.42 -9.37
N ASN A 59 6.04 6.62 -10.60
CA ASN A 59 6.24 7.84 -11.36
C ASN A 59 5.13 8.86 -11.09
N SER A 60 4.18 8.53 -10.22
CA SER A 60 3.02 9.37 -9.98
C SER A 60 2.35 8.92 -8.68
N ARG A 61 1.57 9.81 -8.06
CA ARG A 61 0.77 9.43 -6.90
C ARG A 61 -0.17 8.29 -7.32
N ASP A 62 -0.68 8.37 -8.55
CA ASP A 62 -1.56 7.36 -9.13
C ASP A 62 -0.88 6.01 -9.09
N GLU A 63 0.29 5.89 -9.74
CA GLU A 63 1.03 4.65 -9.78
C GLU A 63 1.35 4.18 -8.36
N TYR A 64 1.76 5.09 -7.48
CA TYR A 64 2.06 4.79 -6.09
C TYR A 64 0.84 4.13 -5.41
N TYR A 65 -0.32 4.81 -5.40
CA TYR A 65 -1.55 4.29 -4.83
C TYR A 65 -1.89 2.94 -5.45
N HIS A 66 -1.89 2.89 -6.78
CA HIS A 66 -2.18 1.69 -7.55
C HIS A 66 -1.31 0.52 -7.09
N LEU A 67 0.01 0.74 -6.98
CA LEU A 67 0.92 -0.30 -6.55
C LEU A 67 0.68 -0.68 -5.09
N LEU A 68 0.43 0.28 -4.21
CA LEU A 68 0.14 -0.02 -2.81
C LEU A 68 -1.11 -0.89 -2.69
N ALA A 69 -2.22 -0.46 -3.32
CA ALA A 69 -3.45 -1.22 -3.32
C ALA A 69 -3.22 -2.59 -3.96
N GLU A 70 -2.48 -2.63 -5.07
CA GLU A 70 -2.13 -3.88 -5.73
C GLU A 70 -1.41 -4.79 -4.72
N LYS A 71 -0.46 -4.25 -3.96
CA LYS A 71 0.28 -5.02 -2.97
C LYS A 71 -0.69 -5.56 -1.92
N ILE A 72 -1.50 -4.68 -1.32
CA ILE A 72 -2.50 -5.08 -0.33
C ILE A 72 -3.32 -6.25 -0.85
N TYR A 73 -3.84 -6.10 -2.07
CA TYR A 73 -4.59 -7.13 -2.74
C TYR A 73 -3.75 -8.40 -2.81
N LYS A 74 -2.63 -8.34 -3.52
CA LYS A 74 -1.73 -9.44 -3.74
C LYS A 74 -1.43 -10.26 -2.50
N ILE A 75 -0.98 -9.59 -1.43
CA ILE A 75 -0.57 -10.32 -0.25
C ILE A 75 -1.66 -11.29 0.23
N GLN A 76 -2.92 -11.02 -0.07
CA GLN A 76 -4.03 -11.90 0.27
C GLN A 76 -4.48 -12.66 -0.98
N LYS A 77 -5.00 -11.94 -1.98
CA LYS A 77 -5.63 -12.49 -3.17
C LYS A 77 -4.66 -13.19 -4.15
N GLU A 78 -3.39 -12.79 -4.19
CA GLU A 78 -2.43 -13.42 -5.10
C GLU A 78 -1.79 -14.59 -4.38
N LEU A 79 -1.28 -14.28 -3.18
CA LEU A 79 -0.53 -15.20 -2.36
C LEU A 79 -1.43 -16.31 -1.77
N GLU A 80 -2.65 -15.98 -1.33
CA GLU A 80 -3.64 -16.91 -0.80
C GLU A 80 -3.05 -17.94 0.15
N GLU A 81 -2.20 -17.52 1.09
CA GLU A 81 -1.53 -18.51 1.90
C GLU A 81 -2.53 -19.35 2.71
N THR B 1 3.34 -2.10 -20.93
CA THR B 1 2.06 -2.77 -20.95
C THR B 1 1.71 -3.39 -19.60
N ASP B 2 2.73 -3.62 -18.76
CA ASP B 2 2.59 -4.21 -17.43
C ASP B 2 1.46 -3.55 -16.63
N SER B 3 1.36 -2.22 -16.69
CA SER B 3 0.33 -1.46 -16.00
C SER B 3 -1.07 -1.91 -16.48
N GLN B 4 -1.24 -2.00 -17.80
CA GLN B 4 -2.49 -2.38 -18.43
C GLN B 4 -2.82 -3.84 -18.09
N LYS B 5 -1.79 -4.70 -18.13
CA LYS B 5 -1.87 -6.10 -17.77
C LYS B 5 -2.42 -6.22 -16.34
N ARG B 6 -1.74 -5.58 -15.38
CA ARG B 6 -2.12 -5.50 -13.97
C ARG B 6 -3.56 -5.02 -13.87
N ARG B 7 -3.81 -3.77 -14.29
CA ARG B 7 -5.12 -3.16 -14.24
C ARG B 7 -6.19 -4.12 -14.76
N GLU B 8 -6.01 -4.67 -15.97
CA GLU B 8 -6.96 -5.59 -16.55
C GLU B 8 -7.15 -6.85 -15.70
N ILE B 9 -6.11 -7.69 -15.54
CA ILE B 9 -6.27 -8.95 -14.82
C ILE B 9 -6.86 -8.71 -13.43
N LEU B 10 -6.38 -7.69 -12.74
CA LEU B 10 -6.88 -7.35 -11.41
C LEU B 10 -8.35 -6.91 -11.49
N SER B 11 -8.77 -6.20 -12.56
CA SER B 11 -10.18 -5.87 -12.72
C SER B 11 -11.04 -7.13 -12.78
N ARG B 12 -10.51 -8.26 -13.27
CA ARG B 12 -11.25 -9.52 -13.29
C ARG B 12 -11.35 -10.15 -11.89
N ARG B 13 -10.90 -9.45 -10.83
CA ARG B 13 -11.02 -9.84 -9.44
C ARG B 13 -11.27 -8.53 -8.69
N PRO B 14 -12.51 -8.01 -8.82
CA PRO B 14 -12.93 -6.70 -8.31
C PRO B 14 -12.55 -6.35 -6.88
N SEP B 15 -12.19 -7.32 -6.02
CA SEP B 15 -11.73 -6.98 -4.68
CB SEP B 15 -11.43 -8.24 -3.85
OG SEP B 15 -10.65 -9.21 -4.54
C SEP B 15 -10.53 -6.02 -4.76
O SEP B 15 -10.41 -5.14 -3.91
P SEP B 15 -11.30 -10.56 -5.13
O1P SEP B 15 -12.08 -11.08 -3.99
O2P SEP B 15 -10.12 -11.39 -5.50
O3P SEP B 15 -12.10 -10.06 -6.27
H SEP B 15 -12.18 -8.29 -6.31
HA SEP B 15 -12.53 -6.46 -4.17
HB2 SEP B 15 -10.90 -7.93 -2.96
HB3 SEP B 15 -12.38 -8.67 -3.53
N TYR B 16 -9.70 -6.12 -5.81
CA TYR B 16 -8.62 -5.17 -6.05
C TYR B 16 -9.21 -3.75 -6.15
N ARG B 17 -10.26 -3.58 -6.95
CA ARG B 17 -10.93 -2.29 -7.12
C ARG B 17 -11.53 -1.83 -5.79
N LYS B 18 -12.15 -2.75 -5.04
CA LYS B 18 -12.67 -2.42 -3.73
C LYS B 18 -11.52 -1.90 -2.85
N ILE B 19 -10.34 -2.53 -2.93
CA ILE B 19 -9.17 -2.08 -2.19
C ILE B 19 -8.74 -0.70 -2.68
N LEU B 20 -8.71 -0.42 -3.99
CA LEU B 20 -8.40 0.93 -4.47
C LEU B 20 -9.34 1.94 -3.81
N ASN B 21 -10.64 1.68 -3.90
CA ASN B 21 -11.67 2.53 -3.31
C ASN B 21 -11.42 2.72 -1.81
N ASP B 22 -11.33 1.62 -1.07
CA ASP B 22 -11.12 1.63 0.37
C ASP B 22 -9.85 2.40 0.73
N LEU B 23 -8.74 2.14 0.03
CA LEU B 23 -7.47 2.81 0.24
C LEU B 23 -7.67 4.31 0.06
N SER B 24 -8.29 4.71 -1.05
CA SER B 24 -8.58 6.12 -1.35
C SER B 24 -9.48 6.75 -0.29
N SER B 25 -10.46 5.99 0.21
CA SER B 25 -11.40 6.48 1.20
C SER B 25 -10.74 6.63 2.58
N ASP B 26 -9.90 5.66 2.96
CA ASP B 26 -9.26 5.60 4.25
C ASP B 26 -8.05 6.53 4.31
N ALA B 27 -7.11 6.33 3.39
CA ALA B 27 -5.90 7.12 3.29
C ALA B 27 -6.20 8.38 2.48
N PRO B 28 -6.04 9.59 3.07
CA PRO B 28 -6.29 10.86 2.41
C PRO B 28 -5.87 10.88 0.94
N GLY A 1 12.65 18.11 -9.70
CA GLY A 1 11.25 18.01 -9.34
C GLY A 1 11.08 17.39 -7.96
N VAL A 2 11.88 17.87 -7.00
CA VAL A 2 11.94 17.43 -5.60
C VAL A 2 12.03 15.91 -5.51
N ARG A 3 11.51 15.33 -4.42
CA ARG A 3 11.38 13.88 -4.25
C ARG A 3 10.13 13.47 -5.04
N LYS A 4 10.14 13.78 -6.34
CA LYS A 4 9.05 13.61 -7.29
C LYS A 4 7.81 14.39 -6.84
N GLY A 5 7.62 15.57 -7.43
CA GLY A 5 6.53 16.55 -7.26
C GLY A 5 5.41 16.14 -6.32
N TRP A 6 4.73 15.02 -6.64
CA TRP A 6 3.64 14.41 -5.88
C TRP A 6 3.88 14.37 -4.35
N HIS A 7 5.15 14.41 -3.90
CA HIS A 7 5.53 14.57 -2.51
C HIS A 7 4.67 15.65 -1.84
N GLU A 8 4.40 16.74 -2.57
CA GLU A 8 3.59 17.87 -2.12
C GLU A 8 2.29 17.39 -1.44
N HIS A 9 1.69 16.32 -1.97
CA HIS A 9 0.50 15.70 -1.41
C HIS A 9 0.96 14.60 -0.46
N VAL A 10 1.79 13.69 -0.97
CA VAL A 10 2.28 12.56 -0.20
C VAL A 10 3.36 13.02 0.78
N THR A 11 2.85 13.51 1.90
CA THR A 11 3.53 14.07 3.03
C THR A 11 3.56 13.05 4.17
N GLN A 12 4.45 13.26 5.14
CA GLN A 12 4.69 12.40 6.29
C GLN A 12 3.43 11.74 6.84
N ASP A 13 2.41 12.55 7.17
CA ASP A 13 1.19 12.08 7.78
C ASP A 13 0.47 11.07 6.88
N LEU A 14 0.32 11.43 5.61
CA LEU A 14 -0.33 10.57 4.63
C LEU A 14 0.48 9.28 4.48
N ARG A 15 1.82 9.39 4.40
CA ARG A 15 2.67 8.21 4.34
C ARG A 15 2.41 7.32 5.56
N SER A 16 2.42 7.91 6.76
CA SER A 16 2.16 7.19 8.00
C SER A 16 0.83 6.43 7.90
N HIS A 17 -0.22 7.13 7.47
CA HIS A 17 -1.53 6.50 7.29
C HIS A 17 -1.42 5.30 6.34
N LEU A 18 -0.82 5.50 5.17
CA LEU A 18 -0.69 4.43 4.19
C LEU A 18 0.12 3.25 4.75
N VAL A 19 1.21 3.53 5.48
CA VAL A 19 1.99 2.47 6.14
C VAL A 19 1.07 1.71 7.09
N HIS A 20 0.31 2.42 7.92
CA HIS A 20 -0.62 1.78 8.84
C HIS A 20 -1.57 0.89 8.05
N LYS A 21 -2.16 1.43 6.97
CA LYS A 21 -3.08 0.72 6.09
C LYS A 21 -2.44 -0.57 5.58
N LEU A 22 -1.19 -0.49 5.09
CA LEU A 22 -0.44 -1.65 4.63
C LEU A 22 -0.37 -2.66 5.79
N VAL A 23 0.07 -2.21 6.97
CA VAL A 23 0.16 -3.09 8.14
C VAL A 23 -1.18 -3.78 8.39
N GLN A 24 -2.29 -3.05 8.38
CA GLN A 24 -3.61 -3.66 8.59
C GLN A 24 -3.85 -4.77 7.56
N ALA A 25 -3.59 -4.48 6.28
CA ALA A 25 -3.79 -5.45 5.22
C ALA A 25 -2.90 -6.68 5.39
N ILE A 26 -1.62 -6.47 5.69
CA ILE A 26 -0.64 -7.51 5.85
C ILE A 26 -0.98 -8.38 7.08
N PHE A 27 -1.38 -7.74 8.18
CA PHE A 27 -1.65 -8.40 9.44
C PHE A 27 -2.56 -7.50 10.29
N PRO A 28 -3.88 -7.75 10.30
CA PRO A 28 -4.82 -7.00 11.11
C PRO A 28 -4.36 -6.96 12.57
N THR A 29 -4.17 -5.77 13.14
CA THR A 29 -3.71 -5.59 14.51
C THR A 29 -4.76 -6.13 15.49
N PRO A 30 -4.49 -7.18 16.27
CA PRO A 30 -5.43 -7.69 17.26
C PRO A 30 -5.60 -6.68 18.39
N ASP A 31 -4.48 -6.06 18.79
CA ASP A 31 -4.40 -5.04 19.82
C ASP A 31 -3.09 -4.28 19.56
N PRO A 32 -3.06 -2.94 19.72
CA PRO A 32 -1.86 -2.13 19.51
C PRO A 32 -0.59 -2.73 20.13
N ALA A 33 -0.69 -3.33 21.32
CA ALA A 33 0.43 -3.97 22.01
C ALA A 33 1.19 -4.92 21.08
N ALA A 34 0.50 -5.57 20.14
CA ALA A 34 1.11 -6.47 19.18
C ALA A 34 2.31 -5.83 18.48
N LEU A 35 2.24 -4.52 18.20
CA LEU A 35 3.31 -3.77 17.56
C LEU A 35 4.65 -3.91 18.30
N LYS A 36 4.61 -4.16 19.63
CA LYS A 36 5.81 -4.33 20.42
C LYS A 36 6.53 -5.65 20.10
N ASP A 37 5.80 -6.63 19.53
CA ASP A 37 6.40 -7.91 19.18
C ASP A 37 7.32 -7.69 17.99
N ARG A 38 8.55 -8.19 18.10
CA ARG A 38 9.59 -8.04 17.10
C ARG A 38 9.12 -8.52 15.72
N ARG A 39 8.35 -9.60 15.66
CA ARG A 39 7.83 -10.10 14.39
C ARG A 39 6.90 -9.05 13.77
N MET A 40 6.03 -8.45 14.59
CA MET A 40 5.12 -7.41 14.14
C MET A 40 5.93 -6.20 13.69
N GLU A 41 6.93 -5.79 14.49
CA GLU A 41 7.82 -4.69 14.13
C GLU A 41 8.45 -4.99 12.76
N ASN A 42 8.84 -6.23 12.52
CA ASN A 42 9.36 -6.65 11.22
C ASN A 42 8.31 -6.42 10.11
N LEU A 43 7.03 -6.65 10.40
CA LEU A 43 5.97 -6.40 9.41
C LEU A 43 5.84 -4.89 9.18
N VAL A 44 5.92 -4.09 10.25
CA VAL A 44 5.89 -2.64 10.14
C VAL A 44 7.05 -2.19 9.24
N ALA A 45 8.26 -2.70 9.51
CA ALA A 45 9.45 -2.42 8.72
C ALA A 45 9.20 -2.79 7.26
N TYR A 46 8.69 -4.00 7.02
CA TYR A 46 8.36 -4.47 5.68
C TYR A 46 7.39 -3.49 4.99
N ALA A 47 6.32 -3.08 5.68
CA ALA A 47 5.37 -2.11 5.14
C ALA A 47 6.08 -0.82 4.73
N LYS A 48 6.93 -0.29 5.61
CA LYS A 48 7.69 0.92 5.30
C LYS A 48 8.60 0.67 4.09
N LYS A 49 9.29 -0.46 4.03
CA LYS A 49 10.16 -0.82 2.91
C LYS A 49 9.35 -0.82 1.61
N VAL A 50 8.20 -1.50 1.61
CA VAL A 50 7.29 -1.55 0.49
C VAL A 50 6.97 -0.13 0.06
N GLU A 51 6.48 0.70 0.98
CA GLU A 51 6.17 2.09 0.65
C GLU A 51 7.39 2.76 0.01
N GLY A 52 8.57 2.57 0.60
CA GLY A 52 9.82 3.11 0.09
C GLY A 52 10.03 2.69 -1.37
N ASP A 53 9.87 1.40 -1.66
CA ASP A 53 10.03 0.85 -3.01
C ASP A 53 9.06 1.54 -3.97
N MET A 54 7.77 1.56 -3.61
CA MET A 54 6.73 2.18 -4.42
C MET A 54 7.05 3.66 -4.67
N TYR A 55 7.48 4.36 -3.62
CA TYR A 55 7.84 5.76 -3.72
C TYR A 55 9.01 5.91 -4.70
N GLU A 56 10.08 5.15 -4.48
CA GLU A 56 11.28 5.17 -5.32
C GLU A 56 11.05 4.35 -6.61
N SER A 57 9.99 4.71 -7.33
CA SER A 57 9.61 4.13 -8.61
C SER A 57 8.49 4.97 -9.21
N ALA A 58 7.43 5.20 -8.43
CA ALA A 58 6.29 6.00 -8.86
C ALA A 58 6.68 7.46 -9.13
N ASN A 59 6.50 7.90 -10.37
CA ASN A 59 6.77 9.28 -10.77
C ASN A 59 5.61 10.21 -10.41
N SER A 60 4.45 9.64 -10.06
CA SER A 60 3.25 10.37 -9.67
C SER A 60 2.49 9.50 -8.67
N ARG A 61 1.67 10.14 -7.83
CA ARG A 61 0.90 9.48 -6.77
C ARG A 61 0.10 8.30 -7.30
N ASP A 62 -0.49 8.43 -8.49
CA ASP A 62 -1.31 7.39 -9.10
C ASP A 62 -0.61 6.02 -9.07
N GLU A 63 0.59 5.93 -9.63
CA GLU A 63 1.39 4.71 -9.65
C GLU A 63 1.50 4.14 -8.26
N TYR A 64 2.05 4.95 -7.34
CA TYR A 64 2.24 4.59 -5.95
C TYR A 64 0.95 4.00 -5.37
N TYR A 65 -0.17 4.69 -5.55
CA TYR A 65 -1.48 4.24 -5.09
C TYR A 65 -1.84 2.89 -5.66
N HIS A 66 -1.77 2.75 -6.99
CA HIS A 66 -2.10 1.50 -7.67
C HIS A 66 -1.25 0.36 -7.12
N LEU A 67 0.05 0.59 -7.03
CA LEU A 67 1.03 -0.39 -6.57
C LEU A 67 0.76 -0.75 -5.11
N LEU A 68 0.46 0.24 -4.25
CA LEU A 68 0.12 -0.03 -2.85
C LEU A 68 -1.12 -0.92 -2.77
N ALA A 69 -2.22 -0.51 -3.42
CA ALA A 69 -3.45 -1.28 -3.41
C ALA A 69 -3.23 -2.67 -4.01
N GLU A 70 -2.44 -2.78 -5.08
CA GLU A 70 -2.06 -4.04 -5.68
C GLU A 70 -1.37 -4.90 -4.63
N LYS A 71 -0.42 -4.33 -3.88
CA LYS A 71 0.26 -5.04 -2.83
C LYS A 71 -0.76 -5.54 -1.81
N ILE A 72 -1.61 -4.65 -1.29
CA ILE A 72 -2.68 -4.98 -0.35
C ILE A 72 -3.44 -6.21 -0.84
N TYR A 73 -3.91 -6.15 -2.10
CA TYR A 73 -4.61 -7.27 -2.71
C TYR A 73 -3.73 -8.51 -2.60
N LYS A 74 -2.57 -8.49 -3.24
CA LYS A 74 -1.63 -9.59 -3.28
C LYS A 74 -1.40 -10.24 -1.93
N ILE A 75 -0.99 -9.47 -0.93
CA ILE A 75 -0.59 -10.07 0.34
C ILE A 75 -1.70 -10.96 0.95
N GLN A 76 -2.95 -10.82 0.52
CA GLN A 76 -4.03 -11.66 0.99
C GLN A 76 -4.53 -12.54 -0.15
N LYS A 77 -5.06 -11.91 -1.18
CA LYS A 77 -5.66 -12.56 -2.33
C LYS A 77 -4.68 -13.47 -3.07
N GLU A 78 -3.42 -13.05 -3.24
CA GLU A 78 -2.44 -13.85 -3.95
C GLU A 78 -1.78 -14.85 -3.00
N LEU A 79 -1.19 -14.29 -1.95
CA LEU A 79 -0.38 -15.01 -1.00
C LEU A 79 -1.17 -16.01 -0.15
N GLU A 80 -2.33 -15.63 0.40
CA GLU A 80 -3.11 -16.53 1.24
C GLU A 80 -4.15 -17.28 0.42
N GLU A 81 -5.02 -16.53 -0.27
CA GLU A 81 -6.09 -17.08 -1.07
C GLU A 81 -5.56 -17.52 -2.43
N THR B 1 3.11 -3.05 -20.17
CA THR B 1 2.90 -4.43 -20.55
C THR B 1 2.37 -5.20 -19.34
N ASP B 2 3.29 -5.62 -18.47
CA ASP B 2 2.98 -6.33 -17.23
C ASP B 2 1.96 -5.51 -16.44
N SER B 3 2.21 -4.22 -16.32
CA SER B 3 1.32 -3.28 -15.66
C SER B 3 -0.08 -3.33 -16.28
N GLN B 4 -0.16 -3.37 -17.62
CA GLN B 4 -1.44 -3.47 -18.31
C GLN B 4 -2.14 -4.76 -17.87
N LYS B 5 -1.43 -5.89 -17.96
CA LYS B 5 -1.98 -7.18 -17.55
C LYS B 5 -2.50 -7.11 -16.11
N ARG B 6 -1.67 -6.62 -15.18
CA ARG B 6 -2.03 -6.46 -13.78
C ARG B 6 -3.30 -5.61 -13.64
N ARG B 7 -3.30 -4.36 -14.11
CA ARG B 7 -4.48 -3.51 -14.02
C ARG B 7 -5.70 -4.22 -14.60
N GLU B 8 -5.60 -4.77 -15.80
CA GLU B 8 -6.70 -5.46 -16.47
C GLU B 8 -7.24 -6.63 -15.64
N ILE B 9 -6.39 -7.64 -15.43
CA ILE B 9 -6.75 -8.86 -14.71
C ILE B 9 -7.28 -8.49 -13.33
N LEU B 10 -6.56 -7.64 -12.59
CA LEU B 10 -6.99 -7.26 -11.26
C LEU B 10 -8.30 -6.46 -11.33
N SER B 11 -8.52 -5.60 -12.34
CA SER B 11 -9.82 -4.96 -12.49
C SER B 11 -10.90 -6.03 -12.66
N ARG B 12 -10.61 -7.10 -13.40
CA ARG B 12 -11.51 -8.23 -13.59
C ARG B 12 -11.73 -9.02 -12.28
N ARG B 13 -11.00 -8.69 -11.20
CA ARG B 13 -11.12 -9.23 -9.86
C ARG B 13 -11.50 -8.02 -9.00
N PRO B 14 -12.75 -7.55 -9.10
CA PRO B 14 -13.20 -6.30 -8.50
C PRO B 14 -12.90 -6.07 -7.02
N SEP B 15 -12.53 -7.09 -6.24
CA SEP B 15 -12.08 -6.86 -4.88
CB SEP B 15 -11.82 -8.19 -4.16
OG SEP B 15 -10.94 -9.03 -4.86
C SEP B 15 -10.85 -5.92 -4.89
O SEP B 15 -10.73 -5.06 -4.02
P SEP B 15 -11.46 -10.36 -5.64
O1P SEP B 15 -10.19 -11.00 -6.08
O2P SEP B 15 -12.29 -9.78 -6.73
O3P SEP B 15 -12.20 -11.09 -4.60
H SEP B 15 -12.45 -8.02 -6.63
HA SEP B 15 -12.88 -6.35 -4.34
HB2 SEP B 15 -11.37 -7.95 -3.19
HB3 SEP B 15 -12.77 -8.68 -3.97
N TYR B 16 -9.99 -6.01 -5.91
CA TYR B 16 -8.88 -5.09 -6.10
C TYR B 16 -9.43 -3.67 -6.24
N ARG B 17 -10.47 -3.50 -7.07
CA ARG B 17 -11.10 -2.21 -7.29
C ARG B 17 -11.69 -1.68 -5.98
N LYS B 18 -12.34 -2.55 -5.21
CA LYS B 18 -12.85 -2.20 -3.89
C LYS B 18 -11.69 -1.72 -3.03
N ILE B 19 -10.54 -2.41 -3.07
CA ILE B 19 -9.36 -1.99 -2.32
C ILE B 19 -8.90 -0.61 -2.82
N LEU B 20 -8.84 -0.36 -4.13
CA LEU B 20 -8.46 0.96 -4.66
C LEU B 20 -9.36 2.03 -4.02
N ASN B 21 -10.68 1.84 -4.15
CA ASN B 21 -11.66 2.76 -3.60
C ASN B 21 -11.44 2.94 -2.10
N ASP B 22 -11.34 1.84 -1.36
CA ASP B 22 -11.15 1.85 0.08
C ASP B 22 -9.89 2.63 0.45
N LEU B 23 -8.76 2.33 -0.20
CA LEU B 23 -7.49 3.01 0.04
C LEU B 23 -7.66 4.52 -0.20
N SER B 24 -8.36 4.87 -1.27
CA SER B 24 -8.61 6.27 -1.61
C SER B 24 -9.47 6.95 -0.55
N SER B 25 -10.53 6.26 -0.11
CA SER B 25 -11.48 6.77 0.86
C SER B 25 -10.90 6.85 2.27
N ASP B 26 -10.05 5.89 2.63
CA ASP B 26 -9.47 5.79 3.97
C ASP B 26 -8.45 6.90 4.19
N ALA B 27 -7.64 7.18 3.16
CA ALA B 27 -6.64 8.23 3.23
C ALA B 27 -7.31 9.59 3.49
N PRO B 28 -6.89 10.34 4.54
CA PRO B 28 -7.43 11.65 4.87
C PRO B 28 -7.65 12.53 3.63
N GLY A 1 13.60 16.83 -10.37
CA GLY A 1 12.22 17.14 -10.04
C GLY A 1 11.78 16.33 -8.83
N VAL A 2 12.62 16.30 -7.79
CA VAL A 2 12.42 15.56 -6.55
C VAL A 2 11.88 14.15 -6.82
N ARG A 3 10.93 13.66 -6.03
CA ARG A 3 10.32 12.36 -6.24
C ARG A 3 9.23 12.50 -7.31
N LYS A 4 9.69 12.86 -8.52
CA LYS A 4 8.93 13.07 -9.75
C LYS A 4 7.78 14.06 -9.58
N GLY A 5 8.00 15.14 -8.82
CA GLY A 5 7.01 16.18 -8.58
C GLY A 5 5.88 15.72 -7.65
N TRP A 6 5.15 14.67 -8.05
CA TRP A 6 4.02 14.08 -7.35
C TRP A 6 4.24 13.94 -5.83
N HIS A 7 5.52 13.77 -5.44
CA HIS A 7 6.00 13.73 -4.08
C HIS A 7 5.23 14.70 -3.17
N GLU A 8 5.05 15.93 -3.67
CA GLU A 8 4.40 17.03 -2.94
C GLU A 8 3.02 16.67 -2.41
N HIS A 9 2.23 15.93 -3.19
CA HIS A 9 0.87 15.58 -2.81
C HIS A 9 0.88 14.40 -1.84
N VAL A 10 1.73 13.41 -2.10
CA VAL A 10 1.81 12.22 -1.29
C VAL A 10 2.70 12.51 -0.08
N THR A 11 2.15 13.26 0.87
CA THR A 11 2.80 13.72 2.09
C THR A 11 3.29 12.55 2.97
N GLN A 12 4.20 12.87 3.89
CA GLN A 12 4.70 11.89 4.84
C GLN A 12 3.56 11.39 5.75
N ASP A 13 2.56 12.25 5.97
CA ASP A 13 1.37 11.93 6.75
C ASP A 13 0.58 10.86 6.00
N LEU A 14 0.29 11.13 4.72
CA LEU A 14 -0.40 10.19 3.84
C LEU A 14 0.37 8.87 3.87
N ARG A 15 1.68 8.92 3.58
CA ARG A 15 2.55 7.76 3.60
C ARG A 15 2.34 6.97 4.90
N SER A 16 2.50 7.63 6.05
CA SER A 16 2.32 7.01 7.36
C SER A 16 0.99 6.26 7.44
N HIS A 17 -0.10 6.93 7.05
CA HIS A 17 -1.42 6.30 7.06
C HIS A 17 -1.42 5.06 6.15
N LEU A 18 -0.91 5.17 4.93
CA LEU A 18 -0.87 4.03 4.02
C LEU A 18 0.06 2.92 4.52
N VAL A 19 1.12 3.25 5.26
CA VAL A 19 1.96 2.24 5.89
C VAL A 19 1.08 1.48 6.87
N HIS A 20 0.33 2.19 7.71
CA HIS A 20 -0.59 1.52 8.63
C HIS A 20 -1.54 0.63 7.84
N LYS A 21 -2.11 1.14 6.75
CA LYS A 21 -3.03 0.39 5.91
C LYS A 21 -2.37 -0.89 5.37
N LEU A 22 -1.12 -0.80 4.89
CA LEU A 22 -0.38 -1.97 4.45
C LEU A 22 -0.28 -2.95 5.63
N VAL A 23 0.11 -2.46 6.80
CA VAL A 23 0.20 -3.30 8.00
C VAL A 23 -1.16 -3.98 8.26
N GLN A 24 -2.28 -3.26 8.20
CA GLN A 24 -3.61 -3.84 8.38
C GLN A 24 -3.80 -5.01 7.40
N ALA A 25 -3.49 -4.79 6.12
CA ALA A 25 -3.64 -5.83 5.10
C ALA A 25 -2.76 -7.04 5.42
N ILE A 26 -1.51 -6.78 5.83
CA ILE A 26 -0.55 -7.82 6.18
C ILE A 26 -0.99 -8.59 7.43
N PHE A 27 -1.56 -7.89 8.41
CA PHE A 27 -1.97 -8.44 9.69
C PHE A 27 -3.11 -7.59 10.25
N PRO A 28 -4.29 -8.18 10.53
CA PRO A 28 -5.43 -7.43 11.05
C PRO A 28 -5.15 -6.95 12.49
N THR A 29 -4.45 -5.82 12.62
CA THR A 29 -4.09 -5.19 13.87
C THR A 29 -5.34 -5.03 14.75
N PRO A 30 -5.45 -5.73 15.89
CA PRO A 30 -6.62 -5.65 16.75
C PRO A 30 -6.70 -4.30 17.47
N ASP A 31 -5.55 -3.77 17.88
CA ASP A 31 -5.43 -2.50 18.60
C ASP A 31 -4.00 -1.99 18.38
N PRO A 32 -3.78 -0.67 18.25
CA PRO A 32 -2.46 -0.07 18.08
C PRO A 32 -1.39 -0.65 19.01
N ALA A 33 -1.74 -0.98 20.26
CA ALA A 33 -0.79 -1.58 21.21
C ALA A 33 -0.03 -2.75 20.60
N ALA A 34 -0.64 -3.47 19.65
CA ALA A 34 -0.01 -4.58 18.97
C ALA A 34 1.34 -4.19 18.38
N LEU A 35 1.47 -2.98 17.81
CA LEU A 35 2.75 -2.58 17.22
C LEU A 35 3.88 -2.40 18.22
N LYS A 36 3.58 -2.44 19.53
CA LYS A 36 4.62 -2.42 20.54
C LYS A 36 5.43 -3.72 20.48
N ASP A 37 4.80 -4.83 20.05
CA ASP A 37 5.48 -6.11 19.93
C ASP A 37 6.41 -6.11 18.72
N ARG A 38 7.67 -6.45 18.97
CA ARG A 38 8.73 -6.58 17.98
C ARG A 38 8.25 -7.39 16.77
N ARG A 39 7.45 -8.45 17.00
CA ARG A 39 6.89 -9.26 15.93
C ARG A 39 6.16 -8.36 14.91
N MET A 40 5.29 -7.49 15.42
CA MET A 40 4.54 -6.55 14.60
C MET A 40 5.50 -5.47 14.09
N GLU A 41 6.41 -4.99 14.92
CA GLU A 41 7.39 -3.98 14.53
C GLU A 41 8.09 -4.42 13.23
N ASN A 42 8.44 -5.70 13.14
CA ASN A 42 9.04 -6.28 11.93
C ASN A 42 8.11 -6.11 10.72
N LEU A 43 6.79 -6.30 10.91
CA LEU A 43 5.82 -6.13 9.85
C LEU A 43 5.72 -4.65 9.47
N VAL A 44 5.75 -3.76 10.47
CA VAL A 44 5.74 -2.32 10.25
C VAL A 44 6.96 -1.94 9.41
N ALA A 45 8.15 -2.43 9.79
CA ALA A 45 9.39 -2.20 9.06
C ALA A 45 9.24 -2.69 7.61
N TYR A 46 8.79 -3.93 7.44
CA TYR A 46 8.55 -4.51 6.12
C TYR A 46 7.61 -3.60 5.30
N ALA A 47 6.49 -3.19 5.89
CA ALA A 47 5.54 -2.30 5.23
C ALA A 47 6.21 -1.00 4.79
N LYS A 48 7.00 -0.38 5.67
CA LYS A 48 7.73 0.84 5.32
C LYS A 48 8.69 0.57 4.16
N LYS A 49 9.47 -0.51 4.22
CA LYS A 49 10.40 -0.88 3.16
C LYS A 49 9.66 -1.01 1.83
N VAL A 50 8.58 -1.79 1.83
CA VAL A 50 7.73 -1.99 0.66
C VAL A 50 7.27 -0.63 0.15
N GLU A 51 6.69 0.20 1.02
CA GLU A 51 6.22 1.51 0.61
C GLU A 51 7.38 2.28 -0.04
N GLY A 52 8.55 2.32 0.60
CA GLY A 52 9.73 2.99 0.07
C GLY A 52 9.99 2.56 -1.37
N ASP A 53 10.10 1.25 -1.60
CA ASP A 53 10.31 0.71 -2.93
C ASP A 53 9.24 1.20 -3.92
N MET A 54 7.97 0.99 -3.57
CA MET A 54 6.84 1.38 -4.41
C MET A 54 6.89 2.87 -4.72
N TYR A 55 7.17 3.68 -3.70
CA TYR A 55 7.27 5.12 -3.77
C TYR A 55 8.35 5.49 -4.77
N GLU A 56 9.58 4.97 -4.60
CA GLU A 56 10.67 5.30 -5.52
C GLU A 56 10.47 4.82 -6.94
N SER A 57 9.73 3.73 -7.08
CA SER A 57 9.40 3.19 -8.38
C SER A 57 8.35 4.05 -9.10
N ALA A 58 7.31 4.48 -8.38
CA ALA A 58 6.16 5.19 -8.93
C ALA A 58 6.51 6.50 -9.65
N ASN A 59 6.06 6.63 -10.90
CA ASN A 59 6.25 7.83 -11.71
C ASN A 59 5.12 8.85 -11.50
N SER A 60 4.07 8.50 -10.75
CA SER A 60 2.93 9.36 -10.48
C SER A 60 2.21 8.84 -9.24
N ARG A 61 1.49 9.73 -8.54
CA ARG A 61 0.70 9.39 -7.37
C ARG A 61 -0.24 8.23 -7.72
N ASP A 62 -0.90 8.32 -8.87
CA ASP A 62 -1.81 7.29 -9.38
C ASP A 62 -1.10 5.94 -9.40
N GLU A 63 0.09 5.90 -10.02
CA GLU A 63 0.91 4.71 -10.10
C GLU A 63 1.16 4.16 -8.70
N TYR A 64 1.69 5.01 -7.80
CA TYR A 64 1.93 4.65 -6.41
C TYR A 64 0.68 4.01 -5.79
N TYR A 65 -0.47 4.66 -5.93
CA TYR A 65 -1.74 4.16 -5.42
C TYR A 65 -2.05 2.77 -5.98
N HIS A 66 -1.97 2.62 -7.31
CA HIS A 66 -2.19 1.34 -7.96
C HIS A 66 -1.30 0.28 -7.34
N LEU A 67 0.00 0.56 -7.29
CA LEU A 67 1.00 -0.34 -6.76
C LEU A 67 0.67 -0.75 -5.32
N LEU A 68 0.34 0.19 -4.43
CA LEU A 68 -0.01 -0.18 -3.06
C LEU A 68 -1.26 -1.05 -3.02
N ALA A 69 -2.35 -0.64 -3.67
CA ALA A 69 -3.57 -1.42 -3.67
C ALA A 69 -3.33 -2.82 -4.29
N GLU A 70 -2.52 -2.88 -5.33
CA GLU A 70 -2.14 -4.11 -6.00
C GLU A 70 -1.36 -4.98 -5.00
N LYS A 71 -0.39 -4.39 -4.29
CA LYS A 71 0.37 -5.09 -3.26
C LYS A 71 -0.59 -5.70 -2.24
N ILE A 72 -1.55 -4.90 -1.75
CA ILE A 72 -2.59 -5.36 -0.84
C ILE A 72 -3.33 -6.55 -1.45
N TYR A 73 -3.69 -6.47 -2.73
CA TYR A 73 -4.34 -7.58 -3.42
C TYR A 73 -3.47 -8.83 -3.34
N LYS A 74 -2.21 -8.74 -3.78
CA LYS A 74 -1.27 -9.87 -3.73
C LYS A 74 -1.24 -10.46 -2.33
N ILE A 75 -1.06 -9.60 -1.33
CA ILE A 75 -0.94 -10.03 0.04
C ILE A 75 -2.10 -10.92 0.49
N GLN A 76 -3.25 -10.84 -0.17
CA GLN A 76 -4.38 -11.69 0.15
C GLN A 76 -4.55 -12.77 -0.91
N LYS A 77 -4.89 -12.36 -2.14
CA LYS A 77 -5.19 -13.28 -3.22
C LYS A 77 -4.00 -14.13 -3.64
N GLU A 78 -2.77 -13.61 -3.59
CA GLU A 78 -1.59 -14.38 -3.98
C GLU A 78 -1.12 -15.19 -2.78
N LEU A 79 -0.83 -14.46 -1.71
CA LEU A 79 -0.23 -14.96 -0.50
C LEU A 79 -1.15 -15.92 0.27
N GLU A 80 -2.39 -15.52 0.58
CA GLU A 80 -3.29 -16.39 1.32
C GLU A 80 -3.93 -17.38 0.35
N GLU A 81 -4.58 -16.85 -0.69
CA GLU A 81 -5.27 -17.68 -1.67
C GLU A 81 -4.31 -18.05 -2.81
N THR B 1 3.80 0.22 -17.03
CA THR B 1 4.24 -0.95 -17.76
C THR B 1 3.34 -2.10 -17.32
N ASP B 2 3.91 -3.19 -16.79
CA ASP B 2 3.19 -4.33 -16.25
C ASP B 2 2.11 -3.85 -15.27
N SER B 3 2.42 -2.78 -14.54
CA SER B 3 1.53 -2.11 -13.61
C SER B 3 0.16 -1.84 -14.25
N GLN B 4 0.15 -1.34 -15.48
CA GLN B 4 -1.08 -0.99 -16.17
C GLN B 4 -1.90 -2.27 -16.46
N LYS B 5 -1.20 -3.28 -16.99
CA LYS B 5 -1.81 -4.56 -17.33
C LYS B 5 -2.44 -5.19 -16.08
N ARG B 6 -1.62 -5.33 -15.03
CA ARG B 6 -2.03 -5.84 -13.73
C ARG B 6 -3.23 -5.05 -13.24
N ARG B 7 -3.11 -3.73 -13.15
CA ARG B 7 -4.21 -2.88 -12.72
C ARG B 7 -5.48 -3.22 -13.48
N GLU B 8 -5.45 -3.15 -14.81
CA GLU B 8 -6.59 -3.40 -15.65
C GLU B 8 -7.21 -4.79 -15.37
N ILE B 9 -6.42 -5.86 -15.51
CA ILE B 9 -6.91 -7.21 -15.29
C ILE B 9 -7.43 -7.38 -13.86
N LEU B 10 -6.64 -7.09 -12.83
CA LEU B 10 -7.10 -7.25 -11.46
C LEU B 10 -8.32 -6.37 -11.18
N SER B 11 -8.42 -5.18 -11.78
CA SER B 11 -9.61 -4.34 -11.63
C SER B 11 -10.85 -5.07 -12.14
N ARG B 12 -10.72 -5.98 -13.10
CA ARG B 12 -11.85 -6.79 -13.56
C ARG B 12 -12.06 -7.97 -12.60
N ARG B 13 -12.09 -7.67 -11.29
CA ARG B 13 -12.29 -8.55 -10.17
C ARG B 13 -12.69 -7.55 -9.07
N PRO B 14 -13.79 -7.76 -8.37
CA PRO B 14 -14.29 -6.75 -7.45
C PRO B 14 -13.40 -6.51 -6.24
N SEP B 15 -12.69 -7.52 -5.73
CA SEP B 15 -11.81 -7.33 -4.57
CB SEP B 15 -11.15 -8.65 -4.17
OG SEP B 15 -10.53 -9.29 -5.27
C SEP B 15 -10.80 -6.21 -4.79
O SEP B 15 -10.63 -5.35 -3.93
P SEP B 15 -11.13 -10.63 -5.92
O1P SEP B 15 -12.40 -10.14 -6.51
O2P SEP B 15 -11.27 -11.53 -4.77
O3P SEP B 15 -10.09 -11.01 -6.91
H SEP B 15 -12.74 -8.44 -6.15
HA SEP B 15 -12.44 -7.03 -3.74
HB2 SEP B 15 -10.40 -8.43 -3.41
HB3 SEP B 15 -11.91 -9.30 -3.71
N TYR B 16 -10.13 -6.18 -5.95
CA TYR B 16 -9.17 -5.13 -6.27
C TYR B 16 -9.85 -3.76 -6.24
N ARG B 17 -11.03 -3.64 -6.87
CA ARG B 17 -11.79 -2.39 -6.88
C ARG B 17 -12.12 -1.96 -5.45
N LYS B 18 -12.62 -2.91 -4.63
CA LYS B 18 -12.92 -2.66 -3.23
C LYS B 18 -11.65 -2.18 -2.52
N ILE B 19 -10.51 -2.81 -2.78
CA ILE B 19 -9.24 -2.39 -2.20
C ILE B 19 -8.93 -0.96 -2.63
N LEU B 20 -9.11 -0.59 -3.91
CA LEU B 20 -8.87 0.78 -4.34
C LEU B 20 -9.76 1.74 -3.52
N ASN B 21 -11.06 1.46 -3.46
CA ASN B 21 -11.98 2.30 -2.69
C ASN B 21 -11.51 2.43 -1.24
N ASP B 22 -11.24 1.29 -0.60
CA ASP B 22 -10.77 1.22 0.77
C ASP B 22 -9.50 2.06 0.94
N LEU B 23 -8.50 1.87 0.07
CA LEU B 23 -7.26 2.62 0.11
C LEU B 23 -7.50 4.12 -0.07
N SER B 24 -8.47 4.48 -0.93
CA SER B 24 -8.81 5.87 -1.17
C SER B 24 -9.49 6.47 0.06
N SER B 25 -10.32 5.68 0.75
CA SER B 25 -11.05 6.10 1.93
C SER B 25 -10.10 6.24 3.12
N ASP B 26 -9.28 5.22 3.34
CA ASP B 26 -8.31 5.14 4.41
C ASP B 26 -7.08 5.92 3.99
N ALA B 27 -7.26 7.24 3.81
CA ALA B 27 -6.20 8.15 3.40
C ALA B 27 -6.61 9.57 3.77
N PRO B 28 -5.77 10.34 4.52
CA PRO B 28 -6.11 11.70 4.89
C PRO B 28 -6.15 12.58 3.64
N GLY A 1 14.18 14.89 -9.62
CA GLY A 1 14.71 14.58 -8.31
C GLY A 1 13.60 14.05 -7.41
N VAL A 2 12.46 14.74 -7.40
CA VAL A 2 11.30 14.33 -6.61
C VAL A 2 10.66 13.07 -7.21
N ARG A 3 9.69 12.52 -6.47
CA ARG A 3 8.90 11.40 -6.91
C ARG A 3 7.93 11.92 -7.98
N LYS A 4 8.45 11.98 -9.21
CA LYS A 4 7.84 12.41 -10.46
C LYS A 4 6.74 13.46 -10.31
N GLY A 5 7.09 14.59 -9.70
CA GLY A 5 6.20 15.72 -9.49
C GLY A 5 5.19 15.45 -8.37
N TRP A 6 4.38 14.40 -8.54
CA TRP A 6 3.31 13.99 -7.62
C TRP A 6 3.69 14.08 -6.15
N HIS A 7 4.96 13.86 -5.82
CA HIS A 7 5.53 14.03 -4.48
C HIS A 7 4.93 15.25 -3.77
N GLU A 8 4.79 16.35 -4.49
CA GLU A 8 4.30 17.62 -3.98
C GLU A 8 2.99 17.50 -3.21
N HIS A 9 2.10 16.56 -3.59
CA HIS A 9 0.81 16.36 -2.93
C HIS A 9 0.79 15.06 -2.13
N VAL A 10 1.83 14.86 -1.31
CA VAL A 10 1.97 13.74 -0.39
C VAL A 10 2.37 14.34 0.96
N THR A 11 1.97 13.70 2.06
CA THR A 11 2.30 14.13 3.41
C THR A 11 2.83 12.92 4.20
N GLN A 12 3.57 13.18 5.27
CA GLN A 12 4.06 12.13 6.15
C GLN A 12 2.85 11.35 6.69
N ASP A 13 1.74 12.06 6.93
CA ASP A 13 0.49 11.47 7.39
C ASP A 13 0.03 10.45 6.37
N LEU A 14 -0.05 10.87 5.10
CA LEU A 14 -0.46 9.98 4.02
C LEU A 14 0.45 8.75 3.99
N ARG A 15 1.76 8.95 3.90
CA ARG A 15 2.72 7.86 3.85
C ARG A 15 2.54 6.90 5.04
N SER A 16 2.57 7.43 6.27
CA SER A 16 2.42 6.63 7.47
C SER A 16 1.11 5.84 7.44
N HIS A 17 0.01 6.46 7.06
CA HIS A 17 -1.26 5.75 6.96
C HIS A 17 -1.15 4.64 5.91
N LEU A 18 -0.53 4.90 4.76
CA LEU A 18 -0.37 3.85 3.74
C LEU A 18 0.47 2.70 4.31
N VAL A 19 1.54 3.00 5.06
CA VAL A 19 2.31 1.97 5.75
C VAL A 19 1.34 1.20 6.66
N HIS A 20 0.52 1.91 7.44
CA HIS A 20 -0.45 1.31 8.32
C HIS A 20 -1.36 0.35 7.55
N LYS A 21 -1.88 0.78 6.40
CA LYS A 21 -2.73 -0.04 5.56
C LYS A 21 -1.99 -1.31 5.11
N LEU A 22 -0.73 -1.17 4.67
CA LEU A 22 0.06 -2.34 4.30
C LEU A 22 0.14 -3.28 5.51
N VAL A 23 0.47 -2.75 6.69
CA VAL A 23 0.54 -3.54 7.91
C VAL A 23 -0.80 -4.25 8.15
N GLN A 24 -1.92 -3.53 8.14
CA GLN A 24 -3.25 -4.09 8.33
C GLN A 24 -3.47 -5.28 7.37
N ALA A 25 -3.14 -5.08 6.09
CA ALA A 25 -3.29 -6.12 5.08
C ALA A 25 -2.44 -7.34 5.41
N ILE A 26 -1.17 -7.11 5.78
CA ILE A 26 -0.23 -8.16 6.13
C ILE A 26 -0.72 -8.91 7.38
N PHE A 27 -1.25 -8.19 8.36
CA PHE A 27 -1.68 -8.72 9.64
C PHE A 27 -2.73 -7.77 10.23
N PRO A 28 -3.95 -8.23 10.53
CA PRO A 28 -5.01 -7.40 11.07
C PRO A 28 -4.69 -6.98 12.52
N THR A 29 -3.80 -5.99 12.67
CA THR A 29 -3.39 -5.47 13.96
C THR A 29 -4.62 -5.06 14.79
N PRO A 30 -4.71 -5.49 16.06
CA PRO A 30 -5.85 -5.18 16.91
C PRO A 30 -5.92 -3.70 17.29
N ASP A 31 -4.76 -3.08 17.51
CA ASP A 31 -4.64 -1.68 17.90
C ASP A 31 -3.21 -1.23 17.59
N PRO A 32 -3.01 0.00 17.09
CA PRO A 32 -1.69 0.56 16.79
C PRO A 32 -0.61 0.26 17.83
N ALA A 33 -0.95 0.29 19.13
CA ALA A 33 0.00 -0.01 20.19
C ALA A 33 0.70 -1.35 19.97
N ALA A 34 -0.01 -2.36 19.45
CA ALA A 34 0.55 -3.66 19.16
C ALA A 34 1.77 -3.55 18.24
N LEU A 35 1.79 -2.56 17.34
CA LEU A 35 2.88 -2.32 16.41
C LEU A 35 4.20 -2.07 17.13
N LYS A 36 4.16 -1.65 18.41
CA LYS A 36 5.37 -1.44 19.19
C LYS A 36 6.07 -2.77 19.50
N ASP A 37 5.35 -3.90 19.48
CA ASP A 37 5.94 -5.20 19.77
C ASP A 37 6.83 -5.62 18.60
N ARG A 38 8.06 -6.04 18.89
CA ARG A 38 9.03 -6.49 17.88
C ARG A 38 8.43 -7.42 16.83
N ARG A 39 7.55 -8.34 17.27
CA ARG A 39 6.87 -9.28 16.38
C ARG A 39 6.20 -8.52 15.24
N MET A 40 5.50 -7.43 15.57
CA MET A 40 4.82 -6.58 14.61
C MET A 40 5.84 -5.67 13.94
N GLU A 41 6.79 -5.13 14.70
CA GLU A 41 7.84 -4.24 14.20
C GLU A 41 8.44 -4.76 12.89
N ASN A 42 8.70 -6.07 12.81
CA ASN A 42 9.24 -6.68 11.59
C ASN A 42 8.28 -6.49 10.40
N LEU A 43 6.96 -6.60 10.65
CA LEU A 43 5.94 -6.41 9.63
C LEU A 43 5.90 -4.94 9.25
N VAL A 44 5.98 -4.05 10.24
CA VAL A 44 6.03 -2.62 10.04
C VAL A 44 7.23 -2.27 9.15
N ALA A 45 8.40 -2.86 9.43
CA ALA A 45 9.61 -2.66 8.64
C ALA A 45 9.34 -3.11 7.20
N TYR A 46 8.83 -4.32 7.00
CA TYR A 46 8.50 -4.82 5.66
C TYR A 46 7.56 -3.83 4.95
N ALA A 47 6.50 -3.39 5.63
CA ALA A 47 5.56 -2.43 5.09
C ALA A 47 6.27 -1.13 4.66
N LYS A 48 7.15 -0.59 5.52
CA LYS A 48 7.93 0.60 5.18
C LYS A 48 8.80 0.33 3.95
N LYS A 49 9.45 -0.82 3.89
CA LYS A 49 10.29 -1.20 2.75
C LYS A 49 9.45 -1.18 1.47
N VAL A 50 8.30 -1.86 1.48
CA VAL A 50 7.37 -1.88 0.36
C VAL A 50 7.00 -0.45 -0.02
N GLU A 51 6.50 0.34 0.95
CA GLU A 51 6.13 1.73 0.75
C GLU A 51 7.26 2.47 0.04
N GLY A 52 8.49 2.32 0.54
CA GLY A 52 9.67 2.92 -0.06
C GLY A 52 9.79 2.51 -1.53
N ASP A 53 9.77 1.20 -1.81
CA ASP A 53 9.87 0.68 -3.16
C ASP A 53 8.81 1.32 -4.07
N MET A 54 7.56 1.33 -3.63
CA MET A 54 6.46 1.90 -4.40
C MET A 54 6.69 3.39 -4.66
N TYR A 55 7.08 4.12 -3.61
CA TYR A 55 7.35 5.55 -3.68
C TYR A 55 8.44 5.83 -4.71
N GLU A 56 9.58 5.15 -4.58
CA GLU A 56 10.70 5.28 -5.51
C GLU A 56 10.43 4.46 -6.79
N SER A 57 9.25 4.62 -7.39
CA SER A 57 8.88 3.87 -8.60
C SER A 57 7.66 4.50 -9.28
N ALA A 58 6.54 4.58 -8.56
CA ALA A 58 5.29 5.10 -9.11
C ALA A 58 5.45 6.49 -9.74
N ASN A 59 4.86 6.70 -10.91
CA ASN A 59 4.93 7.95 -11.67
C ASN A 59 3.67 8.81 -11.45
N SER A 60 2.87 8.52 -10.42
CA SER A 60 1.67 9.25 -10.06
C SER A 60 1.12 8.64 -8.79
N ARG A 61 0.33 9.43 -8.02
CA ARG A 61 -0.38 8.87 -6.89
C ARG A 61 -1.35 7.80 -7.37
N ASP A 62 -1.85 7.90 -8.61
CA ASP A 62 -2.75 6.89 -9.17
C ASP A 62 -2.02 5.55 -9.20
N GLU A 63 -0.84 5.54 -9.82
CA GLU A 63 -0.02 4.35 -9.95
C GLU A 63 0.36 3.84 -8.57
N TYR A 64 0.86 4.74 -7.72
CA TYR A 64 1.24 4.45 -6.34
C TYR A 64 0.10 3.73 -5.62
N TYR A 65 -1.10 4.33 -5.61
CA TYR A 65 -2.27 3.74 -4.98
C TYR A 65 -2.59 2.38 -5.56
N HIS A 66 -2.67 2.26 -6.90
CA HIS A 66 -3.01 0.96 -7.47
C HIS A 66 -1.95 -0.07 -7.07
N LEU A 67 -0.67 0.26 -7.13
CA LEU A 67 0.40 -0.64 -6.75
C LEU A 67 0.26 -1.03 -5.26
N LEU A 68 -0.02 -0.08 -4.38
CA LEU A 68 -0.19 -0.36 -2.96
C LEU A 68 -1.39 -1.29 -2.74
N ALA A 69 -2.57 -0.91 -3.24
CA ALA A 69 -3.78 -1.72 -3.10
C ALA A 69 -3.60 -3.09 -3.76
N GLU A 70 -2.89 -3.14 -4.90
CA GLU A 70 -2.55 -4.37 -5.60
C GLU A 70 -1.69 -5.22 -4.66
N LYS A 71 -0.62 -4.67 -4.11
CA LYS A 71 0.25 -5.39 -3.19
C LYS A 71 -0.60 -5.90 -2.03
N ILE A 72 -1.44 -5.06 -1.42
CA ILE A 72 -2.35 -5.44 -0.35
C ILE A 72 -3.12 -6.70 -0.77
N TYR A 73 -3.77 -6.63 -1.94
CA TYR A 73 -4.54 -7.73 -2.47
C TYR A 73 -3.68 -8.99 -2.55
N LYS A 74 -2.59 -8.92 -3.31
CA LYS A 74 -1.66 -10.03 -3.49
C LYS A 74 -1.25 -10.64 -2.17
N ILE A 75 -0.85 -9.81 -1.22
CA ILE A 75 -0.40 -10.29 0.08
C ILE A 75 -1.43 -11.18 0.76
N GLN A 76 -2.71 -11.08 0.39
CA GLN A 76 -3.74 -11.94 0.94
C GLN A 76 -4.15 -12.98 -0.11
N LYS A 77 -4.76 -12.52 -1.20
CA LYS A 77 -5.29 -13.36 -2.25
C LYS A 77 -4.24 -14.26 -2.90
N GLU A 78 -3.02 -13.77 -3.14
CA GLU A 78 -1.98 -14.60 -3.74
C GLU A 78 -1.27 -15.40 -2.66
N LEU A 79 -0.69 -14.66 -1.72
CA LEU A 79 0.15 -15.19 -0.66
C LEU A 79 -0.58 -16.16 0.26
N GLU A 80 -1.75 -15.78 0.80
CA GLU A 80 -2.48 -16.66 1.72
C GLU A 80 -3.38 -17.60 0.92
N GLU A 81 -4.23 -17.03 0.07
CA GLU A 81 -5.19 -17.80 -0.71
C GLU A 81 -4.61 -18.16 -2.08
N THR B 1 4.47 -0.62 -17.25
CA THR B 1 4.38 -1.85 -18.02
C THR B 1 3.78 -2.96 -17.17
N ASP B 2 4.55 -3.47 -16.20
CA ASP B 2 4.07 -4.50 -15.28
C ASP B 2 2.89 -3.95 -14.47
N SER B 3 2.98 -2.67 -14.10
CA SER B 3 1.93 -1.98 -13.39
C SER B 3 0.66 -2.05 -14.23
N GLN B 4 0.76 -1.70 -15.52
CA GLN B 4 -0.35 -1.77 -16.46
C GLN B 4 -0.89 -3.21 -16.53
N LYS B 5 -0.02 -4.21 -16.70
CA LYS B 5 -0.45 -5.61 -16.77
C LYS B 5 -1.32 -5.94 -15.56
N ARG B 6 -0.82 -5.70 -14.35
CA ARG B 6 -1.62 -5.97 -13.15
C ARG B 6 -2.90 -5.13 -13.17
N ARG B 7 -2.80 -3.84 -13.51
CA ARG B 7 -3.94 -2.92 -13.58
C ARG B 7 -5.06 -3.50 -14.47
N GLU B 8 -4.70 -4.15 -15.59
CA GLU B 8 -5.68 -4.79 -16.45
C GLU B 8 -6.45 -5.85 -15.65
N ILE B 9 -5.74 -6.64 -14.83
CA ILE B 9 -6.39 -7.62 -13.97
C ILE B 9 -7.28 -6.87 -12.96
N LEU B 10 -6.73 -5.88 -12.25
CA LEU B 10 -7.49 -5.07 -11.28
C LEU B 10 -8.84 -4.64 -11.88
N SER B 11 -8.79 -4.04 -13.07
CA SER B 11 -9.97 -3.56 -13.79
C SER B 11 -11.03 -4.65 -13.98
N ARG B 12 -10.61 -5.92 -14.12
CA ARG B 12 -11.50 -7.06 -14.31
C ARG B 12 -11.75 -7.81 -13.00
N ARG B 13 -11.23 -7.32 -11.87
CA ARG B 13 -11.36 -7.92 -10.55
C ARG B 13 -11.72 -6.78 -9.58
N PRO B 14 -12.99 -6.33 -9.59
CA PRO B 14 -13.43 -5.18 -8.82
C PRO B 14 -13.15 -5.24 -7.31
N SEP B 15 -12.88 -6.42 -6.73
CA SEP B 15 -12.51 -6.47 -5.32
CB SEP B 15 -12.40 -7.93 -4.84
OG SEP B 15 -11.53 -8.69 -5.65
C SEP B 15 -11.24 -5.65 -5.08
O SEP B 15 -11.17 -4.90 -4.10
P SEP B 15 -12.05 -9.78 -6.71
O1P SEP B 15 -13.02 -10.57 -5.92
O2P SEP B 15 -10.80 -10.50 -7.05
O3P SEP B 15 -12.62 -8.94 -7.78
H SEP B 15 -12.85 -7.27 -7.29
HA SEP B 15 -13.32 -6.01 -4.75
HB2 SEP B 15 -12.02 -7.91 -3.82
HB3 SEP B 15 -13.41 -8.37 -4.81
N TYR B 16 -10.27 -5.69 -6.00
CA TYR B 16 -9.09 -4.82 -5.88
C TYR B 16 -9.56 -3.37 -5.89
N ARG B 17 -10.50 -3.05 -6.78
CA ARG B 17 -11.02 -1.70 -6.91
C ARG B 17 -11.70 -1.27 -5.59
N LYS B 18 -12.37 -2.21 -4.89
CA LYS B 18 -12.93 -1.91 -3.58
C LYS B 18 -11.78 -1.52 -2.64
N ILE B 19 -10.66 -2.25 -2.70
CA ILE B 19 -9.47 -1.93 -1.92
C ILE B 19 -8.97 -0.53 -2.32
N LEU B 20 -8.90 -0.18 -3.62
CA LEU B 20 -8.53 1.18 -4.05
C LEU B 20 -9.45 2.20 -3.39
N ASN B 21 -10.76 1.98 -3.50
CA ASN B 21 -11.75 2.88 -2.93
C ASN B 21 -11.49 3.07 -1.44
N ASP B 22 -11.39 1.96 -0.70
CA ASP B 22 -11.12 1.99 0.73
C ASP B 22 -9.83 2.78 1.00
N LEU B 23 -8.75 2.43 0.30
CA LEU B 23 -7.46 3.07 0.44
C LEU B 23 -7.60 4.59 0.28
N SER B 24 -8.28 5.01 -0.77
CA SER B 24 -8.54 6.42 -1.07
C SER B 24 -9.41 7.08 0.00
N SER B 25 -10.41 6.35 0.49
CA SER B 25 -11.32 6.85 1.52
C SER B 25 -10.58 7.06 2.83
N ASP B 26 -9.71 6.12 3.19
CA ASP B 26 -8.98 6.14 4.44
C ASP B 26 -7.82 7.12 4.39
N ALA B 27 -7.02 7.06 3.31
CA ALA B 27 -5.90 7.93 3.08
C ALA B 27 -6.21 8.89 1.93
N PRO B 28 -6.32 10.20 2.19
CA PRO B 28 -6.59 11.24 1.20
C PRO B 28 -5.84 11.02 -0.13
N GLY A 1 12.23 17.59 -7.89
CA GLY A 1 13.60 17.95 -7.58
C GLY A 1 14.13 16.99 -6.51
N VAL A 2 13.45 16.97 -5.36
CA VAL A 2 13.73 16.04 -4.27
C VAL A 2 13.70 14.61 -4.80
N ARG A 3 12.73 14.40 -5.67
CA ARG A 3 12.31 13.20 -6.33
C ARG A 3 11.18 13.70 -7.23
N LYS A 4 10.08 12.96 -7.36
CA LYS A 4 8.96 13.38 -8.18
C LYS A 4 8.26 14.58 -7.54
N GLY A 5 7.88 15.57 -8.36
CA GLY A 5 7.19 16.78 -7.92
C GLY A 5 5.96 16.47 -7.05
N TRP A 6 5.26 15.36 -7.32
CA TRP A 6 4.09 14.97 -6.55
C TRP A 6 4.40 14.78 -5.06
N HIS A 7 5.67 14.60 -4.68
CA HIS A 7 6.12 14.40 -3.31
C HIS A 7 5.32 15.25 -2.29
N GLU A 8 5.31 16.57 -2.49
CA GLU A 8 4.65 17.51 -1.60
C GLU A 8 3.16 17.20 -1.37
N HIS A 9 2.50 16.49 -2.28
CA HIS A 9 1.10 16.11 -2.15
C HIS A 9 0.92 14.89 -1.25
N VAL A 10 2.01 14.29 -0.75
CA VAL A 10 1.97 13.14 0.15
C VAL A 10 3.03 13.34 1.24
N THR A 11 2.59 13.89 2.37
CA THR A 11 3.42 14.20 3.52
C THR A 11 3.66 12.94 4.36
N GLN A 12 4.66 13.01 5.25
CA GLN A 12 5.04 11.92 6.14
C GLN A 12 3.84 11.30 6.87
N ASP A 13 2.84 12.11 7.20
CA ASP A 13 1.64 11.66 7.89
C ASP A 13 0.91 10.62 7.03
N LEU A 14 0.67 10.99 5.77
CA LEU A 14 0.01 10.12 4.83
C LEU A 14 0.88 8.88 4.58
N ARG A 15 2.19 9.07 4.41
CA ARG A 15 3.11 7.95 4.23
C ARG A 15 2.95 6.96 5.40
N SER A 16 3.04 7.46 6.63
CA SER A 16 2.87 6.67 7.84
C SER A 16 1.53 5.94 7.81
N HIS A 17 0.44 6.63 7.49
CA HIS A 17 -0.87 6.00 7.40
C HIS A 17 -0.82 4.85 6.39
N LEU A 18 -0.26 5.08 5.20
CA LEU A 18 -0.17 4.04 4.18
C LEU A 18 0.67 2.86 4.69
N VAL A 19 1.76 3.12 5.41
CA VAL A 19 2.54 2.06 6.04
C VAL A 19 1.61 1.26 6.96
N HIS A 20 0.79 1.96 7.77
CA HIS A 20 -0.16 1.28 8.64
C HIS A 20 -1.11 0.42 7.81
N LYS A 21 -1.70 0.96 6.75
CA LYS A 21 -2.60 0.22 5.87
C LYS A 21 -1.96 -1.08 5.39
N LEU A 22 -0.73 -1.01 4.88
CA LEU A 22 0.00 -2.17 4.40
C LEU A 22 0.06 -3.26 5.47
N VAL A 23 0.39 -2.89 6.72
CA VAL A 23 0.45 -3.85 7.81
C VAL A 23 -0.96 -4.35 8.13
N GLN A 24 -1.88 -3.43 8.43
CA GLN A 24 -3.27 -3.69 8.78
C GLN A 24 -3.93 -4.70 7.84
N ALA A 25 -3.66 -4.59 6.54
CA ALA A 25 -4.18 -5.51 5.53
C ALA A 25 -3.97 -6.98 5.89
N ILE A 26 -2.92 -7.31 6.65
CA ILE A 26 -2.58 -8.66 7.09
C ILE A 26 -2.69 -8.79 8.61
N PHE A 27 -2.11 -7.85 9.36
CA PHE A 27 -2.03 -7.85 10.81
C PHE A 27 -2.67 -6.56 11.33
N PRO A 28 -3.98 -6.59 11.69
CA PRO A 28 -4.70 -5.45 12.20
C PRO A 28 -4.03 -4.80 13.41
N THR A 29 -4.32 -3.52 13.65
CA THR A 29 -3.80 -2.76 14.77
C THR A 29 -4.88 -2.66 15.86
N PRO A 30 -4.92 -3.56 16.86
CA PRO A 30 -5.90 -3.50 17.93
C PRO A 30 -5.63 -2.28 18.82
N ASP A 31 -4.36 -2.00 19.08
CA ASP A 31 -3.88 -0.90 19.89
C ASP A 31 -2.42 -0.67 19.47
N PRO A 32 -1.95 0.59 19.38
CA PRO A 32 -0.59 0.93 19.00
C PRO A 32 0.49 0.04 19.67
N ALA A 33 0.29 -0.34 20.93
CA ALA A 33 1.19 -1.21 21.66
C ALA A 33 1.58 -2.45 20.84
N ALA A 34 0.65 -2.98 20.05
CA ALA A 34 0.90 -4.15 19.20
C ALA A 34 2.15 -3.97 18.33
N LEU A 35 2.43 -2.74 17.89
CA LEU A 35 3.59 -2.42 17.06
C LEU A 35 4.90 -2.89 17.71
N LYS A 36 4.95 -2.96 19.05
CA LYS A 36 6.15 -3.39 19.75
C LYS A 36 6.42 -4.89 19.57
N ASP A 37 5.40 -5.68 19.19
CA ASP A 37 5.60 -7.11 18.94
C ASP A 37 6.53 -7.21 17.73
N ARG A 38 7.69 -7.86 17.88
CA ARG A 38 8.64 -8.00 16.79
C ARG A 38 7.98 -8.57 15.51
N ARG A 39 6.97 -9.43 15.67
CA ARG A 39 6.23 -9.97 14.54
C ARG A 39 5.63 -8.80 13.74
N MET A 40 5.04 -7.83 14.44
CA MET A 40 4.46 -6.66 13.84
C MET A 40 5.57 -5.75 13.32
N GLU A 41 6.62 -5.52 14.13
CA GLU A 41 7.78 -4.71 13.79
C GLU A 41 8.31 -5.12 12.40
N ASN A 42 8.45 -6.42 12.17
CA ASN A 42 8.90 -6.95 10.89
C ASN A 42 7.98 -6.48 9.75
N LEU A 43 6.67 -6.59 9.96
CA LEU A 43 5.69 -6.17 8.97
C LEU A 43 5.78 -4.66 8.75
N VAL A 44 5.96 -3.90 9.82
CA VAL A 44 6.13 -2.45 9.76
C VAL A 44 7.36 -2.12 8.92
N ALA A 45 8.50 -2.78 9.18
CA ALA A 45 9.72 -2.58 8.41
C ALA A 45 9.46 -2.86 6.93
N TYR A 46 8.89 -4.05 6.64
CA TYR A 46 8.55 -4.44 5.27
C TYR A 46 7.66 -3.37 4.63
N ALA A 47 6.61 -2.96 5.33
CA ALA A 47 5.66 -1.95 4.88
C ALA A 47 6.38 -0.65 4.56
N LYS A 48 7.29 -0.18 5.43
CA LYS A 48 8.07 1.04 5.15
C LYS A 48 8.86 0.86 3.86
N LYS A 49 9.58 -0.27 3.74
CA LYS A 49 10.38 -0.56 2.56
C LYS A 49 9.50 -0.47 1.31
N VAL A 50 8.40 -1.22 1.30
CA VAL A 50 7.44 -1.24 0.19
C VAL A 50 6.95 0.18 -0.10
N GLU A 51 6.41 0.86 0.91
CA GLU A 51 5.87 2.21 0.76
C GLU A 51 6.90 3.14 0.12
N GLY A 52 8.13 3.15 0.65
CA GLY A 52 9.22 3.95 0.11
C GLY A 52 9.48 3.59 -1.36
N ASP A 53 9.63 2.28 -1.64
CA ASP A 53 9.86 1.78 -2.99
C ASP A 53 8.79 2.28 -3.94
N MET A 54 7.52 2.11 -3.57
CA MET A 54 6.37 2.55 -4.35
C MET A 54 6.46 4.05 -4.59
N TYR A 55 6.73 4.83 -3.54
CA TYR A 55 6.88 6.27 -3.64
C TYR A 55 7.92 6.63 -4.70
N GLU A 56 9.09 5.99 -4.62
CA GLU A 56 10.18 6.27 -5.54
C GLU A 56 9.90 5.87 -6.97
N SER A 57 9.31 4.70 -7.10
CA SER A 57 8.92 4.13 -8.37
C SER A 57 7.84 4.96 -9.09
N ALA A 58 6.78 5.33 -8.35
CA ALA A 58 5.61 6.00 -8.89
C ALA A 58 5.90 7.40 -9.40
N ASN A 59 5.47 7.70 -10.62
CA ASN A 59 5.66 9.00 -11.25
C ASN A 59 4.56 9.98 -10.83
N SER A 60 3.58 9.54 -10.05
CA SER A 60 2.43 10.33 -9.67
C SER A 60 1.82 9.78 -8.38
N ARG A 61 1.13 10.62 -7.62
CA ARG A 61 0.40 10.18 -6.44
C ARG A 61 -0.61 9.11 -6.87
N ASP A 62 -1.21 9.31 -8.05
CA ASP A 62 -2.17 8.39 -8.65
C ASP A 62 -1.52 7.01 -8.76
N GLU A 63 -0.41 6.92 -9.52
CA GLU A 63 0.31 5.67 -9.71
C GLU A 63 0.67 5.07 -8.35
N TYR A 64 1.21 5.88 -7.43
CA TYR A 64 1.56 5.44 -6.09
C TYR A 64 0.36 4.75 -5.42
N TYR A 65 -0.78 5.41 -5.36
CA TYR A 65 -2.00 4.85 -4.78
C TYR A 65 -2.38 3.54 -5.49
N HIS A 66 -2.39 3.55 -6.84
CA HIS A 66 -2.72 2.37 -7.62
C HIS A 66 -1.84 1.19 -7.20
N LEU A 67 -0.53 1.40 -7.27
CA LEU A 67 0.45 0.37 -6.95
C LEU A 67 0.30 -0.09 -5.50
N LEU A 68 0.05 0.82 -4.55
CA LEU A 68 -0.15 0.44 -3.16
C LEU A 68 -1.38 -0.46 -3.01
N ALA A 69 -2.55 0.00 -3.49
CA ALA A 69 -3.76 -0.82 -3.38
C ALA A 69 -3.59 -2.13 -4.14
N GLU A 70 -2.91 -2.11 -5.29
CA GLU A 70 -2.59 -3.31 -6.05
C GLU A 70 -1.73 -4.23 -5.19
N LYS A 71 -0.69 -3.70 -4.55
CA LYS A 71 0.20 -4.48 -3.68
C LYS A 71 -0.64 -5.14 -2.59
N ILE A 72 -1.53 -4.38 -1.94
CA ILE A 72 -2.45 -4.92 -0.94
C ILE A 72 -3.25 -6.06 -1.58
N TYR A 73 -3.79 -5.85 -2.78
CA TYR A 73 -4.53 -6.89 -3.49
C TYR A 73 -3.68 -8.15 -3.58
N LYS A 74 -2.44 -8.05 -4.05
CA LYS A 74 -1.58 -9.23 -4.14
C LYS A 74 -1.47 -9.86 -2.77
N ILE A 75 -1.04 -9.07 -1.80
CA ILE A 75 -0.78 -9.56 -0.47
C ILE A 75 -1.99 -10.27 0.15
N GLN A 76 -3.22 -9.91 -0.21
CA GLN A 76 -4.41 -10.56 0.30
C GLN A 76 -4.92 -11.63 -0.66
N LYS A 77 -5.30 -11.23 -1.87
CA LYS A 77 -5.90 -12.11 -2.87
C LYS A 77 -4.90 -13.02 -3.58
N GLU A 78 -3.68 -12.56 -3.90
CA GLU A 78 -2.74 -13.45 -4.57
C GLU A 78 -2.22 -14.46 -3.56
N LEU A 79 -1.86 -13.93 -2.40
CA LEU A 79 -1.24 -14.67 -1.33
C LEU A 79 -2.24 -15.59 -0.60
N GLU A 80 -3.46 -15.13 -0.30
CA GLU A 80 -4.48 -15.95 0.36
C GLU A 80 -5.72 -16.17 -0.51
N GLU A 81 -6.55 -15.14 -0.68
CA GLU A 81 -7.82 -15.28 -1.40
C GLU A 81 -7.61 -15.31 -2.91
N THR B 1 5.56 -2.81 -17.81
CA THR B 1 4.62 -3.62 -18.57
C THR B 1 3.87 -4.59 -17.66
N ASP B 2 4.55 -5.11 -16.64
CA ASP B 2 3.98 -6.03 -15.67
C ASP B 2 2.64 -5.51 -15.15
N SER B 3 2.61 -4.22 -14.80
CA SER B 3 1.43 -3.51 -14.33
C SER B 3 0.20 -3.76 -15.22
N GLN B 4 0.40 -3.84 -16.54
CA GLN B 4 -0.67 -4.10 -17.49
C GLN B 4 -1.20 -5.51 -17.25
N LYS B 5 -0.29 -6.50 -17.23
CA LYS B 5 -0.64 -7.89 -16.98
C LYS B 5 -1.41 -7.99 -15.66
N ARG B 6 -0.86 -7.39 -14.60
CA ARG B 6 -1.49 -7.35 -13.29
C ARG B 6 -2.91 -6.82 -13.41
N ARG B 7 -3.10 -5.57 -13.84
CA ARG B 7 -4.44 -5.01 -13.88
C ARG B 7 -5.38 -5.85 -14.75
N GLU B 8 -4.95 -6.28 -15.94
CA GLU B 8 -5.74 -7.11 -16.84
C GLU B 8 -6.24 -8.37 -16.12
N ILE B 9 -5.34 -9.18 -15.57
CA ILE B 9 -5.72 -10.42 -14.90
C ILE B 9 -6.54 -10.10 -13.65
N LEU B 10 -6.12 -9.13 -12.85
CA LEU B 10 -6.86 -8.78 -11.64
C LEU B 10 -8.26 -8.26 -12.01
N SER B 11 -8.47 -7.70 -13.21
CA SER B 11 -9.83 -7.32 -13.61
C SER B 11 -10.76 -8.54 -13.63
N ARG B 12 -10.21 -9.77 -13.69
CA ARG B 12 -10.99 -10.99 -13.65
C ARG B 12 -11.57 -11.21 -12.24
N ARG B 13 -10.92 -10.66 -11.21
CA ARG B 13 -11.32 -10.69 -9.80
C ARG B 13 -11.09 -9.26 -9.27
N PRO B 14 -11.98 -8.32 -9.60
CA PRO B 14 -11.78 -6.89 -9.35
C PRO B 14 -12.03 -6.42 -7.91
N SEP B 15 -11.72 -7.21 -6.88
CA SEP B 15 -11.92 -6.71 -5.51
CB SEP B 15 -11.77 -7.80 -4.43
OG SEP B 15 -12.60 -8.90 -4.72
C SEP B 15 -11.02 -5.49 -5.22
O SEP B 15 -11.34 -4.71 -4.33
P SEP B 15 -11.98 -10.31 -5.17
O1P SEP B 15 -11.04 -9.90 -6.24
O2P SEP B 15 -13.15 -11.09 -5.63
O3P SEP B 15 -11.34 -10.80 -3.94
H SEP B 15 -11.33 -8.14 -7.01
HA SEP B 15 -12.95 -6.36 -5.44
HB2 SEP B 15 -10.73 -8.09 -4.32
HB3 SEP B 15 -12.09 -7.37 -3.48
N TYR B 16 -9.92 -5.31 -5.97
CA TYR B 16 -9.06 -4.14 -5.79
C TYR B 16 -9.83 -2.82 -5.87
N ARG B 17 -11.01 -2.78 -6.52
CA ARG B 17 -11.82 -1.57 -6.55
C ARG B 17 -12.21 -1.18 -5.12
N LYS B 18 -12.60 -2.17 -4.33
CA LYS B 18 -12.98 -1.97 -2.93
C LYS B 18 -11.74 -1.52 -2.15
N ILE B 19 -10.59 -2.16 -2.41
CA ILE B 19 -9.34 -1.81 -1.76
C ILE B 19 -8.98 -0.36 -2.06
N LEU B 20 -9.07 0.06 -3.32
CA LEU B 20 -8.80 1.42 -3.76
C LEU B 20 -9.74 2.38 -3.05
N ASN B 21 -11.05 2.09 -3.07
CA ASN B 21 -12.03 2.92 -2.38
C ASN B 21 -11.64 3.06 -0.90
N ASP B 22 -11.45 1.93 -0.22
CA ASP B 22 -11.07 1.89 1.19
C ASP B 22 -9.81 2.72 1.43
N LEU B 23 -8.76 2.48 0.64
CA LEU B 23 -7.49 3.18 0.76
C LEU B 23 -7.71 4.69 0.62
N SER B 24 -8.44 5.11 -0.41
CA SER B 24 -8.74 6.51 -0.64
C SER B 24 -9.56 7.11 0.50
N SER B 25 -10.51 6.34 1.03
CA SER B 25 -11.38 6.81 2.10
C SER B 25 -10.66 6.90 3.44
N ASP B 26 -9.79 5.92 3.73
CA ASP B 26 -9.10 5.81 5.01
C ASP B 26 -7.85 6.66 5.03
N ALA B 27 -7.00 6.52 4.01
CA ALA B 27 -5.76 7.26 3.88
C ALA B 27 -6.04 8.60 3.21
N PRO B 28 -5.82 9.74 3.90
CA PRO B 28 -6.06 11.08 3.40
C PRO B 28 -5.73 11.25 1.93
N GLY A 1 12.87 9.04 -7.13
CA GLY A 1 13.84 8.87 -6.06
C GLY A 1 13.82 10.05 -5.10
N VAL A 2 14.03 11.26 -5.63
CA VAL A 2 13.98 12.48 -4.84
C VAL A 2 12.52 12.84 -4.57
N ARG A 3 12.28 14.02 -3.98
CA ARG A 3 10.94 14.52 -3.83
C ARG A 3 10.46 14.96 -5.23
N LYS A 4 10.00 14.02 -6.07
CA LYS A 4 9.57 14.23 -7.45
C LYS A 4 8.30 15.07 -7.59
N GLY A 5 8.28 16.29 -7.04
CA GLY A 5 7.15 17.22 -7.13
C GLY A 5 5.93 16.68 -6.38
N TRP A 6 5.30 15.66 -6.95
CA TRP A 6 4.15 15.01 -6.35
C TRP A 6 4.53 14.51 -4.95
N HIS A 7 5.77 14.05 -4.78
CA HIS A 7 6.28 13.64 -3.49
C HIS A 7 6.21 14.78 -2.49
N GLU A 8 6.78 15.94 -2.84
CA GLU A 8 6.81 17.08 -1.94
C GLU A 8 5.38 17.52 -1.60
N HIS A 9 4.44 17.41 -2.55
CA HIS A 9 3.04 17.68 -2.27
C HIS A 9 2.52 16.63 -1.26
N VAL A 10 2.81 15.35 -1.50
CA VAL A 10 2.39 14.24 -0.66
C VAL A 10 3.32 14.12 0.55
N THR A 11 2.98 14.90 1.57
CA THR A 11 3.67 15.00 2.83
C THR A 11 3.60 13.67 3.63
N GLN A 12 4.63 13.45 4.45
CA GLN A 12 4.84 12.27 5.27
C GLN A 12 3.58 11.72 5.94
N ASP A 13 2.68 12.57 6.42
CA ASP A 13 1.47 12.13 7.10
C ASP A 13 0.66 11.17 6.22
N LEU A 14 0.55 11.50 4.94
CA LEU A 14 -0.20 10.66 4.01
C LEU A 14 0.48 9.32 3.85
N ARG A 15 1.80 9.35 3.65
CA ARG A 15 2.62 8.15 3.52
C ARG A 15 2.42 7.27 4.75
N SER A 16 2.50 7.88 5.94
CA SER A 16 2.30 7.19 7.21
C SER A 16 0.93 6.51 7.22
N HIS A 17 -0.14 7.22 6.83
CA HIS A 17 -1.46 6.60 6.77
C HIS A 17 -1.41 5.37 5.85
N LEU A 18 -0.80 5.51 4.67
CA LEU A 18 -0.71 4.40 3.74
C LEU A 18 0.01 3.22 4.39
N VAL A 19 1.12 3.46 5.10
CA VAL A 19 1.80 2.39 5.84
C VAL A 19 0.82 1.77 6.83
N HIS A 20 0.07 2.59 7.59
CA HIS A 20 -0.89 2.06 8.55
C HIS A 20 -1.88 1.13 7.86
N LYS A 21 -2.57 1.64 6.84
CA LYS A 21 -3.56 0.88 6.08
C LYS A 21 -2.93 -0.41 5.54
N LEU A 22 -1.75 -0.28 4.94
CA LEU A 22 -0.99 -1.39 4.39
C LEU A 22 -0.77 -2.45 5.47
N VAL A 23 -0.24 -2.05 6.64
CA VAL A 23 -0.02 -2.96 7.75
C VAL A 23 -1.35 -3.60 8.17
N GLN A 24 -2.38 -2.79 8.43
CA GLN A 24 -3.71 -3.23 8.83
C GLN A 24 -4.21 -4.34 7.92
N ALA A 25 -4.05 -4.18 6.60
CA ALA A 25 -4.47 -5.18 5.64
C ALA A 25 -3.87 -6.56 5.91
N ILE A 26 -2.64 -6.61 6.45
CA ILE A 26 -1.95 -7.86 6.75
C ILE A 26 -2.31 -8.28 8.19
N PHE A 27 -2.06 -7.39 9.16
CA PHE A 27 -2.32 -7.56 10.58
C PHE A 27 -3.20 -6.39 11.03
N PRO A 28 -4.52 -6.60 11.21
CA PRO A 28 -5.45 -5.58 11.68
C PRO A 28 -4.89 -4.75 12.84
N THR A 29 -4.22 -5.44 13.77
CA THR A 29 -3.52 -4.89 14.94
C THR A 29 -4.51 -4.61 16.09
N PRO A 30 -4.31 -5.25 17.26
CA PRO A 30 -5.17 -5.06 18.41
C PRO A 30 -4.90 -3.73 19.10
N ASP A 31 -3.62 -3.39 19.29
CA ASP A 31 -3.18 -2.17 19.95
C ASP A 31 -1.71 -1.90 19.64
N PRO A 32 -1.22 -0.67 19.83
CA PRO A 32 0.16 -0.29 19.58
C PRO A 32 1.20 -1.24 20.18
N ALA A 33 0.96 -1.77 21.39
CA ALA A 33 1.89 -2.70 22.02
C ALA A 33 2.24 -3.88 21.11
N ALA A 34 1.31 -4.25 20.20
CA ALA A 34 1.55 -5.33 19.27
C ALA A 34 2.83 -5.12 18.47
N LEU A 35 3.15 -3.88 18.06
CA LEU A 35 4.37 -3.66 17.28
C LEU A 35 5.67 -3.90 18.06
N LYS A 36 5.59 -4.16 19.37
CA LYS A 36 6.78 -4.53 20.14
C LYS A 36 7.20 -5.96 19.76
N ASP A 37 6.27 -6.79 19.26
CA ASP A 37 6.61 -8.13 18.81
C ASP A 37 7.49 -8.01 17.57
N ARG A 38 8.57 -8.80 17.53
CA ARG A 38 9.55 -8.76 16.46
C ARG A 38 8.96 -9.08 15.08
N ARG A 39 8.03 -10.03 14.97
CA ARG A 39 7.41 -10.35 13.69
C ARG A 39 6.59 -9.14 13.21
N MET A 40 5.80 -8.57 14.12
CA MET A 40 5.00 -7.40 13.83
C MET A 40 5.92 -6.24 13.41
N GLU A 41 6.97 -5.99 14.20
CA GLU A 41 7.97 -4.99 13.94
C GLU A 41 8.54 -5.18 12.54
N ASN A 42 8.92 -6.42 12.22
CA ASN A 42 9.43 -6.77 10.90
C ASN A 42 8.43 -6.44 9.80
N LEU A 43 7.15 -6.81 9.95
CA LEU A 43 6.17 -6.55 8.89
C LEU A 43 5.90 -5.05 8.77
N VAL A 44 5.90 -4.31 9.89
CA VAL A 44 5.76 -2.87 9.89
C VAL A 44 6.94 -2.25 9.13
N ALA A 45 8.16 -2.69 9.45
CA ALA A 45 9.37 -2.23 8.78
C ALA A 45 9.26 -2.52 7.28
N TYR A 46 8.90 -3.74 6.92
CA TYR A 46 8.71 -4.14 5.53
C TYR A 46 7.69 -3.21 4.85
N ALA A 47 6.55 -2.96 5.50
CA ALA A 47 5.53 -2.07 4.97
C ALA A 47 6.11 -0.69 4.69
N LYS A 48 6.88 -0.14 5.64
CA LYS A 48 7.53 1.15 5.44
C LYS A 48 8.47 1.10 4.24
N LYS A 49 9.34 0.09 4.17
CA LYS A 49 10.27 -0.07 3.06
C LYS A 49 9.51 -0.08 1.74
N VAL A 50 8.54 -1.00 1.62
CA VAL A 50 7.70 -1.12 0.43
C VAL A 50 7.10 0.23 0.07
N GLU A 51 6.37 0.85 1.00
CA GLU A 51 5.73 2.14 0.77
C GLU A 51 6.75 3.15 0.26
N GLY A 52 7.93 3.21 0.90
CA GLY A 52 9.02 4.08 0.48
C GLY A 52 9.40 3.80 -0.97
N ASP A 53 9.66 2.53 -1.31
CA ASP A 53 10.01 2.12 -2.66
C ASP A 53 8.94 2.56 -3.65
N MET A 54 7.67 2.22 -3.37
CA MET A 54 6.55 2.56 -4.22
C MET A 54 6.51 4.07 -4.45
N TYR A 55 6.58 4.85 -3.37
CA TYR A 55 6.61 6.31 -3.42
C TYR A 55 7.74 6.76 -4.33
N GLU A 56 8.98 6.43 -3.97
CA GLU A 56 10.20 6.78 -4.69
C GLU A 56 10.13 6.48 -6.17
N SER A 57 9.54 5.33 -6.51
CA SER A 57 9.46 4.85 -7.88
C SER A 57 8.32 5.51 -8.68
N ALA A 58 7.13 5.61 -8.10
CA ALA A 58 5.97 6.14 -8.80
C ALA A 58 6.15 7.61 -9.22
N ASN A 59 5.67 7.97 -10.42
CA ASN A 59 5.76 9.31 -10.97
C ASN A 59 4.52 10.14 -10.58
N SER A 60 3.53 9.54 -9.92
CA SER A 60 2.34 10.23 -9.45
C SER A 60 1.65 9.33 -8.41
N ARG A 61 0.63 9.88 -7.77
CA ARG A 61 -0.20 9.17 -6.80
C ARG A 61 -0.88 7.97 -7.46
N ASP A 62 -1.16 8.06 -8.76
CA ASP A 62 -1.84 7.03 -9.52
C ASP A 62 -1.12 5.68 -9.37
N GLU A 63 0.09 5.58 -9.93
CA GLU A 63 0.87 4.34 -9.86
C GLU A 63 1.02 3.92 -8.41
N TYR A 64 1.42 4.86 -7.54
CA TYR A 64 1.59 4.60 -6.12
C TYR A 64 0.37 3.86 -5.56
N TYR A 65 -0.83 4.41 -5.74
CA TYR A 65 -2.06 3.78 -5.30
C TYR A 65 -2.24 2.39 -5.91
N HIS A 66 -2.13 2.30 -7.24
CA HIS A 66 -2.30 1.05 -7.95
C HIS A 66 -1.41 -0.03 -7.33
N LEU A 67 -0.12 0.27 -7.26
CA LEU A 67 0.93 -0.60 -6.75
C LEU A 67 0.67 -0.97 -5.29
N LEU A 68 0.32 0.00 -4.43
CA LEU A 68 0.05 -0.30 -3.03
C LEU A 68 -1.15 -1.24 -2.89
N ALA A 69 -2.28 -0.86 -3.47
CA ALA A 69 -3.49 -1.68 -3.38
C ALA A 69 -3.25 -3.03 -4.06
N GLU A 70 -2.49 -3.06 -5.16
CA GLU A 70 -2.11 -4.30 -5.83
C GLU A 70 -1.32 -5.15 -4.83
N LYS A 71 -0.31 -4.59 -4.18
CA LYS A 71 0.49 -5.33 -3.20
C LYS A 71 -0.43 -5.92 -2.13
N ILE A 72 -1.34 -5.10 -1.57
CA ILE A 72 -2.30 -5.56 -0.60
C ILE A 72 -3.09 -6.76 -1.15
N TYR A 73 -3.59 -6.64 -2.39
CA TYR A 73 -4.32 -7.71 -3.04
C TYR A 73 -3.45 -8.97 -3.08
N LYS A 74 -2.25 -8.88 -3.66
CA LYS A 74 -1.32 -9.99 -3.78
C LYS A 74 -1.10 -10.67 -2.44
N ILE A 75 -0.79 -9.89 -1.40
CA ILE A 75 -0.53 -10.44 -0.08
C ILE A 75 -1.67 -11.33 0.42
N GLN A 76 -2.89 -11.14 -0.10
CA GLN A 76 -4.01 -11.99 0.26
C GLN A 76 -4.26 -13.02 -0.85
N LYS A 77 -4.72 -12.53 -1.99
CA LYS A 77 -5.16 -13.31 -3.12
C LYS A 77 -4.08 -14.17 -3.76
N GLU A 78 -2.82 -13.70 -3.76
CA GLU A 78 -1.73 -14.46 -4.36
C GLU A 78 -1.13 -15.39 -3.30
N LEU A 79 -0.79 -14.78 -2.18
CA LEU A 79 -0.11 -15.41 -1.06
C LEU A 79 -0.97 -16.42 -0.32
N GLU A 80 -2.14 -16.01 0.18
CA GLU A 80 -3.03 -16.91 0.91
C GLU A 80 -3.85 -17.72 -0.08
N GLU A 81 -4.42 -17.02 -1.06
CA GLU A 81 -5.27 -17.57 -2.10
C GLU A 81 -6.32 -18.50 -1.51
N THR B 1 6.02 -4.20 -17.22
CA THR B 1 4.82 -4.41 -17.99
C THR B 1 3.77 -5.17 -17.19
N ASP B 2 4.22 -6.11 -16.35
CA ASP B 2 3.37 -6.92 -15.48
C ASP B 2 2.38 -6.04 -14.74
N SER B 3 2.88 -4.95 -14.16
CA SER B 3 2.10 -3.96 -13.45
C SER B 3 0.89 -3.49 -14.26
N GLN B 4 1.05 -3.32 -15.58
CA GLN B 4 -0.02 -2.88 -16.46
C GLN B 4 -1.02 -4.02 -16.66
N LYS B 5 -0.54 -5.24 -16.88
CA LYS B 5 -1.40 -6.40 -17.03
C LYS B 5 -2.28 -6.51 -15.78
N ARG B 6 -1.63 -6.51 -14.62
CA ARG B 6 -2.26 -6.55 -13.31
C ARG B 6 -3.27 -5.42 -13.20
N ARG B 7 -2.84 -4.17 -13.35
CA ARG B 7 -3.72 -3.00 -13.30
C ARG B 7 -4.98 -3.25 -14.12
N GLU B 8 -4.84 -3.75 -15.36
CA GLU B 8 -5.97 -4.03 -16.22
C GLU B 8 -6.84 -5.15 -15.65
N ILE B 9 -6.34 -6.39 -15.64
CA ILE B 9 -7.14 -7.54 -15.24
C ILE B 9 -7.71 -7.41 -13.84
N LEU B 10 -6.91 -6.95 -12.88
CA LEU B 10 -7.34 -6.80 -11.51
C LEU B 10 -8.50 -5.80 -11.39
N SER B 11 -8.63 -4.85 -12.33
CA SER B 11 -9.80 -3.97 -12.30
C SER B 11 -11.07 -4.82 -12.43
N ARG B 12 -10.99 -5.86 -13.26
CA ARG B 12 -12.06 -6.81 -13.51
C ARG B 12 -12.07 -7.90 -12.42
N ARG B 13 -11.94 -7.47 -11.16
CA ARG B 13 -11.95 -8.32 -9.98
C ARG B 13 -12.43 -7.40 -8.85
N PRO B 14 -13.64 -7.63 -8.32
CA PRO B 14 -14.22 -6.70 -7.37
C PRO B 14 -13.44 -6.60 -6.06
N SEP B 15 -12.75 -7.66 -5.61
CA SEP B 15 -11.98 -7.58 -4.38
CB SEP B 15 -11.43 -8.95 -4.01
OG SEP B 15 -10.65 -9.52 -5.06
C SEP B 15 -10.89 -6.50 -4.49
O SEP B 15 -10.80 -5.62 -3.65
P SEP B 15 -11.21 -10.77 -5.94
O1P SEP B 15 -10.02 -11.14 -6.76
O2P SEP B 15 -12.31 -10.14 -6.69
O3P SEP B 15 -11.59 -11.76 -4.92
H SEP B 15 -12.75 -8.52 -6.14
HA SEP B 15 -12.65 -7.28 -3.58
HB2 SEP B 15 -10.79 -8.82 -3.13
HB3 SEP B 15 -12.25 -9.61 -3.72
N TYR B 16 -10.09 -6.56 -5.57
CA TYR B 16 -9.06 -5.55 -5.82
C TYR B 16 -9.71 -4.18 -5.87
N ARG B 17 -10.79 -4.06 -6.64
CA ARG B 17 -11.52 -2.81 -6.79
C ARG B 17 -11.92 -2.25 -5.42
N LYS B 18 -12.48 -3.10 -4.56
CA LYS B 18 -12.86 -2.76 -3.20
C LYS B 18 -11.63 -2.31 -2.42
N ILE B 19 -10.50 -3.01 -2.55
CA ILE B 19 -9.27 -2.60 -1.86
C ILE B 19 -8.88 -1.19 -2.30
N LEU B 20 -8.91 -0.88 -3.61
CA LEU B 20 -8.59 0.46 -4.08
C LEU B 20 -9.57 1.48 -3.49
N ASN B 21 -10.88 1.19 -3.59
CA ASN B 21 -11.91 2.07 -3.05
C ASN B 21 -11.64 2.33 -1.56
N ASP B 22 -11.38 1.27 -0.80
CA ASP B 22 -11.08 1.33 0.61
C ASP B 22 -9.84 2.20 0.84
N LEU B 23 -8.76 1.96 0.08
CA LEU B 23 -7.54 2.76 0.19
C LEU B 23 -7.85 4.23 -0.06
N SER B 24 -8.72 4.53 -1.02
CA SER B 24 -9.12 5.88 -1.35
C SER B 24 -9.94 6.49 -0.21
N SER B 25 -10.89 5.72 0.33
CA SER B 25 -11.79 6.14 1.39
C SER B 25 -11.04 6.34 2.72
N ASP B 26 -10.07 5.48 3.00
CA ASP B 26 -9.30 5.52 4.23
C ASP B 26 -8.43 6.77 4.28
N ALA B 27 -7.88 7.15 3.13
CA ALA B 27 -7.03 8.32 3.02
C ALA B 27 -7.78 9.60 3.43
N PRO B 28 -7.26 10.38 4.39
CA PRO B 28 -7.87 11.62 4.84
C PRO B 28 -8.43 12.48 3.70
N GLY A 1 8.19 19.94 -10.44
CA GLY A 1 9.26 20.78 -9.94
C GLY A 1 10.04 20.03 -8.85
N VAL A 2 9.32 19.52 -7.86
CA VAL A 2 9.91 18.75 -6.78
C VAL A 2 10.21 17.34 -7.27
N ARG A 3 10.67 16.47 -6.36
CA ARG A 3 10.94 15.06 -6.60
C ARG A 3 9.73 14.43 -7.33
N LYS A 4 9.91 14.10 -8.61
CA LYS A 4 8.89 13.51 -9.49
C LYS A 4 7.61 14.36 -9.58
N GLY A 5 7.63 15.61 -9.13
CA GLY A 5 6.46 16.47 -9.10
C GLY A 5 5.47 16.06 -8.00
N TRP A 6 4.98 14.82 -8.04
CA TRP A 6 3.96 14.32 -7.13
C TRP A 6 4.37 14.23 -5.66
N HIS A 7 5.66 14.21 -5.32
CA HIS A 7 6.14 14.11 -3.94
C HIS A 7 5.30 14.94 -2.95
N GLU A 8 5.16 16.24 -3.23
CA GLU A 8 4.43 17.17 -2.37
C GLU A 8 2.96 16.76 -2.16
N HIS A 9 2.38 15.99 -3.07
CA HIS A 9 0.99 15.54 -2.99
C HIS A 9 0.84 14.37 -2.01
N VAL A 10 1.94 13.83 -1.46
CA VAL A 10 1.90 12.75 -0.49
C VAL A 10 2.92 13.07 0.62
N THR A 11 2.41 13.65 1.70
CA THR A 11 3.16 14.05 2.88
C THR A 11 3.44 12.84 3.77
N GLN A 12 4.43 12.97 4.66
CA GLN A 12 4.83 11.90 5.56
C GLN A 12 3.66 11.34 6.36
N ASP A 13 2.70 12.17 6.75
CA ASP A 13 1.53 11.69 7.48
C ASP A 13 0.81 10.61 6.68
N LEU A 14 0.53 10.93 5.42
CA LEU A 14 -0.13 10.02 4.50
C LEU A 14 0.74 8.78 4.31
N ARG A 15 2.05 8.95 4.07
CA ARG A 15 2.96 7.81 3.92
C ARG A 15 2.83 6.87 5.12
N SER A 16 2.98 7.41 6.33
CA SER A 16 2.89 6.65 7.56
C SER A 16 1.54 5.94 7.65
N HIS A 17 0.45 6.63 7.34
CA HIS A 17 -0.86 6.01 7.33
C HIS A 17 -0.86 4.84 6.34
N LEU A 18 -0.33 5.02 5.14
CA LEU A 18 -0.28 3.96 4.15
C LEU A 18 0.55 2.78 4.67
N VAL A 19 1.68 3.05 5.34
CA VAL A 19 2.48 2.01 5.99
C VAL A 19 1.55 1.22 6.93
N HIS A 20 0.78 1.93 7.76
CA HIS A 20 -0.18 1.27 8.64
C HIS A 20 -1.14 0.42 7.82
N LYS A 21 -1.80 1.02 6.83
CA LYS A 21 -2.76 0.36 5.95
C LYS A 21 -2.21 -0.97 5.41
N LEU A 22 -0.97 -0.95 4.89
CA LEU A 22 -0.32 -2.15 4.36
C LEU A 22 -0.32 -3.27 5.42
N VAL A 23 0.12 -2.96 6.63
CA VAL A 23 0.15 -3.95 7.71
C VAL A 23 -1.27 -4.34 8.09
N GLN A 24 -2.07 -3.36 8.49
CA GLN A 24 -3.45 -3.48 8.94
C GLN A 24 -4.28 -4.39 8.03
N ALA A 25 -4.12 -4.23 6.71
CA ALA A 25 -4.82 -5.05 5.72
C ALA A 25 -4.68 -6.55 6.00
N ILE A 26 -3.52 -6.95 6.51
CA ILE A 26 -3.16 -8.33 6.78
C ILE A 26 -3.34 -8.65 8.27
N PHE A 27 -2.75 -7.81 9.13
CA PHE A 27 -2.72 -7.97 10.57
C PHE A 27 -3.13 -6.64 11.21
N PRO A 28 -4.40 -6.48 11.59
CA PRO A 28 -4.92 -5.29 12.25
C PRO A 28 -4.06 -4.91 13.46
N THR A 29 -3.57 -3.67 13.50
CA THR A 29 -2.75 -3.16 14.59
C THR A 29 -3.63 -2.92 15.81
N PRO A 30 -3.39 -3.58 16.96
CA PRO A 30 -4.17 -3.36 18.17
C PRO A 30 -4.24 -1.87 18.54
N ASP A 31 -3.08 -1.21 18.49
CA ASP A 31 -2.92 0.21 18.80
C ASP A 31 -1.52 0.65 18.36
N PRO A 32 -1.24 1.96 18.28
CA PRO A 32 0.05 2.49 17.84
C PRO A 32 1.26 2.00 18.66
N ALA A 33 1.07 1.65 19.94
CA ALA A 33 2.18 1.16 20.74
C ALA A 33 2.45 -0.31 20.38
N ALA A 34 1.38 -1.12 20.30
CA ALA A 34 1.46 -2.54 19.97
C ALA A 34 2.35 -2.79 18.75
N LEU A 35 2.14 -2.01 17.68
CA LEU A 35 2.91 -2.19 16.45
C LEU A 35 4.42 -2.03 16.63
N LYS A 36 4.89 -1.44 17.74
CA LYS A 36 6.31 -1.30 18.03
C LYS A 36 6.92 -2.61 18.55
N ASP A 37 6.10 -3.60 18.90
CA ASP A 37 6.57 -4.90 19.38
C ASP A 37 7.62 -5.48 18.43
N ARG A 38 8.71 -6.04 18.95
CA ARG A 38 9.82 -6.59 18.18
C ARG A 38 9.47 -7.93 17.51
N ARG A 39 8.42 -7.91 16.69
CA ARG A 39 7.89 -9.00 15.88
C ARG A 39 6.86 -8.34 14.96
N MET A 40 5.85 -7.70 15.55
CA MET A 40 4.85 -6.92 14.83
C MET A 40 5.57 -5.88 13.97
N GLU A 41 6.57 -5.21 14.56
CA GLU A 41 7.42 -4.21 13.92
C GLU A 41 8.06 -4.76 12.64
N ASN A 42 8.21 -6.08 12.50
CA ASN A 42 8.77 -6.66 11.28
C ASN A 42 7.83 -6.36 10.11
N LEU A 43 6.51 -6.41 10.36
CA LEU A 43 5.52 -6.12 9.35
C LEU A 43 5.58 -4.64 9.02
N VAL A 44 5.72 -3.80 10.05
CA VAL A 44 5.87 -2.36 9.89
C VAL A 44 7.10 -2.08 9.02
N ALA A 45 8.23 -2.73 9.31
CA ALA A 45 9.46 -2.59 8.54
C ALA A 45 9.21 -2.95 7.08
N TYR A 46 8.63 -4.12 6.83
CA TYR A 46 8.27 -4.55 5.48
C TYR A 46 7.44 -3.47 4.80
N ALA A 47 6.38 -3.00 5.47
CA ALA A 47 5.50 -1.97 4.95
C ALA A 47 6.26 -0.67 4.65
N LYS A 48 7.17 -0.24 5.53
CA LYS A 48 7.98 0.95 5.30
C LYS A 48 8.82 0.77 4.04
N LYS A 49 9.54 -0.35 3.94
CA LYS A 49 10.35 -0.65 2.77
C LYS A 49 9.48 -0.60 1.51
N VAL A 50 8.37 -1.34 1.50
CA VAL A 50 7.43 -1.37 0.39
C VAL A 50 7.02 0.05 0.02
N GLU A 51 6.46 0.80 0.98
CA GLU A 51 6.00 2.16 0.75
C GLU A 51 7.11 3.00 0.12
N GLY A 52 8.30 2.96 0.71
CA GLY A 52 9.46 3.67 0.18
C GLY A 52 9.74 3.27 -1.27
N ASP A 53 9.79 1.97 -1.55
CA ASP A 53 10.04 1.44 -2.89
C ASP A 53 9.00 1.97 -3.87
N MET A 54 7.71 1.82 -3.52
CA MET A 54 6.60 2.29 -4.34
C MET A 54 6.75 3.78 -4.63
N TYR A 55 7.06 4.56 -3.59
CA TYR A 55 7.27 5.99 -3.71
C TYR A 55 8.39 6.23 -4.72
N GLU A 56 9.57 5.65 -4.48
CA GLU A 56 10.70 5.73 -5.40
C GLU A 56 10.55 4.72 -6.54
N SER A 57 9.45 4.82 -7.28
CA SER A 57 9.13 3.98 -8.43
C SER A 57 8.00 4.65 -9.22
N ALA A 58 6.88 4.90 -8.55
CA ALA A 58 5.73 5.54 -9.15
C ALA A 58 6.09 6.97 -9.57
N ASN A 59 5.77 7.36 -10.80
CA ASN A 59 6.01 8.69 -11.33
C ASN A 59 4.81 9.60 -11.10
N SER A 60 3.79 9.17 -10.34
CA SER A 60 2.60 9.94 -10.01
C SER A 60 1.87 9.29 -8.84
N ARG A 61 1.06 10.07 -8.12
CA ARG A 61 0.30 9.60 -6.96
C ARG A 61 -0.64 8.44 -7.34
N ASP A 62 -1.21 8.50 -8.54
CA ASP A 62 -2.11 7.46 -9.05
C ASP A 62 -1.35 6.13 -9.16
N GLU A 63 -0.19 6.13 -9.81
CA GLU A 63 0.67 4.95 -9.94
C GLU A 63 0.88 4.35 -8.56
N TYR A 64 1.38 5.19 -7.65
CA TYR A 64 1.66 4.81 -6.27
C TYR A 64 0.43 4.14 -5.64
N TYR A 65 -0.71 4.82 -5.67
CA TYR A 65 -1.99 4.33 -5.16
C TYR A 65 -2.34 2.95 -5.75
N HIS A 66 -2.34 2.84 -7.08
CA HIS A 66 -2.64 1.61 -7.77
C HIS A 66 -1.73 0.50 -7.25
N LEU A 67 -0.43 0.74 -7.27
CA LEU A 67 0.57 -0.23 -6.86
C LEU A 67 0.41 -0.64 -5.39
N LEU A 68 0.13 0.31 -4.49
CA LEU A 68 -0.07 -0.02 -3.09
C LEU A 68 -1.28 -0.96 -2.93
N ALA A 69 -2.45 -0.53 -3.43
CA ALA A 69 -3.67 -1.32 -3.32
C ALA A 69 -3.50 -2.67 -4.05
N GLU A 70 -2.83 -2.66 -5.20
CA GLU A 70 -2.53 -3.86 -5.95
C GLU A 70 -1.71 -4.80 -5.07
N LYS A 71 -0.67 -4.27 -4.42
CA LYS A 71 0.12 -5.09 -3.50
C LYS A 71 -0.82 -5.67 -2.44
N ILE A 72 -1.61 -4.83 -1.76
CA ILE A 72 -2.57 -5.31 -0.75
C ILE A 72 -3.36 -6.51 -1.29
N TYR A 73 -3.97 -6.36 -2.46
CA TYR A 73 -4.73 -7.44 -3.08
C TYR A 73 -3.85 -8.68 -3.21
N LYS A 74 -2.69 -8.52 -3.85
CA LYS A 74 -1.76 -9.60 -4.12
C LYS A 74 -1.30 -10.30 -2.86
N ILE A 75 -1.00 -9.57 -1.78
CA ILE A 75 -0.57 -10.20 -0.54
C ILE A 75 -1.62 -11.21 -0.06
N GLN A 76 -2.88 -11.03 -0.46
CA GLN A 76 -3.94 -11.95 -0.12
C GLN A 76 -4.18 -12.95 -1.25
N LYS A 77 -4.68 -12.47 -2.40
CA LYS A 77 -5.08 -13.30 -3.52
C LYS A 77 -3.93 -13.88 -4.35
N GLU A 78 -2.78 -13.19 -4.45
CA GLU A 78 -1.66 -13.74 -5.23
C GLU A 78 -0.95 -14.76 -4.35
N LEU A 79 -0.70 -14.36 -3.11
CA LEU A 79 0.03 -15.13 -2.13
C LEU A 79 -0.79 -16.29 -1.56
N GLU A 80 -2.12 -16.14 -1.44
CA GLU A 80 -3.03 -17.15 -0.89
C GLU A 80 -2.61 -17.52 0.53
N GLU A 81 -1.96 -16.61 1.25
CA GLU A 81 -1.42 -16.93 2.55
C GLU A 81 -2.52 -17.38 3.51
N THR B 1 4.96 -3.21 -19.67
CA THR B 1 3.51 -3.22 -19.72
C THR B 1 2.91 -4.18 -18.68
N ASP B 2 3.76 -4.96 -18.00
CA ASP B 2 3.32 -5.91 -16.98
C ASP B 2 2.43 -5.23 -15.95
N SER B 3 2.85 -4.05 -15.48
CA SER B 3 2.08 -3.28 -14.50
C SER B 3 0.69 -2.94 -15.04
N GLN B 4 0.59 -2.57 -16.31
CA GLN B 4 -0.70 -2.28 -16.92
C GLN B 4 -1.55 -3.55 -16.93
N LYS B 5 -0.96 -4.66 -17.38
CA LYS B 5 -1.65 -5.94 -17.42
C LYS B 5 -2.19 -6.28 -16.03
N ARG B 6 -1.29 -6.33 -15.06
CA ARG B 6 -1.59 -6.52 -13.64
C ARG B 6 -2.80 -5.66 -13.25
N ARG B 7 -2.68 -4.33 -13.40
CA ARG B 7 -3.78 -3.43 -13.06
C ARG B 7 -5.09 -3.86 -13.72
N GLU B 8 -5.10 -4.02 -15.05
CA GLU B 8 -6.29 -4.40 -15.79
C GLU B 8 -6.88 -5.72 -15.27
N ILE B 9 -6.11 -6.81 -15.37
CA ILE B 9 -6.55 -8.14 -14.97
C ILE B 9 -7.02 -8.14 -13.51
N LEU B 10 -6.22 -7.64 -12.57
CA LEU B 10 -6.68 -7.62 -11.19
C LEU B 10 -7.92 -6.74 -11.03
N SER B 11 -8.05 -5.62 -11.78
CA SER B 11 -9.29 -4.85 -11.71
C SER B 11 -10.50 -5.72 -12.09
N ARG B 12 -10.33 -6.68 -13.01
CA ARG B 12 -11.41 -7.62 -13.37
C ARG B 12 -11.81 -8.54 -12.21
N ARG B 13 -11.12 -8.45 -11.07
CA ARG B 13 -11.47 -9.08 -9.81
C ARG B 13 -11.78 -7.85 -8.94
N PRO B 14 -13.01 -7.33 -9.00
CA PRO B 14 -13.34 -6.05 -8.39
C PRO B 14 -13.07 -5.91 -6.89
N SEP B 15 -12.71 -6.98 -6.18
CA SEP B 15 -12.24 -6.86 -4.80
CB SEP B 15 -11.96 -8.25 -4.25
OG SEP B 15 -11.51 -9.13 -5.27
C SEP B 15 -11.01 -5.92 -4.80
O SEP B 15 -10.86 -5.11 -3.89
P SEP B 15 -11.40 -10.73 -4.99
O1P SEP B 15 -10.87 -10.78 -3.61
O2P SEP B 15 -10.47 -11.19 -6.04
O3P SEP B 15 -12.80 -11.18 -5.15
H SEP B 15 -12.60 -7.89 -6.59
HA SEP B 15 -13.01 -6.39 -4.20
HB2 SEP B 15 -11.23 -8.20 -3.43
HB3 SEP B 15 -12.90 -8.65 -3.85
N TYR B 16 -10.18 -5.97 -5.84
CA TYR B 16 -9.05 -5.06 -6.06
C TYR B 16 -9.58 -3.62 -6.08
N ARG B 17 -10.59 -3.34 -6.91
CA ARG B 17 -11.20 -2.02 -6.99
C ARG B 17 -11.76 -1.59 -5.63
N LYS B 18 -12.42 -2.50 -4.91
CA LYS B 18 -12.92 -2.20 -3.58
C LYS B 18 -11.74 -1.81 -2.67
N ILE B 19 -10.63 -2.55 -2.74
CA ILE B 19 -9.45 -2.21 -1.96
C ILE B 19 -8.94 -0.82 -2.34
N LEU B 20 -8.85 -0.49 -3.64
CA LEU B 20 -8.44 0.85 -4.06
C LEU B 20 -9.37 1.89 -3.42
N ASN B 21 -10.68 1.73 -3.62
CA ASN B 21 -11.67 2.64 -3.07
C ASN B 21 -11.48 2.82 -1.56
N ASP B 22 -11.41 1.70 -0.84
CA ASP B 22 -11.21 1.67 0.60
C ASP B 22 -9.93 2.43 0.97
N LEU B 23 -8.82 2.14 0.28
CA LEU B 23 -7.55 2.82 0.52
C LEU B 23 -7.75 4.32 0.42
N SER B 24 -8.28 4.81 -0.71
CA SER B 24 -8.53 6.24 -0.88
C SER B 24 -9.45 6.80 0.20
N SER B 25 -10.48 6.03 0.58
CA SER B 25 -11.44 6.47 1.60
C SER B 25 -10.81 6.54 2.98
N ASP B 26 -9.89 5.62 3.28
CA ASP B 26 -9.24 5.51 4.58
C ASP B 26 -8.10 6.53 4.70
N ALA B 27 -7.37 6.71 3.60
CA ALA B 27 -6.24 7.61 3.51
C ALA B 27 -6.64 9.05 3.86
N PRO B 28 -5.97 9.71 4.81
CA PRO B 28 -6.27 11.08 5.18
C PRO B 28 -5.93 12.02 4.02
N GLY A 1 8.04 18.69 -9.02
CA GLY A 1 9.30 19.34 -9.31
C GLY A 1 10.39 18.88 -8.34
N VAL A 2 10.40 17.59 -8.04
CA VAL A 2 11.32 16.92 -7.13
C VAL A 2 11.59 15.51 -7.70
N ARG A 3 11.83 14.51 -6.86
CA ARG A 3 12.06 13.12 -7.26
C ARG A 3 11.05 12.67 -8.32
N LYS A 4 9.75 12.91 -8.06
CA LYS A 4 8.63 12.68 -8.96
C LYS A 4 7.62 13.79 -8.64
N GLY A 5 6.93 14.30 -9.67
CA GLY A 5 5.94 15.36 -9.54
C GLY A 5 4.65 14.86 -8.87
N TRP A 6 4.80 14.42 -7.62
CA TRP A 6 3.77 13.92 -6.73
C TRP A 6 4.29 13.68 -5.31
N HIS A 7 5.60 13.47 -5.14
CA HIS A 7 6.22 13.30 -3.82
C HIS A 7 5.75 14.39 -2.85
N GLU A 8 5.71 15.63 -3.34
CA GLU A 8 5.28 16.79 -2.58
C GLU A 8 3.79 16.75 -2.24
N HIS A 9 2.98 16.06 -3.05
CA HIS A 9 1.55 15.94 -2.79
C HIS A 9 1.34 14.94 -1.65
N VAL A 10 1.99 13.78 -1.77
CA VAL A 10 1.85 12.72 -0.77
C VAL A 10 2.86 12.97 0.36
N THR A 11 2.40 13.71 1.36
CA THR A 11 3.16 14.12 2.53
C THR A 11 3.26 13.01 3.59
N GLN A 12 4.22 13.19 4.51
CA GLN A 12 4.56 12.27 5.58
C GLN A 12 3.35 11.64 6.29
N ASP A 13 2.33 12.42 6.61
CA ASP A 13 1.13 11.92 7.28
C ASP A 13 0.45 10.84 6.42
N LEU A 14 0.27 11.14 5.14
CA LEU A 14 -0.35 10.22 4.20
C LEU A 14 0.54 8.98 4.06
N ARG A 15 1.86 9.18 3.94
CA ARG A 15 2.81 8.06 3.89
C ARG A 15 2.60 7.15 5.09
N SER A 16 2.64 7.73 6.29
CA SER A 16 2.47 7.02 7.54
C SER A 16 1.17 6.22 7.52
N HIS A 17 0.06 6.85 7.13
CA HIS A 17 -1.20 6.14 7.05
C HIS A 17 -1.11 5.01 6.03
N LEU A 18 -0.54 5.23 4.85
CA LEU A 18 -0.44 4.17 3.84
C LEU A 18 0.36 3.00 4.41
N VAL A 19 1.47 3.27 5.11
CA VAL A 19 2.22 2.23 5.81
C VAL A 19 1.25 1.51 6.75
N HIS A 20 0.48 2.27 7.54
CA HIS A 20 -0.51 1.72 8.45
C HIS A 20 -1.47 0.80 7.70
N LYS A 21 -1.96 1.22 6.54
CA LYS A 21 -2.88 0.46 5.72
C LYS A 21 -2.24 -0.85 5.26
N LEU A 22 -0.98 -0.80 4.80
CA LEU A 22 -0.26 -2.00 4.43
C LEU A 22 -0.23 -2.93 5.66
N VAL A 23 0.19 -2.39 6.81
CA VAL A 23 0.25 -3.13 8.06
C VAL A 23 -1.12 -3.76 8.38
N GLN A 24 -2.21 -2.99 8.30
CA GLN A 24 -3.57 -3.48 8.54
C GLN A 24 -3.86 -4.69 7.66
N ALA A 25 -3.55 -4.59 6.35
CA ALA A 25 -3.79 -5.68 5.42
C ALA A 25 -2.92 -6.90 5.75
N ILE A 26 -1.63 -6.66 6.05
CA ILE A 26 -0.69 -7.71 6.40
C ILE A 26 -1.10 -8.42 7.69
N PHE A 27 -1.57 -7.65 8.68
CA PHE A 27 -1.91 -8.14 10.00
C PHE A 27 -3.09 -7.34 10.57
N PRO A 28 -4.21 -7.99 10.93
CA PRO A 28 -5.37 -7.32 11.50
C PRO A 28 -5.03 -6.81 12.91
N THR A 29 -4.28 -5.71 12.94
CA THR A 29 -3.78 -5.10 14.16
C THR A 29 -4.96 -4.54 14.98
N PRO A 30 -5.04 -4.89 16.28
CA PRO A 30 -6.13 -4.48 17.14
C PRO A 30 -6.07 -2.99 17.49
N ASP A 31 -4.87 -2.49 17.81
CA ASP A 31 -4.64 -1.11 18.20
C ASP A 31 -3.18 -0.76 17.89
N PRO A 32 -2.88 0.46 17.41
CA PRO A 32 -1.54 0.91 17.11
C PRO A 32 -0.47 0.54 18.14
N ALA A 33 -0.81 0.56 19.44
CA ALA A 33 0.12 0.18 20.50
C ALA A 33 0.75 -1.20 20.26
N ALA A 34 0.01 -2.13 19.62
CA ALA A 34 0.54 -3.44 19.30
C ALA A 34 1.82 -3.30 18.47
N LEU A 35 1.88 -2.29 17.59
CA LEU A 35 3.03 -2.03 16.74
C LEU A 35 4.31 -1.76 17.54
N LYS A 36 4.20 -1.39 18.82
CA LYS A 36 5.36 -1.19 19.66
C LYS A 36 6.07 -2.52 19.93
N ASP A 37 5.36 -3.65 19.83
CA ASP A 37 5.97 -4.96 20.03
C ASP A 37 6.95 -5.22 18.89
N ARG A 38 8.21 -5.55 19.19
CA ARG A 38 9.23 -5.78 18.17
C ARG A 38 8.80 -6.76 17.08
N ARG A 39 8.00 -7.77 17.43
CA ARG A 39 7.48 -8.72 16.44
C ARG A 39 6.68 -7.98 15.37
N MET A 40 5.87 -7.01 15.80
CA MET A 40 5.09 -6.18 14.88
C MET A 40 6.04 -5.21 14.19
N GLU A 41 6.93 -4.56 14.96
CA GLU A 41 7.92 -3.62 14.44
C GLU A 41 8.59 -4.19 13.19
N ASN A 42 8.94 -5.47 13.22
CA ASN A 42 9.54 -6.15 12.08
C ASN A 42 8.62 -6.09 10.84
N LEU A 43 7.32 -6.35 10.99
CA LEU A 43 6.40 -6.31 9.85
C LEU A 43 6.12 -4.87 9.44
N VAL A 44 6.15 -3.93 10.41
CA VAL A 44 6.01 -2.51 10.13
C VAL A 44 7.21 -2.07 9.27
N ALA A 45 8.42 -2.51 9.64
CA ALA A 45 9.64 -2.22 8.88
C ALA A 45 9.48 -2.73 7.45
N TYR A 46 9.04 -3.99 7.29
CA TYR A 46 8.78 -4.54 5.97
C TYR A 46 7.79 -3.65 5.21
N ALA A 47 6.68 -3.29 5.86
CA ALA A 47 5.67 -2.42 5.26
C ALA A 47 6.30 -1.10 4.80
N LYS A 48 7.15 -0.49 5.62
CA LYS A 48 7.85 0.74 5.24
C LYS A 48 8.75 0.49 4.02
N LYS A 49 9.48 -0.63 4.02
CA LYS A 49 10.34 -0.99 2.89
C LYS A 49 9.50 -1.05 1.61
N VAL A 50 8.39 -1.80 1.66
CA VAL A 50 7.45 -1.91 0.55
C VAL A 50 7.00 -0.51 0.13
N GLU A 51 6.48 0.27 1.08
CA GLU A 51 6.01 1.63 0.85
C GLU A 51 7.06 2.41 0.06
N GLY A 52 8.29 2.43 0.56
CA GLY A 52 9.41 3.13 -0.08
C GLY A 52 9.59 2.65 -1.52
N ASP A 53 9.71 1.34 -1.71
CA ASP A 53 9.87 0.75 -3.04
C ASP A 53 8.77 1.24 -3.98
N MET A 54 7.51 1.09 -3.56
CA MET A 54 6.36 1.51 -4.33
C MET A 54 6.48 3.00 -4.67
N TYR A 55 6.74 3.82 -3.66
CA TYR A 55 6.87 5.27 -3.78
C TYR A 55 7.90 5.64 -4.86
N GLU A 56 9.10 5.04 -4.80
CA GLU A 56 10.14 5.36 -5.76
C GLU A 56 9.84 4.83 -7.15
N SER A 57 9.34 3.61 -7.22
CA SER A 57 9.04 2.96 -8.49
C SER A 57 7.89 3.63 -9.24
N ALA A 58 6.83 3.98 -8.52
CA ALA A 58 5.62 4.54 -9.10
C ALA A 58 5.78 6.02 -9.46
N ASN A 59 6.19 6.32 -10.68
CA ASN A 59 6.32 7.70 -11.14
C ASN A 59 4.93 8.27 -11.52
N SER A 60 3.97 8.20 -10.59
CA SER A 60 2.60 8.67 -10.69
C SER A 60 1.86 8.27 -9.41
N ARG A 61 1.16 9.22 -8.78
CA ARG A 61 0.40 8.96 -7.56
C ARG A 61 -0.66 7.89 -7.78
N ASP A 62 -1.30 7.92 -8.96
CA ASP A 62 -2.32 6.95 -9.34
C ASP A 62 -1.68 5.55 -9.32
N GLU A 63 -0.59 5.39 -10.08
CA GLU A 63 0.16 4.15 -10.15
C GLU A 63 0.54 3.69 -8.74
N TYR A 64 1.09 4.59 -7.93
CA TYR A 64 1.47 4.31 -6.56
C TYR A 64 0.29 3.67 -5.82
N TYR A 65 -0.88 4.32 -5.85
CA TYR A 65 -2.09 3.76 -5.25
C TYR A 65 -2.40 2.38 -5.82
N HIS A 66 -2.41 2.25 -7.16
CA HIS A 66 -2.71 1.00 -7.84
C HIS A 66 -1.81 -0.13 -7.32
N LEU A 67 -0.51 0.14 -7.21
CA LEU A 67 0.48 -0.83 -6.79
C LEU A 67 0.35 -1.13 -5.30
N LEU A 68 0.09 -0.14 -4.45
CA LEU A 68 -0.13 -0.40 -3.03
C LEU A 68 -1.35 -1.31 -2.88
N ALA A 69 -2.47 -0.93 -3.50
CA ALA A 69 -3.68 -1.73 -3.45
C ALA A 69 -3.42 -3.11 -4.06
N GLU A 70 -2.60 -3.19 -5.12
CA GLU A 70 -2.22 -4.47 -5.70
C GLU A 70 -1.52 -5.31 -4.65
N LYS A 71 -0.52 -4.75 -3.97
CA LYS A 71 0.22 -5.45 -2.93
C LYS A 71 -0.77 -6.01 -1.90
N ILE A 72 -1.68 -5.16 -1.42
CA ILE A 72 -2.73 -5.56 -0.48
C ILE A 72 -3.51 -6.76 -1.04
N TYR A 73 -4.01 -6.63 -2.29
CA TYR A 73 -4.74 -7.68 -2.96
C TYR A 73 -3.93 -8.97 -2.92
N LYS A 74 -2.69 -8.95 -3.44
CA LYS A 74 -1.79 -10.09 -3.46
C LYS A 74 -1.68 -10.73 -2.09
N ILE A 75 -1.42 -9.93 -1.06
CA ILE A 75 -1.23 -10.45 0.28
C ILE A 75 -2.42 -11.26 0.79
N GLN A 76 -3.59 -11.17 0.17
CA GLN A 76 -4.74 -11.97 0.56
C GLN A 76 -5.09 -12.95 -0.55
N LYS A 77 -5.42 -12.40 -1.71
CA LYS A 77 -5.87 -13.09 -2.89
C LYS A 77 -4.81 -14.06 -3.43
N GLU A 78 -3.53 -13.67 -3.42
CA GLU A 78 -2.45 -14.52 -3.91
C GLU A 78 -1.98 -15.43 -2.79
N LEU A 79 -1.57 -14.79 -1.71
CA LEU A 79 -0.96 -15.42 -0.55
C LEU A 79 -1.89 -16.42 0.16
N GLU A 80 -3.13 -16.03 0.45
CA GLU A 80 -4.07 -16.91 1.15
C GLU A 80 -4.94 -17.66 0.16
N GLU A 81 -5.65 -16.92 -0.71
CA GLU A 81 -6.56 -17.51 -1.67
C GLU A 81 -5.83 -17.94 -2.94
N THR B 1 3.74 -0.71 -18.74
CA THR B 1 3.79 -2.02 -19.35
C THR B 1 3.18 -3.05 -18.40
N ASP B 2 4.00 -3.65 -17.51
CA ASP B 2 3.50 -4.59 -16.52
C ASP B 2 2.47 -3.87 -15.64
N SER B 3 2.75 -2.61 -15.31
CA SER B 3 1.87 -1.71 -14.60
C SER B 3 0.48 -1.74 -15.24
N GLN B 4 0.44 -1.43 -16.54
CA GLN B 4 -0.78 -1.40 -17.32
C GLN B 4 -1.47 -2.77 -17.30
N LYS B 5 -0.72 -3.86 -17.49
CA LYS B 5 -1.29 -5.20 -17.48
C LYS B 5 -1.96 -5.49 -16.13
N ARG B 6 -1.21 -5.33 -15.03
CA ARG B 6 -1.67 -5.49 -13.67
C ARG B 6 -2.96 -4.70 -13.48
N ARG B 7 -2.91 -3.40 -13.74
CA ARG B 7 -4.06 -2.52 -13.60
C ARG B 7 -5.26 -3.07 -14.41
N GLU B 8 -5.08 -3.27 -15.71
CA GLU B 8 -6.13 -3.73 -16.61
C GLU B 8 -6.77 -5.02 -16.11
N ILE B 9 -5.98 -6.07 -15.92
CA ILE B 9 -6.48 -7.37 -15.48
C ILE B 9 -7.12 -7.24 -14.11
N LEU B 10 -6.44 -6.61 -13.15
CA LEU B 10 -7.00 -6.49 -11.81
C LEU B 10 -8.26 -5.61 -11.81
N SER B 11 -8.41 -4.67 -12.75
CA SER B 11 -9.67 -3.94 -12.87
C SER B 11 -10.82 -4.90 -13.21
N ARG B 12 -10.52 -6.07 -13.80
CA ARG B 12 -11.50 -7.11 -14.09
C ARG B 12 -11.69 -8.05 -12.88
N ARG B 13 -11.07 -7.72 -11.74
CA ARG B 13 -11.16 -8.41 -10.46
C ARG B 13 -11.66 -7.31 -9.51
N PRO B 14 -12.98 -7.02 -9.51
CA PRO B 14 -13.53 -5.89 -8.77
C PRO B 14 -13.14 -5.84 -7.29
N SEP B 15 -12.78 -6.96 -6.67
CA SEP B 15 -12.26 -6.97 -5.31
CB SEP B 15 -11.93 -8.41 -4.90
OG SEP B 15 -11.29 -9.13 -5.95
C SEP B 15 -11.05 -6.02 -5.19
O SEP B 15 -10.93 -5.28 -4.22
P SEP B 15 -12.04 -10.29 -6.79
O1P SEP B 15 -10.93 -11.02 -7.45
O2P SEP B 15 -12.89 -9.50 -7.70
O3P SEP B 15 -12.76 -11.06 -5.75
H SEP B 15 -12.79 -7.83 -7.19
HA SEP B 15 -13.02 -6.60 -4.64
HB2 SEP B 15 -11.26 -8.38 -4.04
HB3 SEP B 15 -12.85 -8.91 -4.60
N TYR B 16 -10.17 -5.99 -6.20
CA TYR B 16 -9.02 -5.08 -6.24
C TYR B 16 -9.55 -3.63 -6.23
N ARG B 17 -10.54 -3.34 -7.07
CA ARG B 17 -11.16 -2.01 -7.12
C ARG B 17 -11.74 -1.65 -5.75
N LYS B 18 -12.42 -2.58 -5.09
CA LYS B 18 -12.94 -2.36 -3.75
C LYS B 18 -11.77 -2.05 -2.81
N ILE B 19 -10.64 -2.75 -2.94
CA ILE B 19 -9.45 -2.46 -2.16
C ILE B 19 -8.98 -1.04 -2.47
N LEU B 20 -8.93 -0.60 -3.74
CA LEU B 20 -8.55 0.79 -4.04
C LEU B 20 -9.51 1.76 -3.35
N ASN B 21 -10.82 1.50 -3.45
CA ASN B 21 -11.82 2.35 -2.81
C ASN B 21 -11.52 2.44 -1.32
N ASP B 22 -11.36 1.28 -0.66
CA ASP B 22 -11.04 1.21 0.75
C ASP B 22 -9.75 1.96 1.07
N LEU B 23 -8.72 1.79 0.23
CA LEU B 23 -7.43 2.47 0.38
C LEU B 23 -7.67 3.97 0.38
N SER B 24 -8.44 4.46 -0.60
CA SER B 24 -8.80 5.87 -0.74
C SER B 24 -9.65 6.35 0.43
N SER B 25 -10.53 5.48 0.95
CA SER B 25 -11.40 5.82 2.05
C SER B 25 -10.62 5.94 3.36
N ASP B 26 -9.68 5.02 3.58
CA ASP B 26 -8.89 4.98 4.80
C ASP B 26 -7.77 6.02 4.73
N ALA B 27 -6.96 5.93 3.67
CA ALA B 27 -5.87 6.84 3.40
C ALA B 27 -6.33 7.91 2.40
N PRO B 28 -6.38 9.19 2.78
CA PRO B 28 -6.82 10.25 1.90
C PRO B 28 -5.82 10.43 0.77
#